data_4G1B
#
_entry.id   4G1B
#
_cell.length_a   103.910
_cell.length_b   93.830
_cell.length_c   111.020
_cell.angle_alpha   90.00
_cell.angle_beta   108.22
_cell.angle_gamma   90.00
#
_symmetry.space_group_name_H-M   'P 1 21 1'
#
loop_
_entity.id
_entity.type
_entity.pdbx_description
1 polymer Flavohemoglobin
2 non-polymer 'PROTOPORPHYRIN IX CONTAINING FE'
3 non-polymer 'FLAVIN-ADENINE DINUCLEOTIDE'
4 non-polymer 1-[(2S)-2-[(4-CHLOROBENZYL)OXY]-2-(2,4-DICHLOROPHENYL)ETHYL]-1H-IMIDAZOLE
5 water water
#
_entity_poly.entity_id   1
_entity_poly.type   'polypeptide(L)'
_entity_poly.pdbx_seq_one_letter_code
;MLAEKTRSIIKATVPVLEQQGTVITRTFYKNMLTEHTELLNIFNRTNQKVGAQPNALATTVLAAAKNIDDLSVLMDHVKQ
IGHKHRALQIKPEHYPIVGEYLLKAIKEVLGDAATPEIINAWGEAYQAIADIFITVEKKMYEEALWPGWKPFEITAKEYV
ASDIVEFTVKPKFGSGIELESLPITPGQYITVNTHPIRQENQYDALRHYSLCSASTKNGLRFAVKMEAARENFPAGLVSE
YLHKDAKVGDEIKLSAPAGDFAINKELIHQNEVPLVLLSSGVGVTPLLAMLEEQVKCNPNRPIYWIQSSYDEKTQAFKKH
VDELLAECANVDKIIVHTDTEPLINAAFLKEKSPAHADVYTCGSLAFMQAMIGHLKELEHRDDMIHYEPFGPKMSTVQV
;
_entity_poly.pdbx_strand_id   A,B,C,D
#
loop_
_chem_comp.id
_chem_comp.type
_chem_comp.name
_chem_comp.formula
ECN non-polymer 1-[(2S)-2-[(4-CHLOROBENZYL)OXY]-2-(2,4-DICHLOROPHENYL)ETHYL]-1H-IMIDAZOLE 'C18 H15 Cl3 N2 O'
FAD non-polymer 'FLAVIN-ADENINE DINUCLEOTIDE' 'C27 H33 N9 O15 P2'
HEM non-polymer 'PROTOPORPHYRIN IX CONTAINING FE' 'C34 H32 Fe N4 O4'
#
# COMPACT_ATOMS: atom_id res chain seq x y z
N MET A 1 51.11 -10.20 30.00
CA MET A 1 50.62 -11.62 30.16
C MET A 1 51.70 -12.71 29.90
N LEU A 2 52.08 -12.95 28.63
CA LEU A 2 53.14 -13.95 28.28
C LEU A 2 54.55 -13.44 28.72
N ALA A 3 55.44 -14.31 29.24
CA ALA A 3 56.79 -13.91 29.81
C ALA A 3 57.86 -13.60 28.75
N GLU A 4 58.89 -12.81 29.06
CA GLU A 4 59.91 -12.57 28.00
C GLU A 4 60.73 -13.81 27.62
N LYS A 5 61.08 -14.73 28.57
CA LYS A 5 61.80 -16.00 28.19
C LYS A 5 60.94 -16.65 27.14
N THR A 6 59.72 -17.02 27.53
CA THR A 6 58.76 -17.68 26.64
C THR A 6 58.25 -16.78 25.50
N ARG A 7 58.49 -15.47 25.61
CA ARG A 7 58.14 -14.53 24.53
C ARG A 7 59.26 -14.39 23.50
N SER A 8 60.51 -14.52 23.97
CA SER A 8 61.68 -14.56 23.13
C SER A 8 61.60 -15.79 22.22
N ILE A 9 61.46 -16.98 22.81
CA ILE A 9 61.29 -18.25 22.06
C ILE A 9 60.30 -18.06 20.93
N ILE A 10 59.13 -17.50 21.24
CA ILE A 10 58.11 -17.26 20.22
C ILE A 10 58.63 -16.41 19.04
N LYS A 11 59.19 -15.24 19.34
CA LYS A 11 59.73 -14.41 18.29
C LYS A 11 60.80 -15.18 17.48
N ALA A 12 61.72 -15.85 18.18
CA ALA A 12 62.86 -16.54 17.55
C ALA A 12 62.46 -17.71 16.63
N THR A 13 61.28 -18.27 16.85
CA THR A 13 60.85 -19.47 16.14
C THR A 13 59.74 -19.21 15.14
N VAL A 14 59.49 -17.93 14.89
CA VAL A 14 58.52 -17.55 13.85
C VAL A 14 59.06 -17.80 12.43
N PRO A 15 60.34 -17.55 12.20
CA PRO A 15 60.95 -17.87 10.90
C PRO A 15 60.82 -19.34 10.46
N VAL A 16 60.92 -20.27 11.40
CA VAL A 16 60.75 -21.70 11.09
C VAL A 16 59.29 -22.01 10.77
N LEU A 17 58.36 -21.56 11.63
CA LEU A 17 56.92 -21.82 11.46
C LEU A 17 56.36 -21.09 10.24
N GLU A 18 56.93 -19.95 9.92
CA GLU A 18 56.52 -19.22 8.72
C GLU A 18 56.94 -19.99 7.46
N GLN A 19 58.15 -20.53 7.49
CA GLN A 19 58.69 -21.30 6.36
C GLN A 19 58.04 -22.70 6.24
N GLN A 20 57.62 -23.26 7.37
CA GLN A 20 57.05 -24.61 7.40
C GLN A 20 55.53 -24.57 7.56
N GLY A 21 54.94 -23.39 7.32
CA GLY A 21 53.51 -23.16 7.54
C GLY A 21 52.58 -24.20 6.96
N THR A 22 52.49 -24.26 5.63
CA THR A 22 51.65 -25.20 4.91
C THR A 22 51.73 -26.64 5.43
N VAL A 23 52.95 -27.15 5.61
CA VAL A 23 53.14 -28.52 6.14
C VAL A 23 52.51 -28.68 7.55
N ILE A 24 52.78 -27.75 8.46
CA ILE A 24 52.26 -27.88 9.78
C ILE A 24 50.74 -27.87 9.74
N THR A 25 50.18 -26.88 9.07
CA THR A 25 48.72 -26.73 9.08
C THR A 25 48.04 -27.93 8.41
N ARG A 26 48.64 -28.46 7.36
CA ARG A 26 48.16 -29.70 6.76
C ARG A 26 48.17 -30.85 7.76
N THR A 27 49.26 -30.96 8.51
CA THR A 27 49.42 -31.98 9.55
C THR A 27 48.38 -31.78 10.64
N PHE A 28 48.25 -30.55 11.13
CA PHE A 28 47.20 -30.18 12.08
C PHE A 28 45.79 -30.70 11.67
N TYR A 29 45.35 -30.43 10.45
CA TYR A 29 43.97 -30.77 10.09
C TYR A 29 43.81 -32.26 9.88
N LYS A 30 44.76 -32.87 9.16
CA LYS A 30 44.81 -34.33 8.96
C LYS A 30 44.62 -35.08 10.29
N ASN A 31 45.44 -34.74 11.29
CA ASN A 31 45.41 -35.41 12.56
C ASN A 31 44.15 -35.13 13.34
N MET A 32 43.98 -33.86 13.74
CA MET A 32 42.80 -33.40 14.49
C MET A 32 41.45 -33.90 13.94
N LEU A 33 41.23 -33.71 12.64
CA LEU A 33 39.98 -34.12 11.99
C LEU A 33 39.77 -35.62 11.81
N THR A 34 40.83 -36.42 11.71
CA THR A 34 40.61 -37.86 11.67
C THR A 34 40.64 -38.50 13.05
N GLU A 35 41.15 -37.80 14.06
CA GLU A 35 40.89 -38.21 15.43
C GLU A 35 39.49 -37.80 15.90
N HIS A 36 39.24 -36.49 16.00
CA HIS A 36 37.91 -36.01 16.38
C HIS A 36 36.99 -35.77 15.19
N THR A 37 36.34 -36.81 14.68
CA THR A 37 35.62 -36.69 13.43
C THR A 37 34.36 -35.81 13.57
N GLU A 38 33.84 -35.70 14.79
CA GLU A 38 32.64 -34.89 15.02
C GLU A 38 32.88 -33.40 14.66
N LEU A 39 34.16 -33.00 14.71
CA LEU A 39 34.58 -31.64 14.39
C LEU A 39 34.27 -31.31 12.90
N LEU A 40 34.04 -32.32 12.09
CA LEU A 40 33.67 -32.08 10.74
C LEU A 40 32.27 -31.51 10.68
N ASN A 41 31.65 -31.31 11.85
CA ASN A 41 30.30 -30.69 11.89
C ASN A 41 30.49 -29.21 12.11
N ILE A 42 31.73 -28.81 12.26
CA ILE A 42 32.05 -27.43 12.44
C ILE A 42 32.94 -26.92 11.29
N PHE A 43 34.06 -27.58 11.03
CA PHE A 43 35.01 -27.10 10.05
C PHE A 43 34.49 -27.47 8.72
N ASN A 44 34.73 -26.58 7.74
CA ASN A 44 34.35 -26.77 6.34
C ASN A 44 35.59 -27.27 5.62
N ARG A 45 35.57 -28.53 5.18
CA ARG A 45 36.79 -29.12 4.70
C ARG A 45 37.32 -28.37 3.46
N THR A 46 36.41 -27.70 2.75
CA THR A 46 36.71 -27.06 1.45
C THR A 46 37.54 -25.79 1.63
N ASN A 47 37.40 -25.12 2.77
CA ASN A 47 38.23 -23.95 3.11
C ASN A 47 39.74 -24.16 2.94
N GLN A 48 40.23 -25.35 3.35
CA GLN A 48 41.64 -25.76 3.26
C GLN A 48 42.18 -25.85 1.82
N LYS A 49 41.28 -26.16 0.89
CA LYS A 49 41.69 -26.52 -0.46
C LYS A 49 41.32 -25.46 -1.51
N VAL A 50 40.77 -24.34 -1.05
CA VAL A 50 40.30 -23.29 -1.96
C VAL A 50 40.76 -21.90 -1.58
N GLY A 51 40.07 -21.30 -0.62
CA GLY A 51 40.21 -19.89 -0.36
C GLY A 51 41.47 -19.55 0.39
N ALA A 52 41.28 -18.68 1.37
CA ALA A 52 42.33 -18.37 2.29
C ALA A 52 42.22 -19.23 3.55
N GLN A 53 42.69 -20.47 3.43
CA GLN A 53 42.82 -21.40 4.55
C GLN A 53 43.93 -22.47 4.39
N PRO A 54 44.76 -22.38 3.33
CA PRO A 54 45.97 -23.21 3.27
C PRO A 54 47.14 -22.64 4.09
N ASN A 55 47.18 -21.32 4.22
CA ASN A 55 48.18 -20.64 5.03
C ASN A 55 47.56 -20.10 6.31
N ALA A 56 46.29 -20.47 6.57
CA ALA A 56 45.51 -19.94 7.70
C ALA A 56 46.24 -20.17 9.00
N LEU A 57 46.69 -21.40 9.22
CA LEU A 57 47.63 -21.57 10.32
C LEU A 57 48.66 -20.46 10.21
N ALA A 58 49.38 -20.43 9.09
CA ALA A 58 50.42 -19.44 8.85
C ALA A 58 49.88 -18.00 8.72
N THR A 59 48.58 -17.84 8.55
CA THR A 59 47.97 -16.51 8.64
C THR A 59 47.79 -16.16 10.12
N THR A 60 47.09 -17.03 10.84
CA THR A 60 46.79 -16.80 12.25
C THR A 60 47.97 -17.07 13.22
N VAL A 61 48.94 -17.86 12.80
CA VAL A 61 50.15 -18.12 13.60
C VAL A 61 51.22 -17.06 13.32
N LEU A 62 51.47 -16.76 12.05
CA LEU A 62 52.38 -15.69 11.67
C LEU A 62 51.90 -14.34 12.22
N ALA A 63 50.59 -14.09 12.18
CA ALA A 63 50.02 -12.85 12.76
C ALA A 63 50.34 -12.76 14.25
N ALA A 64 49.93 -13.81 14.98
CA ALA A 64 50.23 -13.93 16.40
C ALA A 64 51.72 -13.82 16.66
N ALA A 65 52.47 -14.79 16.17
CA ALA A 65 53.91 -14.80 16.37
C ALA A 65 54.58 -13.48 16.02
N LYS A 66 54.13 -12.81 14.97
CA LYS A 66 54.76 -11.57 14.58
C LYS A 66 54.33 -10.46 15.52
N ASN A 67 53.10 -10.55 16.02
CA ASN A 67 52.58 -9.55 16.93
C ASN A 67 52.59 -10.01 18.37
N ILE A 68 53.51 -10.92 18.68
CA ILE A 68 53.53 -11.50 20.02
C ILE A 68 53.95 -10.49 21.08
N ASP A 69 54.82 -9.56 20.67
CA ASP A 69 55.19 -8.43 21.50
C ASP A 69 53.98 -7.67 22.01
N ASP A 70 53.06 -7.30 21.13
CA ASP A 70 51.85 -6.62 21.57
C ASP A 70 50.61 -7.13 20.86
N LEU A 71 49.87 -8.01 21.54
CA LEU A 71 48.77 -8.75 20.93
C LEU A 71 47.54 -7.88 20.79
N SER A 72 47.52 -6.76 21.51
CA SER A 72 46.34 -5.89 21.50
C SER A 72 46.12 -5.19 20.15
N VAL A 73 47.15 -5.15 19.32
CA VAL A 73 47.08 -4.51 17.99
C VAL A 73 46.16 -5.28 17.07
N LEU A 74 45.83 -6.51 17.43
CA LEU A 74 44.95 -7.37 16.63
C LEU A 74 43.49 -7.38 17.09
N MET A 75 43.21 -6.62 18.16
CA MET A 75 41.93 -6.65 18.86
C MET A 75 40.71 -6.44 17.97
N ASP A 76 40.86 -5.67 16.91
CA ASP A 76 39.77 -5.47 15.96
C ASP A 76 39.42 -6.77 15.25
N HIS A 77 40.42 -7.50 14.77
CA HIS A 77 40.23 -8.75 14.04
C HIS A 77 39.69 -9.83 14.96
N VAL A 78 40.10 -9.80 16.24
CA VAL A 78 39.64 -10.75 17.24
C VAL A 78 38.14 -10.61 17.46
N LYS A 79 37.69 -9.37 17.65
CA LYS A 79 36.28 -9.06 17.74
C LYS A 79 35.47 -9.57 16.53
N GLN A 80 36.00 -9.42 15.30
CA GLN A 80 35.32 -9.85 14.05
C GLN A 80 35.30 -11.36 13.90
N ILE A 81 36.44 -11.98 14.25
CA ILE A 81 36.54 -13.43 14.32
C ILE A 81 35.51 -13.93 15.36
N GLY A 82 35.45 -13.21 16.48
CA GLY A 82 34.52 -13.53 17.57
C GLY A 82 33.08 -13.72 17.14
N HIS A 83 32.55 -12.71 16.45
CA HIS A 83 31.22 -12.81 15.95
C HIS A 83 31.04 -14.13 15.21
N LYS A 84 32.00 -14.45 14.31
CA LYS A 84 31.94 -15.70 13.55
C LYS A 84 31.98 -16.93 14.48
N HIS A 85 32.91 -16.90 15.44
CA HIS A 85 33.04 -18.04 16.35
C HIS A 85 31.77 -18.32 17.18
N ARG A 86 31.25 -17.30 17.86
CA ARG A 86 29.96 -17.40 18.56
C ARG A 86 28.91 -17.84 17.56
N ALA A 87 28.80 -17.18 16.40
CA ALA A 87 27.81 -17.56 15.38
C ALA A 87 27.87 -19.05 15.12
N LEU A 88 29.09 -19.54 15.01
CA LEU A 88 29.36 -20.93 14.73
C LEU A 88 29.27 -21.89 15.96
N GLN A 89 28.93 -21.36 17.14
CA GLN A 89 28.84 -22.17 18.37
C GLN A 89 30.18 -22.74 18.85
N ILE A 90 31.27 -22.03 18.57
CA ILE A 90 32.58 -22.37 19.13
C ILE A 90 32.61 -22.03 20.66
N LYS A 91 32.90 -23.04 21.49
CA LYS A 91 32.71 -22.94 22.96
C LYS A 91 34.05 -23.03 23.68
N PRO A 92 34.12 -22.58 24.93
CA PRO A 92 35.43 -22.63 25.63
C PRO A 92 36.10 -24.00 25.45
N GLU A 93 35.29 -25.05 25.57
CA GLU A 93 35.76 -26.42 25.51
C GLU A 93 36.42 -26.86 24.20
N HIS A 94 36.12 -26.18 23.09
CA HIS A 94 36.74 -26.50 21.78
C HIS A 94 38.23 -26.13 21.76
N TYR A 95 38.58 -25.03 22.44
CA TYR A 95 39.93 -24.41 22.37
C TYR A 95 41.10 -25.31 22.71
N PRO A 96 41.01 -26.07 23.82
CA PRO A 96 42.09 -27.00 24.18
C PRO A 96 42.36 -28.03 23.08
N ILE A 97 41.28 -28.53 22.44
CA ILE A 97 41.44 -29.48 21.34
C ILE A 97 42.38 -28.87 20.29
N VAL A 98 42.03 -27.66 19.82
CA VAL A 98 42.89 -26.96 18.86
C VAL A 98 44.36 -26.89 19.36
N GLY A 99 44.55 -26.29 20.52
CA GLY A 99 45.89 -26.18 21.11
C GLY A 99 46.63 -27.53 21.17
N GLU A 100 45.96 -28.56 21.67
CA GLU A 100 46.57 -29.87 21.76
C GLU A 100 47.14 -30.38 20.43
N TYR A 101 46.37 -30.19 19.37
CA TYR A 101 46.83 -30.58 18.04
C TYR A 101 47.82 -29.59 17.43
N LEU A 102 47.76 -28.32 17.83
CA LEU A 102 48.70 -27.37 17.29
C LEU A 102 50.09 -27.76 17.75
N LEU A 103 50.25 -28.06 19.04
CA LEU A 103 51.56 -28.51 19.54
C LEU A 103 51.94 -29.87 18.94
N LYS A 104 50.96 -30.76 18.79
CA LYS A 104 51.25 -32.07 18.24
C LYS A 104 51.72 -31.93 16.80
N ALA A 105 51.16 -30.97 16.07
CA ALA A 105 51.59 -30.70 14.70
C ALA A 105 53.04 -30.25 14.63
N ILE A 106 53.35 -29.18 15.37
CA ILE A 106 54.71 -28.68 15.44
C ILE A 106 55.74 -29.79 15.77
N LYS A 107 55.45 -30.60 16.78
CA LYS A 107 56.34 -31.67 17.19
C LYS A 107 56.59 -32.62 16.03
N GLU A 108 55.53 -32.94 15.26
CA GLU A 108 55.65 -33.83 14.12
C GLU A 108 56.51 -33.25 13.02
N VAL A 109 56.45 -31.95 12.84
CA VAL A 109 57.13 -31.32 11.73
C VAL A 109 58.53 -30.88 12.08
N LEU A 110 58.71 -30.36 13.28
CA LEU A 110 60.03 -29.85 13.63
C LEU A 110 60.98 -30.93 14.17
N GLY A 111 60.41 -32.02 14.70
CA GLY A 111 61.21 -33.08 15.31
C GLY A 111 61.96 -32.65 16.56
N ASP A 112 63.23 -33.02 16.63
CA ASP A 112 64.01 -32.72 17.82
C ASP A 112 64.32 -31.21 17.94
N ALA A 113 63.96 -30.44 16.92
CA ALA A 113 64.18 -28.99 16.92
C ALA A 113 63.12 -28.37 17.76
N ALA A 114 61.97 -29.03 17.82
CA ALA A 114 60.88 -28.61 18.73
C ALA A 114 61.12 -29.18 20.11
N THR A 115 61.96 -28.49 20.88
CA THR A 115 62.38 -28.98 22.18
C THR A 115 61.24 -28.79 23.16
N PRO A 116 61.37 -29.38 24.36
CA PRO A 116 60.37 -29.16 25.42
C PRO A 116 60.14 -27.70 25.81
N GLU A 117 61.15 -26.85 25.73
CA GLU A 117 60.94 -25.41 25.99
C GLU A 117 60.21 -24.70 24.83
N ILE A 118 60.48 -25.15 23.60
CA ILE A 118 59.81 -24.58 22.44
C ILE A 118 58.34 -24.90 22.51
N ILE A 119 58.01 -26.19 22.68
CA ILE A 119 56.64 -26.66 22.84
C ILE A 119 55.97 -25.98 24.01
N ASN A 120 56.67 -25.93 25.13
CA ASN A 120 56.14 -25.29 26.31
C ASN A 120 55.69 -23.86 26.02
N ALA A 121 56.63 -23.05 25.52
CA ALA A 121 56.41 -21.67 25.13
C ALA A 121 55.20 -21.47 24.20
N TRP A 122 54.99 -22.37 23.27
CA TRP A 122 53.85 -22.19 22.41
C TRP A 122 52.62 -22.61 23.18
N GLY A 123 52.71 -23.66 23.98
CA GLY A 123 51.57 -24.06 24.79
C GLY A 123 51.06 -22.87 25.58
N GLU A 124 52.01 -22.21 26.25
CA GLU A 124 51.76 -20.96 26.95
C GLU A 124 51.17 -19.89 26.05
N ALA A 125 51.83 -19.56 24.95
CA ALA A 125 51.34 -18.51 24.06
C ALA A 125 49.95 -18.78 23.61
N TYR A 126 49.67 -20.04 23.33
CA TYR A 126 48.33 -20.42 22.88
C TYR A 126 47.21 -20.03 23.87
N GLN A 127 47.29 -20.52 25.11
CA GLN A 127 46.24 -20.26 26.06
C GLN A 127 46.07 -18.77 26.26
N ALA A 128 47.18 -18.01 26.21
CA ALA A 128 47.09 -16.55 26.30
C ALA A 128 46.21 -15.98 25.18
N ILE A 129 46.46 -16.48 23.96
CA ILE A 129 45.68 -16.08 22.80
C ILE A 129 44.25 -16.53 22.92
N ALA A 130 44.06 -17.80 23.27
CA ALA A 130 42.73 -18.40 23.39
C ALA A 130 41.91 -17.68 24.45
N ASP A 131 42.58 -17.30 25.53
CA ASP A 131 41.91 -16.56 26.59
C ASP A 131 41.29 -15.23 26.15
N ILE A 132 42.01 -14.49 25.30
CA ILE A 132 41.41 -13.31 24.70
C ILE A 132 40.13 -13.68 23.91
N PHE A 133 40.17 -14.75 23.12
CA PHE A 133 39.01 -15.14 22.33
C PHE A 133 37.83 -15.60 23.17
N ILE A 134 38.08 -16.52 24.10
CA ILE A 134 37.01 -17.01 24.98
C ILE A 134 36.30 -15.85 25.69
N THR A 135 37.08 -14.92 26.28
CA THR A 135 36.53 -13.68 26.87
C THR A 135 35.77 -12.78 25.88
N VAL A 136 36.32 -12.49 24.71
CA VAL A 136 35.57 -11.71 23.78
C VAL A 136 34.27 -12.47 23.52
N GLU A 137 34.38 -13.77 23.25
CA GLU A 137 33.21 -14.55 22.80
C GLU A 137 32.15 -14.75 23.91
N LYS A 138 32.58 -14.77 25.15
CA LYS A 138 31.66 -14.98 26.23
C LYS A 138 30.60 -13.86 26.23
N LYS A 139 31.07 -12.61 26.20
CA LYS A 139 30.22 -11.42 26.11
C LYS A 139 29.20 -11.46 24.96
N MET A 140 29.64 -11.93 23.79
CA MET A 140 28.82 -12.11 22.59
C MET A 140 27.69 -13.14 22.78
N TYR A 141 28.05 -14.22 23.47
CA TYR A 141 27.12 -15.28 23.82
C TYR A 141 26.02 -14.72 24.71
N GLU A 142 26.42 -14.05 25.78
CA GLU A 142 25.41 -13.54 26.74
C GLU A 142 24.58 -12.42 26.11
N GLU A 143 25.06 -11.87 25.01
CA GLU A 143 24.36 -10.80 24.30
C GLU A 143 23.61 -11.25 23.04
N ALA A 144 23.73 -12.50 22.62
CA ALA A 144 22.96 -12.91 21.44
C ALA A 144 21.38 -12.84 21.58
N LEU A 145 20.70 -12.44 20.52
CA LEU A 145 19.23 -12.36 20.50
C LEU A 145 18.49 -13.66 20.78
N TRP A 146 19.20 -14.79 20.65
CA TRP A 146 18.73 -16.12 21.10
C TRP A 146 19.87 -17.15 21.14
N PRO A 147 19.75 -18.14 22.05
CA PRO A 147 20.87 -19.05 22.35
C PRO A 147 20.94 -20.15 21.31
N GLY A 148 22.15 -20.46 20.84
CA GLY A 148 22.43 -21.52 19.84
C GLY A 148 21.61 -21.58 18.57
N TRP A 149 21.48 -22.76 18.00
CA TRP A 149 20.62 -23.00 16.84
C TRP A 149 19.15 -23.13 17.22
N LYS A 150 18.29 -22.52 16.44
CA LYS A 150 16.87 -22.65 16.71
C LYS A 150 16.15 -22.88 15.39
N PRO A 151 15.07 -23.67 15.40
CA PRO A 151 14.40 -24.07 14.18
C PRO A 151 13.54 -22.94 13.59
N PHE A 152 13.72 -22.68 12.31
CA PHE A 152 12.91 -21.69 11.63
C PHE A 152 12.22 -22.37 10.51
N GLU A 153 11.21 -21.74 9.94
CA GLU A 153 10.50 -22.32 8.82
C GLU A 153 10.66 -21.43 7.59
N ILE A 154 10.94 -22.06 6.47
CA ILE A 154 11.07 -21.32 5.23
C ILE A 154 9.69 -20.96 4.73
N THR A 155 9.40 -19.67 4.80
CA THR A 155 8.07 -19.16 4.38
C THR A 155 8.00 -18.57 2.98
N ALA A 156 9.15 -18.25 2.39
CA ALA A 156 9.23 -17.86 0.96
C ALA A 156 10.60 -18.04 0.33
N LYS A 157 10.56 -18.45 -0.94
CA LYS A 157 11.72 -18.59 -1.84
C LYS A 157 11.50 -17.78 -3.14
N GLU A 158 12.32 -16.76 -3.33
CA GLU A 158 12.14 -15.78 -4.44
C GLU A 158 13.48 -15.45 -5.14
N TYR A 159 13.51 -15.58 -6.46
CA TYR A 159 14.70 -15.12 -7.18
C TYR A 159 14.77 -13.58 -7.22
N VAL A 160 15.92 -13.05 -6.81
CA VAL A 160 16.09 -11.63 -6.88
C VAL A 160 17.18 -11.22 -7.87
N ALA A 161 17.49 -12.16 -8.78
CA ALA A 161 18.47 -12.08 -9.84
C ALA A 161 18.43 -13.47 -10.43
N SER A 162 19.09 -13.68 -11.56
CA SER A 162 19.06 -14.93 -12.31
C SER A 162 19.58 -16.06 -11.49
N ASP A 163 20.59 -15.83 -10.64
CA ASP A 163 21.16 -16.89 -9.77
C ASP A 163 21.35 -16.51 -8.28
N ILE A 164 20.50 -15.62 -7.79
CA ILE A 164 20.46 -15.33 -6.35
C ILE A 164 19.02 -15.45 -5.85
N VAL A 165 18.75 -16.43 -4.97
CA VAL A 165 17.44 -16.50 -4.27
C VAL A 165 17.38 -15.84 -2.89
N GLU A 166 16.21 -15.29 -2.57
CA GLU A 166 16.04 -14.72 -1.25
C GLU A 166 15.04 -15.58 -0.51
N PHE A 167 15.54 -16.08 0.61
CA PHE A 167 14.77 -16.87 1.55
C PHE A 167 14.22 -15.92 2.56
N THR A 168 12.91 -15.93 2.70
CA THR A 168 12.38 -15.31 3.89
C THR A 168 11.96 -16.42 4.90
N VAL A 169 12.38 -16.22 6.15
CA VAL A 169 12.37 -17.28 7.16
C VAL A 169 11.66 -16.87 8.48
N LYS A 170 10.91 -17.78 9.10
CA LYS A 170 10.14 -17.45 10.35
C LYS A 170 10.40 -18.48 11.42
N PRO A 171 10.59 -18.06 12.66
CA PRO A 171 10.89 -19.01 13.76
C PRO A 171 9.75 -19.93 14.05
N LYS A 172 10.07 -21.20 14.26
CA LYS A 172 9.03 -22.22 14.52
C LYS A 172 8.48 -22.17 15.95
N PHE A 173 7.28 -22.69 16.15
CA PHE A 173 6.66 -22.77 17.49
C PHE A 173 7.55 -23.43 18.55
N GLY A 174 7.65 -22.80 19.72
CA GLY A 174 8.55 -23.28 20.78
C GLY A 174 10.04 -23.07 20.53
N SER A 175 10.39 -22.24 19.56
CA SER A 175 11.78 -21.79 19.44
C SER A 175 12.07 -20.71 20.45
N GLY A 176 11.00 -20.16 21.04
CA GLY A 176 11.04 -19.04 21.97
C GLY A 176 11.49 -17.71 21.42
N ILE A 177 11.29 -17.50 20.12
CA ILE A 177 11.69 -16.28 19.43
C ILE A 177 10.47 -15.56 18.84
N GLU A 178 10.10 -14.41 19.41
CA GLU A 178 9.10 -13.56 18.77
C GLU A 178 9.76 -12.62 17.77
N LEU A 179 9.40 -12.78 16.50
CA LEU A 179 9.89 -11.97 15.39
C LEU A 179 10.00 -10.46 15.66
N GLU A 180 8.88 -9.73 15.78
CA GLU A 180 9.00 -8.31 16.13
C GLU A 180 9.58 -8.25 17.53
N SER A 181 10.23 -7.16 17.89
CA SER A 181 11.10 -7.11 19.08
C SER A 181 12.30 -8.08 18.99
N LEU A 182 13.00 -8.00 17.87
CA LEU A 182 14.30 -8.59 17.67
C LEU A 182 15.08 -7.42 17.06
N PRO A 183 15.88 -6.72 17.86
CA PRO A 183 16.58 -5.57 17.30
C PRO A 183 17.71 -6.04 16.36
N ILE A 184 17.57 -5.75 15.08
CA ILE A 184 18.61 -6.06 14.10
C ILE A 184 19.29 -4.73 13.65
N THR A 185 20.63 -4.72 13.62
CA THR A 185 21.38 -3.60 13.04
C THR A 185 21.70 -3.96 11.60
N PRO A 186 21.27 -3.14 10.64
CA PRO A 186 21.55 -3.46 9.23
C PRO A 186 23.04 -3.64 9.03
N GLY A 187 23.42 -4.76 8.42
CA GLY A 187 24.84 -5.11 8.26
C GLY A 187 25.23 -6.34 9.03
N GLN A 188 24.30 -6.84 9.82
CA GLN A 188 24.49 -8.10 10.51
C GLN A 188 24.11 -9.29 9.61
N TYR A 189 24.80 -10.40 9.81
CA TYR A 189 24.45 -11.62 9.11
C TYR A 189 23.90 -12.60 10.09
N ILE A 190 23.14 -13.57 9.60
CA ILE A 190 22.81 -14.75 10.42
C ILE A 190 23.65 -15.91 9.90
N THR A 191 23.50 -17.07 10.54
CA THR A 191 24.29 -18.21 10.15
C THR A 191 23.36 -19.39 10.08
N VAL A 192 23.45 -20.23 9.02
CA VAL A 192 22.62 -21.43 8.96
C VAL A 192 23.35 -22.75 9.18
N ASN A 193 22.62 -23.70 9.76
CA ASN A 193 23.15 -25.01 10.02
C ASN A 193 22.33 -26.07 9.27
N THR A 194 22.85 -26.48 8.12
CA THR A 194 22.14 -27.33 7.14
C THR A 194 22.90 -28.59 7.12
N HIS A 195 22.37 -29.57 6.41
CA HIS A 195 23.07 -30.83 6.26
C HIS A 195 22.79 -31.34 4.84
N PRO A 196 23.59 -30.87 3.87
CA PRO A 196 23.40 -31.20 2.47
C PRO A 196 23.31 -32.70 2.14
N ILE A 197 22.37 -33.02 1.24
CA ILE A 197 22.13 -34.37 0.78
C ILE A 197 22.95 -34.78 -0.43
N ARG A 198 23.46 -33.80 -1.18
CA ARG A 198 24.27 -34.07 -2.38
C ARG A 198 25.74 -34.27 -2.10
N GLN A 199 26.45 -34.70 -3.13
CA GLN A 199 27.92 -34.72 -3.16
C GLN A 199 28.54 -35.65 -2.15
N GLU A 200 27.84 -36.74 -1.79
CA GLU A 200 28.32 -37.70 -0.76
C GLU A 200 28.54 -37.13 0.67
N ASN A 201 27.96 -35.96 0.94
CA ASN A 201 28.23 -35.23 2.16
C ASN A 201 27.60 -35.92 3.36
N GLN A 202 28.32 -35.95 4.48
CA GLN A 202 27.87 -36.67 5.66
C GLN A 202 27.76 -35.80 6.93
N TYR A 203 28.09 -34.52 6.85
CA TYR A 203 28.21 -33.72 8.05
C TYR A 203 27.43 -32.44 7.93
N ASP A 204 27.33 -31.72 9.02
CA ASP A 204 26.75 -30.40 8.90
C ASP A 204 27.65 -29.40 8.22
N ALA A 205 27.01 -28.36 7.69
CA ALA A 205 27.69 -27.32 6.95
C ALA A 205 27.15 -26.01 7.43
N LEU A 206 28.01 -25.15 7.89
CA LEU A 206 27.55 -23.91 8.47
C LEU A 206 27.97 -22.74 7.59
N ARG A 207 27.03 -21.90 7.18
CA ARG A 207 27.41 -20.70 6.42
C ARG A 207 26.72 -19.45 6.90
N HIS A 208 27.46 -18.35 7.07
CA HIS A 208 26.84 -17.02 7.25
C HIS A 208 26.17 -16.42 6.01
N TYR A 209 24.92 -15.94 6.15
CA TYR A 209 24.31 -15.10 5.14
C TYR A 209 23.77 -13.78 5.67
N SER A 210 24.27 -12.66 5.12
CA SER A 210 23.81 -11.28 5.44
C SER A 210 22.32 -11.11 5.27
N LEU A 211 21.68 -10.54 6.28
CA LEU A 211 20.27 -10.15 6.24
C LEU A 211 20.01 -9.00 5.24
N CYS A 212 18.92 -9.07 4.47
CA CYS A 212 18.62 -8.04 3.46
C CYS A 212 17.94 -6.82 4.01
N SER A 213 17.42 -6.99 5.22
CA SER A 213 16.60 -5.98 5.84
C SER A 213 16.71 -6.12 7.30
N ALA A 214 16.65 -5.01 7.99
CA ALA A 214 16.65 -5.06 9.46
C ALA A 214 15.23 -5.29 9.96
N SER A 215 14.25 -5.09 9.05
CA SER A 215 12.84 -5.31 9.39
C SER A 215 12.48 -6.78 9.53
N THR A 216 11.83 -7.12 10.63
CA THR A 216 11.60 -8.54 10.94
C THR A 216 10.13 -8.93 10.98
N LYS A 217 9.26 -7.95 10.83
CA LYS A 217 7.82 -8.19 10.93
C LYS A 217 7.32 -9.37 10.10
N ASN A 218 7.77 -9.46 8.86
CA ASN A 218 7.39 -10.56 7.97
C ASN A 218 8.37 -11.71 7.85
N GLY A 219 9.41 -11.69 8.66
CA GLY A 219 10.34 -12.79 8.73
C GLY A 219 11.72 -12.20 8.63
N LEU A 220 12.74 -13.04 8.75
CA LEU A 220 14.10 -12.68 8.40
C LEU A 220 14.36 -12.98 6.93
N ARG A 221 15.07 -12.07 6.26
CA ARG A 221 15.33 -12.23 4.82
C ARG A 221 16.82 -12.32 4.60
N PHE A 222 17.25 -13.39 3.93
CA PHE A 222 18.62 -13.46 3.41
C PHE A 222 18.64 -14.00 1.99
N ALA A 223 19.73 -13.72 1.29
CA ALA A 223 19.79 -13.99 -0.15
C ALA A 223 21.08 -14.70 -0.48
N VAL A 224 20.94 -15.78 -1.25
CA VAL A 224 22.00 -16.75 -1.47
C VAL A 224 22.30 -16.85 -2.94
N LYS A 225 23.56 -16.57 -3.25
CA LYS A 225 24.06 -16.73 -4.63
C LYS A 225 24.43 -18.19 -4.91
N MET A 226 24.09 -18.67 -6.11
CA MET A 226 24.45 -20.02 -6.46
C MET A 226 25.86 -20.08 -7.01
N GLU A 227 26.76 -20.51 -6.14
CA GLU A 227 28.14 -20.93 -6.43
C GLU A 227 28.19 -22.23 -7.28
N ALA A 228 28.06 -22.08 -8.61
CA ALA A 228 27.98 -23.22 -9.54
C ALA A 228 29.34 -23.91 -9.84
N ALA A 229 29.29 -24.99 -10.60
CA ALA A 229 30.51 -25.77 -10.92
C ALA A 229 31.24 -25.33 -12.21
N ARG A 230 30.46 -25.18 -13.29
CA ARG A 230 30.93 -24.77 -14.63
C ARG A 230 31.76 -25.80 -15.43
N GLU A 231 33.08 -25.75 -15.31
CA GLU A 231 33.96 -26.63 -16.11
C GLU A 231 35.06 -27.24 -15.23
N ASN A 232 34.99 -27.00 -13.93
CA ASN A 232 36.18 -27.19 -13.09
C ASN A 232 36.01 -28.10 -11.88
N PHE A 233 35.71 -27.48 -10.75
CA PHE A 233 35.60 -28.16 -9.47
C PHE A 233 34.11 -28.38 -9.15
N PRO A 234 33.74 -28.77 -7.93
CA PRO A 234 32.33 -28.96 -7.63
C PRO A 234 31.59 -27.69 -7.19
N ALA A 235 30.25 -27.71 -7.28
CA ALA A 235 29.43 -26.60 -6.78
C ALA A 235 29.67 -26.33 -5.29
N GLY A 236 29.46 -25.10 -4.85
CA GLY A 236 29.49 -24.82 -3.43
C GLY A 236 28.46 -25.67 -2.69
N LEU A 237 28.87 -26.29 -1.57
CA LEU A 237 28.01 -27.27 -0.89
C LEU A 237 26.63 -26.78 -0.45
N VAL A 238 26.59 -25.74 0.39
CA VAL A 238 25.33 -25.24 0.94
C VAL A 238 24.60 -24.35 -0.08
N SER A 239 25.32 -23.58 -0.88
CA SER A 239 24.59 -22.77 -1.83
C SER A 239 23.79 -23.70 -2.80
N GLU A 240 24.38 -24.82 -3.22
CA GLU A 240 23.64 -25.72 -4.05
C GLU A 240 22.50 -26.32 -3.23
N TYR A 241 22.80 -26.77 -2.02
CA TYR A 241 21.75 -27.34 -1.19
C TYR A 241 20.52 -26.43 -1.07
N LEU A 242 20.75 -25.19 -0.68
CA LEU A 242 19.71 -24.17 -0.56
C LEU A 242 18.88 -23.95 -1.83
N HIS A 243 19.56 -23.50 -2.86
CA HIS A 243 19.00 -23.42 -4.20
C HIS A 243 18.27 -24.66 -4.65
N LYS A 244 18.91 -25.82 -4.61
CA LYS A 244 18.29 -27.01 -5.20
C LYS A 244 17.34 -27.82 -4.33
N ASP A 245 17.55 -27.83 -3.02
CA ASP A 245 16.91 -28.79 -2.13
C ASP A 245 16.07 -28.15 -1.00
N ALA A 246 16.55 -27.09 -0.36
CA ALA A 246 15.70 -26.35 0.63
C ALA A 246 14.36 -25.86 0.05
N LYS A 247 13.26 -26.59 0.28
CA LYS A 247 11.98 -26.12 -0.23
C LYS A 247 11.29 -25.17 0.75
N VAL A 248 10.49 -24.24 0.25
CA VAL A 248 9.58 -23.48 1.10
C VAL A 248 8.71 -24.46 1.92
N GLY A 249 8.68 -24.25 3.23
CA GLY A 249 7.95 -25.16 4.12
C GLY A 249 8.90 -26.06 4.88
N ASP A 250 10.14 -26.16 4.41
CA ASP A 250 11.18 -26.94 5.07
C ASP A 250 11.71 -26.20 6.29
N GLU A 251 12.31 -26.94 7.21
CA GLU A 251 12.93 -26.36 8.38
C GLU A 251 14.35 -25.90 8.08
N ILE A 252 14.82 -24.85 8.74
CA ILE A 252 16.24 -24.48 8.69
C ILE A 252 16.69 -23.96 10.11
N LYS A 253 17.93 -24.24 10.47
CA LYS A 253 18.38 -23.90 11.76
C LYS A 253 19.30 -22.70 11.61
N LEU A 254 19.06 -21.66 12.43
CA LEU A 254 19.83 -20.43 12.40
C LEU A 254 20.33 -20.06 13.78
N SER A 255 21.46 -19.39 13.84
CA SER A 255 21.92 -18.80 15.07
C SER A 255 21.74 -17.27 14.97
N ALA A 256 21.76 -16.58 16.11
CA ALA A 256 21.42 -15.18 16.17
C ALA A 256 22.31 -14.31 15.30
N PRO A 257 21.81 -13.11 14.95
CA PRO A 257 22.59 -12.16 14.15
C PRO A 257 23.95 -11.84 14.72
N ALA A 258 25.00 -11.92 13.91
CA ALA A 258 26.36 -11.58 14.32
C ALA A 258 26.94 -10.45 13.50
N GLY A 259 28.09 -9.94 13.91
CA GLY A 259 28.84 -9.08 13.05
C GLY A 259 29.00 -7.67 13.48
N ASP A 260 30.09 -7.13 12.97
CA ASP A 260 30.44 -5.79 13.28
C ASP A 260 30.01 -4.81 12.20
N PHE A 261 29.80 -5.29 10.98
CA PHE A 261 29.48 -4.43 9.89
C PHE A 261 28.21 -3.65 10.18
N ALA A 262 28.33 -2.35 10.39
CA ALA A 262 27.17 -1.46 10.60
C ALA A 262 27.52 -0.06 10.11
N ILE A 263 26.54 0.72 9.61
CA ILE A 263 26.84 2.13 9.31
C ILE A 263 26.96 3.01 10.54
N ASN A 264 27.69 4.12 10.39
CA ASN A 264 27.98 5.04 11.50
C ASN A 264 26.69 5.74 11.86
N LYS A 265 26.23 5.51 13.09
CA LYS A 265 24.89 5.99 13.49
C LYS A 265 24.87 7.50 13.62
N GLU A 266 26.01 8.09 13.94
CA GLU A 266 26.15 9.55 14.06
C GLU A 266 26.03 10.28 12.70
N LEU A 267 26.37 9.61 11.60
CA LEU A 267 26.41 10.28 10.32
C LEU A 267 25.13 10.08 9.53
N ILE A 268 24.23 9.32 10.11
CA ILE A 268 22.94 9.04 9.51
C ILE A 268 22.15 10.33 9.49
N HIS A 269 22.30 11.10 10.56
CA HIS A 269 21.39 12.22 10.82
C HIS A 269 22.01 13.53 10.50
N GLN A 270 22.60 13.58 9.32
CA GLN A 270 23.22 14.76 8.79
C GLN A 270 23.36 14.63 7.28
N ASN A 271 23.48 15.78 6.62
CA ASN A 271 23.51 15.83 5.17
C ASN A 271 24.82 16.27 4.53
N GLU A 272 25.87 16.48 5.32
CA GLU A 272 27.15 17.03 4.79
C GLU A 272 28.14 15.99 4.32
N VAL A 273 28.21 14.87 5.05
CA VAL A 273 29.09 13.75 4.70
C VAL A 273 28.25 12.66 4.06
N PRO A 274 28.44 12.48 2.76
CA PRO A 274 27.67 11.49 1.98
C PRO A 274 27.91 10.02 2.35
N LEU A 275 26.92 9.18 2.11
CA LEU A 275 27.04 7.78 2.38
C LEU A 275 27.38 7.07 1.07
N VAL A 276 28.46 6.30 1.04
CA VAL A 276 28.79 5.52 -0.14
C VAL A 276 28.65 4.02 0.10
N LEU A 277 27.75 3.39 -0.67
CA LEU A 277 27.50 1.96 -0.57
C LEU A 277 28.09 1.15 -1.77
N LEU A 278 29.27 0.56 -1.55
CA LEU A 278 30.03 0.02 -2.65
C LEU A 278 30.03 -1.52 -2.69
N SER A 279 29.35 -2.10 -3.69
CA SER A 279 29.06 -3.56 -3.67
C SER A 279 29.38 -4.21 -4.98
N SER A 280 29.80 -5.48 -4.92
CA SER A 280 29.81 -6.37 -6.09
C SER A 280 29.00 -7.68 -5.94
N GLY A 281 28.22 -8.06 -6.95
CA GLY A 281 27.53 -9.32 -6.96
C GLY A 281 26.61 -9.43 -5.77
N VAL A 282 26.56 -10.59 -5.14
CA VAL A 282 25.64 -10.83 -4.03
C VAL A 282 26.05 -9.98 -2.84
N GLY A 283 27.26 -9.47 -2.83
CA GLY A 283 27.65 -8.53 -1.79
C GLY A 283 26.64 -7.40 -1.55
N VAL A 284 25.77 -7.12 -2.51
CA VAL A 284 24.82 -6.05 -2.39
C VAL A 284 23.95 -6.19 -1.13
N THR A 285 23.88 -7.40 -0.57
CA THR A 285 22.83 -7.76 0.39
C THR A 285 22.78 -6.95 1.72
N PRO A 286 23.92 -6.90 2.47
CA PRO A 286 23.90 -6.09 3.69
C PRO A 286 23.76 -4.64 3.32
N LEU A 287 24.19 -4.29 2.09
CA LEU A 287 24.16 -2.87 1.69
C LEU A 287 22.73 -2.47 1.41
N LEU A 288 21.95 -3.41 0.90
CA LEU A 288 20.56 -3.12 0.67
C LEU A 288 19.97 -2.82 2.03
N ALA A 289 20.38 -3.58 3.05
CA ALA A 289 19.81 -3.41 4.40
C ALA A 289 20.25 -2.07 4.93
N MET A 290 21.42 -1.64 4.52
CA MET A 290 21.97 -0.41 5.04
C MET A 290 21.28 0.74 4.36
N LEU A 291 21.02 0.54 3.07
CA LEU A 291 20.34 1.56 2.29
C LEU A 291 18.97 1.81 2.95
N GLU A 292 18.22 0.73 3.16
CA GLU A 292 16.88 0.82 3.74
C GLU A 292 16.85 1.62 5.04
N GLU A 293 17.94 1.57 5.80
CA GLU A 293 18.04 2.27 7.04
C GLU A 293 18.23 3.75 6.80
N GLN A 294 19.18 4.08 5.94
CA GLN A 294 19.46 5.50 5.68
C GLN A 294 18.23 6.21 5.12
N VAL A 295 17.65 5.65 4.07
CA VAL A 295 16.37 6.13 3.49
C VAL A 295 15.26 6.31 4.50
N LYS A 296 15.20 5.45 5.50
CA LYS A 296 14.11 5.55 6.49
C LYS A 296 14.45 6.52 7.62
N CYS A 297 15.72 6.53 8.05
CA CYS A 297 16.17 7.41 9.13
C CYS A 297 16.28 8.85 8.68
N ASN A 298 16.79 9.07 7.46
CA ASN A 298 17.02 10.39 6.89
C ASN A 298 17.27 10.32 5.38
N PRO A 299 16.25 10.58 4.58
CA PRO A 299 16.42 10.49 3.13
C PRO A 299 17.04 11.74 2.48
N ASN A 300 17.42 12.73 3.29
CA ASN A 300 18.05 13.96 2.79
C ASN A 300 19.57 13.79 2.67
N ARG A 301 20.12 12.83 3.39
CA ARG A 301 21.56 12.55 3.23
C ARG A 301 21.90 12.25 1.76
N PRO A 302 23.04 12.76 1.30
CA PRO A 302 23.56 12.38 0.01
C PRO A 302 23.94 10.90 -0.03
N ILE A 303 23.30 10.11 -0.89
CA ILE A 303 23.66 8.70 -1.07
C ILE A 303 24.29 8.39 -2.44
N TYR A 304 25.44 7.72 -2.43
CA TYR A 304 26.03 7.17 -3.65
C TYR A 304 25.86 5.64 -3.70
N TRP A 305 24.96 5.15 -4.53
CA TRP A 305 24.78 3.71 -4.71
C TRP A 305 25.67 3.22 -5.85
N ILE A 306 26.73 2.51 -5.52
CA ILE A 306 27.66 1.96 -6.52
C ILE A 306 27.62 0.40 -6.52
N GLN A 307 26.76 -0.15 -7.39
CA GLN A 307 26.55 -1.60 -7.53
C GLN A 307 27.16 -2.13 -8.85
N SER A 308 28.02 -3.13 -8.71
CA SER A 308 28.61 -3.78 -9.86
C SER A 308 28.09 -5.21 -9.95
N SER A 309 27.81 -5.67 -11.16
CA SER A 309 27.46 -7.04 -11.39
C SER A 309 27.86 -7.39 -12.82
N TYR A 310 27.69 -8.64 -13.24
CA TYR A 310 28.15 -9.00 -14.55
C TYR A 310 27.17 -8.46 -15.56
N ASP A 311 25.89 -8.52 -15.23
CA ASP A 311 24.77 -8.40 -16.16
C ASP A 311 23.70 -7.51 -15.56
N GLU A 312 22.70 -7.19 -16.39
CA GLU A 312 21.41 -6.73 -15.91
C GLU A 312 20.68 -7.89 -15.26
N LYS A 313 20.78 -9.09 -15.85
CA LYS A 313 20.10 -10.28 -15.33
C LYS A 313 20.64 -10.73 -13.99
N THR A 314 21.96 -10.71 -13.83
CA THR A 314 22.61 -11.09 -12.57
C THR A 314 22.67 -9.96 -11.50
N GLN A 315 22.17 -8.77 -11.87
CA GLN A 315 22.04 -7.61 -10.96
C GLN A 315 20.93 -7.87 -9.93
N ALA A 316 21.34 -7.96 -8.69
CA ALA A 316 20.41 -8.21 -7.62
C ALA A 316 19.62 -6.97 -7.16
N PHE A 317 18.37 -7.23 -6.79
CA PHE A 317 17.50 -6.26 -6.09
C PHE A 317 17.05 -5.00 -6.86
N LYS A 318 17.02 -5.10 -8.18
CA LYS A 318 16.59 -4.00 -9.05
C LYS A 318 15.32 -3.32 -8.58
N LYS A 319 14.24 -4.05 -8.38
CA LYS A 319 13.00 -3.44 -7.89
C LYS A 319 13.20 -2.76 -6.52
N HIS A 320 13.79 -3.52 -5.59
CA HIS A 320 14.04 -3.10 -4.21
C HIS A 320 14.81 -1.82 -4.14
N VAL A 321 15.94 -1.76 -4.84
CA VAL A 321 16.81 -0.58 -4.81
C VAL A 321 16.12 0.66 -5.40
N ASP A 322 15.57 0.52 -6.60
CA ASP A 322 14.89 1.60 -7.25
C ASP A 322 13.92 2.25 -6.29
N GLU A 323 13.09 1.42 -5.66
CA GLU A 323 12.01 1.90 -4.79
C GLU A 323 12.48 2.74 -3.59
N LEU A 324 13.68 2.42 -3.09
CA LEU A 324 14.24 3.10 -1.93
C LEU A 324 14.89 4.40 -2.39
N LEU A 325 15.58 4.33 -3.54
CA LEU A 325 16.26 5.50 -4.14
C LEU A 325 15.28 6.58 -4.59
N ALA A 326 14.10 6.17 -5.02
CA ALA A 326 13.02 7.07 -5.36
C ALA A 326 12.62 7.93 -4.18
N GLU A 327 12.91 7.48 -2.96
CA GLU A 327 12.46 8.18 -1.77
C GLU A 327 13.43 9.26 -1.29
N CYS A 328 14.64 9.30 -1.84
CA CYS A 328 15.68 10.25 -1.37
C CYS A 328 15.87 11.49 -2.20
N ALA A 329 16.15 12.58 -1.49
CA ALA A 329 16.44 13.89 -2.06
C ALA A 329 17.58 13.87 -3.07
N ASN A 330 18.78 13.46 -2.64
CA ASN A 330 19.94 13.55 -3.50
C ASN A 330 20.72 12.26 -3.59
N VAL A 331 20.50 11.48 -4.66
CA VAL A 331 21.23 10.23 -4.87
C VAL A 331 21.96 10.21 -6.17
N ASP A 332 22.98 9.38 -6.22
CA ASP A 332 23.66 9.07 -7.47
C ASP A 332 23.63 7.53 -7.58
N LYS A 333 22.88 7.03 -8.56
CA LYS A 333 22.78 5.58 -8.84
C LYS A 333 23.83 5.15 -9.88
N ILE A 334 24.79 4.31 -9.49
CA ILE A 334 25.89 3.95 -10.40
C ILE A 334 25.95 2.44 -10.52
N ILE A 335 25.49 1.93 -11.67
CA ILE A 335 25.34 0.48 -11.89
C ILE A 335 26.42 0.06 -12.85
N VAL A 336 27.28 -0.88 -12.44
CA VAL A 336 28.37 -1.29 -13.33
C VAL A 336 28.15 -2.72 -13.86
N HIS A 337 27.96 -2.88 -15.17
CA HIS A 337 27.87 -4.20 -15.74
C HIS A 337 29.20 -4.56 -16.33
N THR A 338 29.88 -5.52 -15.69
CA THR A 338 31.24 -5.85 -16.07
C THR A 338 31.35 -6.62 -17.41
N ASP A 339 30.19 -6.96 -18.00
CA ASP A 339 30.16 -7.49 -19.36
C ASP A 339 30.25 -6.38 -20.42
N THR A 340 29.94 -5.17 -20.01
CA THR A 340 29.96 -4.02 -20.89
C THR A 340 31.09 -3.07 -20.47
N GLU A 341 31.30 -2.91 -19.16
CA GLU A 341 32.27 -1.94 -18.65
C GLU A 341 33.45 -2.57 -17.93
N PRO A 342 34.53 -1.81 -17.76
CA PRO A 342 35.69 -2.30 -17.00
C PRO A 342 35.34 -2.48 -15.53
N LEU A 343 36.08 -3.33 -14.82
CA LEU A 343 36.02 -3.44 -13.37
C LEU A 343 36.21 -2.07 -12.74
N ILE A 344 35.68 -1.89 -11.53
CA ILE A 344 35.86 -0.63 -10.82
C ILE A 344 37.34 -0.34 -10.42
N ASN A 345 37.92 0.73 -10.91
CA ASN A 345 39.26 1.09 -10.45
C ASN A 345 39.27 2.37 -9.63
N ALA A 346 40.44 2.73 -9.09
CA ALA A 346 40.58 3.95 -8.30
C ALA A 346 40.13 5.17 -9.11
N ALA A 347 40.67 5.31 -10.34
CA ALA A 347 40.22 6.34 -11.29
C ALA A 347 38.68 6.48 -11.26
N PHE A 348 37.96 5.35 -11.35
CA PHE A 348 36.50 5.32 -11.39
C PHE A 348 35.89 5.87 -10.11
N LEU A 349 36.39 5.41 -8.97
CA LEU A 349 35.90 5.85 -7.67
C LEU A 349 36.15 7.34 -7.41
N LYS A 350 37.29 7.85 -7.86
CA LYS A 350 37.59 9.29 -7.81
C LYS A 350 36.50 10.13 -8.47
N GLU A 351 36.11 9.74 -9.68
CA GLU A 351 35.19 10.48 -10.55
C GLU A 351 33.76 10.28 -10.07
N LYS A 352 33.49 9.11 -9.50
CA LYS A 352 32.13 8.73 -9.25
C LYS A 352 31.71 8.95 -7.82
N SER A 353 32.66 9.10 -6.89
CA SER A 353 32.34 9.42 -5.49
C SER A 353 33.16 10.59 -4.95
N PRO A 354 32.67 11.23 -3.88
CA PRO A 354 33.33 12.41 -3.30
C PRO A 354 34.57 12.09 -2.48
N ALA A 355 35.48 13.04 -2.41
CA ALA A 355 36.77 12.85 -1.75
C ALA A 355 36.58 12.56 -0.26
N HIS A 356 35.62 13.22 0.37
CA HIS A 356 35.32 12.94 1.75
C HIS A 356 33.97 12.23 1.77
N ALA A 357 33.91 11.06 2.36
CA ALA A 357 32.73 10.24 2.25
C ALA A 357 32.81 9.16 3.29
N ASP A 358 31.65 8.69 3.74
CA ASP A 358 31.52 7.65 4.72
C ASP A 358 31.19 6.44 3.88
N VAL A 359 32.17 5.54 3.73
CA VAL A 359 32.09 4.43 2.76
C VAL A 359 31.95 3.03 3.41
N TYR A 360 31.04 2.22 2.84
CA TYR A 360 30.85 0.85 3.26
C TYR A 360 30.93 -0.05 2.02
N THR A 361 31.80 -1.06 2.09
CA THR A 361 31.97 -1.94 0.92
C THR A 361 31.80 -3.46 1.16
N CYS A 362 31.20 -4.16 0.22
CA CYS A 362 31.00 -5.60 0.43
C CYS A 362 31.04 -6.44 -0.85
N GLY A 363 31.60 -7.65 -0.74
CA GLY A 363 31.63 -8.62 -1.85
C GLY A 363 32.69 -9.66 -1.58
N SER A 364 33.23 -10.25 -2.65
CA SER A 364 34.20 -11.34 -2.52
C SER A 364 35.41 -10.90 -1.75
N LEU A 365 36.19 -11.86 -1.25
CA LEU A 365 37.55 -11.60 -0.79
C LEU A 365 38.30 -10.62 -1.74
N ALA A 366 38.29 -10.92 -3.05
CA ALA A 366 39.10 -10.20 -4.03
C ALA A 366 38.61 -8.75 -4.26
N PHE A 367 37.29 -8.59 -4.33
CA PHE A 367 36.66 -7.27 -4.46
C PHE A 367 37.04 -6.35 -3.30
N MET A 368 37.17 -6.91 -2.11
CA MET A 368 37.56 -6.13 -0.96
C MET A 368 38.95 -5.69 -1.20
N GLN A 369 39.85 -6.65 -1.34
CA GLN A 369 41.27 -6.41 -1.57
C GLN A 369 41.44 -5.15 -2.43
N ALA A 370 40.88 -5.22 -3.64
CA ALA A 370 40.83 -4.12 -4.62
C ALA A 370 40.29 -2.80 -4.06
N MET A 371 39.08 -2.83 -3.51
CA MET A 371 38.46 -1.61 -3.03
C MET A 371 39.23 -0.91 -1.89
N ILE A 372 39.69 -1.69 -0.94
CA ILE A 372 40.46 -1.13 0.16
C ILE A 372 41.74 -0.46 -0.38
N GLY A 373 42.35 -1.07 -1.39
CA GLY A 373 43.56 -0.52 -1.98
C GLY A 373 43.31 0.81 -2.65
N HIS A 374 42.20 0.85 -3.40
CA HIS A 374 41.81 2.02 -4.16
C HIS A 374 41.49 3.20 -3.23
N LEU A 375 40.64 2.95 -2.23
CA LEU A 375 40.23 3.99 -1.29
C LEU A 375 41.40 4.51 -0.45
N LYS A 376 42.37 3.64 -0.18
CA LYS A 376 43.58 4.04 0.56
C LYS A 376 44.43 5.00 -0.25
N GLU A 377 44.48 4.78 -1.56
CA GLU A 377 45.24 5.63 -2.49
C GLU A 377 44.59 7.00 -2.68
N LEU A 378 43.26 7.03 -2.78
CA LEU A 378 42.48 8.27 -2.84
C LEU A 378 42.44 8.96 -1.49
N GLU A 379 43.16 8.37 -0.53
CA GLU A 379 43.34 8.88 0.83
C GLU A 379 42.03 9.10 1.61
N HIS A 380 41.09 8.15 1.50
CA HIS A 380 40.03 8.09 2.46
C HIS A 380 40.63 7.57 3.78
N ARG A 381 40.36 8.29 4.87
CA ARG A 381 40.73 7.87 6.21
C ARG A 381 40.24 6.44 6.49
N ASP A 382 41.00 5.67 7.25
CA ASP A 382 40.58 4.33 7.62
C ASP A 382 39.26 4.31 8.38
N ASP A 383 39.03 5.33 9.20
CA ASP A 383 37.77 5.50 9.95
C ASP A 383 36.59 5.58 9.02
N MET A 384 36.83 6.00 7.79
CA MET A 384 35.73 6.22 6.85
C MET A 384 35.48 5.04 5.91
N ILE A 385 36.43 4.11 5.87
CA ILE A 385 36.29 2.89 5.08
C ILE A 385 35.86 1.76 5.97
N HIS A 386 34.76 1.09 5.64
CA HIS A 386 34.31 -0.11 6.36
C HIS A 386 33.86 -1.22 5.41
N TYR A 387 34.20 -2.46 5.78
CA TYR A 387 34.04 -3.55 4.82
C TYR A 387 33.69 -4.86 5.49
N GLU A 388 33.06 -5.76 4.74
CA GLU A 388 32.66 -7.10 5.22
C GLU A 388 32.86 -8.09 4.08
N PRO A 389 33.91 -8.91 4.16
CA PRO A 389 34.20 -9.87 3.07
C PRO A 389 33.34 -11.12 3.15
N PHE A 390 33.02 -11.70 1.99
CA PHE A 390 32.27 -12.97 1.91
C PHE A 390 33.20 -14.17 1.91
N GLY A 391 34.30 -14.01 2.65
CA GLY A 391 35.22 -15.07 3.01
C GLY A 391 35.98 -14.64 4.25
N PRO A 392 37.12 -15.29 4.52
CA PRO A 392 37.95 -14.96 5.69
C PRO A 392 38.57 -13.54 5.67
N LYS A 393 38.18 -12.72 6.64
CA LYS A 393 38.71 -11.36 6.80
C LYS A 393 40.19 -11.27 7.30
N MET A 394 40.72 -12.34 7.91
CA MET A 394 42.13 -12.35 8.32
C MET A 394 43.08 -12.31 7.11
N SER A 395 42.52 -12.40 5.90
CA SER A 395 43.30 -12.32 4.67
C SER A 395 42.92 -11.11 3.81
N THR A 396 42.19 -10.17 4.40
CA THR A 396 41.94 -8.86 3.79
C THR A 396 42.44 -7.73 4.69
N VAL A 397 43.49 -8.02 5.47
CA VAL A 397 44.24 -7.01 6.21
C VAL A 397 45.71 -7.31 5.97
N GLN A 398 46.44 -6.31 5.49
CA GLN A 398 47.85 -6.43 5.11
C GLN A 398 48.07 -7.54 4.06
N MET B 1 33.83 45.53 25.73
CA MET B 1 32.93 46.03 24.64
C MET B 1 32.42 47.49 24.87
N LEU B 2 31.56 47.67 25.88
CA LEU B 2 30.98 48.98 26.24
C LEU B 2 31.64 49.36 27.56
N ALA B 3 31.99 50.64 27.74
CA ALA B 3 32.88 51.08 28.84
C ALA B 3 32.26 51.04 30.26
N GLU B 4 33.06 50.79 31.30
CA GLU B 4 32.52 50.59 32.67
C GLU B 4 31.52 51.67 33.13
N LYS B 5 31.66 52.87 32.57
CA LYS B 5 30.77 54.01 32.83
C LYS B 5 29.35 53.71 32.34
N THR B 6 29.22 53.48 31.03
CA THR B 6 27.93 53.25 30.42
C THR B 6 27.29 51.93 30.86
N ARG B 7 28.07 51.08 31.52
CA ARG B 7 27.55 49.84 32.10
C ARG B 7 27.02 50.04 33.50
N SER B 8 27.60 50.98 34.23
CA SER B 8 27.11 51.36 35.53
C SER B 8 25.74 52.04 35.41
N ILE B 9 25.64 53.03 34.53
CA ILE B 9 24.39 53.73 34.26
C ILE B 9 23.26 52.73 34.03
N ILE B 10 23.52 51.75 33.17
CA ILE B 10 22.55 50.71 32.85
C ILE B 10 22.05 50.01 34.12
N LYS B 11 22.97 49.50 34.93
CA LYS B 11 22.61 48.80 36.16
C LYS B 11 21.81 49.70 37.11
N ALA B 12 22.29 50.94 37.30
CA ALA B 12 21.68 51.94 38.19
C ALA B 12 20.28 52.41 37.81
N THR B 13 19.93 52.33 36.52
CA THR B 13 18.65 52.82 36.04
C THR B 13 17.64 51.72 35.70
N VAL B 14 17.97 50.47 36.02
CA VAL B 14 17.05 49.36 35.78
C VAL B 14 15.85 49.44 36.74
N PRO B 15 16.08 49.89 37.98
CA PRO B 15 14.95 50.01 38.91
C PRO B 15 13.88 51.00 38.43
N VAL B 16 14.28 52.05 37.72
CA VAL B 16 13.32 53.03 37.21
C VAL B 16 12.55 52.45 36.03
N LEU B 17 13.26 51.84 35.08
CA LEU B 17 12.62 51.22 33.91
C LEU B 17 11.79 50.00 34.25
N GLU B 18 12.20 49.25 35.27
CA GLU B 18 11.41 48.12 35.75
C GLU B 18 10.08 48.64 36.34
N GLN B 19 10.16 49.72 37.10
CA GLN B 19 8.98 50.31 37.72
C GLN B 19 8.09 51.02 36.68
N GLN B 20 8.72 51.57 35.64
CA GLN B 20 8.00 52.36 34.65
C GLN B 20 7.84 51.60 33.36
N GLY B 21 8.03 50.28 33.42
CA GLY B 21 7.88 49.35 32.28
C GLY B 21 6.64 49.50 31.42
N THR B 22 5.47 49.17 31.98
CA THR B 22 4.18 49.25 31.26
C THR B 22 3.99 50.58 30.53
N VAL B 23 4.19 51.69 31.22
CA VAL B 23 4.05 53.01 30.61
C VAL B 23 4.99 53.19 29.41
N ILE B 24 6.29 52.91 29.58
CA ILE B 24 7.26 53.07 28.51
C ILE B 24 6.86 52.23 27.30
N THR B 25 6.62 50.95 27.54
CA THR B 25 6.34 50.06 26.42
C THR B 25 5.04 50.45 25.71
N ARG B 26 4.10 50.99 26.46
CA ARG B 26 2.86 51.50 25.84
C ARG B 26 3.18 52.69 24.92
N THR B 27 4.01 53.61 25.43
CA THR B 27 4.42 54.79 24.70
C THR B 27 5.23 54.38 23.47
N PHE B 28 6.20 53.47 23.66
CA PHE B 28 6.93 52.86 22.56
C PHE B 28 6.02 52.42 21.38
N TYR B 29 4.99 51.60 21.64
CA TYR B 29 4.15 51.05 20.55
C TYR B 29 3.24 52.13 19.98
N LYS B 30 2.63 52.92 20.85
CA LYS B 30 1.80 54.01 20.39
C LYS B 30 2.55 54.83 19.35
N ASN B 31 3.75 55.31 19.72
CA ASN B 31 4.52 56.20 18.86
C ASN B 31 5.04 55.51 17.62
N MET B 32 5.90 54.52 17.80
CA MET B 32 6.48 53.77 16.70
C MET B 32 5.43 53.35 15.66
N LEU B 33 4.36 52.70 16.10
CA LEU B 33 3.37 52.15 15.16
C LEU B 33 2.47 53.16 14.48
N THR B 34 2.23 54.32 15.07
CA THR B 34 1.47 55.34 14.35
C THR B 34 2.37 56.28 13.54
N GLU B 35 3.68 56.21 13.74
CA GLU B 35 4.61 56.84 12.80
C GLU B 35 4.86 55.91 11.62
N HIS B 36 5.50 54.78 11.87
CA HIS B 36 5.74 53.77 10.82
C HIS B 36 4.60 52.75 10.73
N THR B 37 3.52 53.11 10.04
CA THR B 37 2.32 52.27 10.01
C THR B 37 2.51 50.95 9.26
N GLU B 38 3.49 50.90 8.36
CA GLU B 38 3.80 49.67 7.59
C GLU B 38 4.22 48.55 8.53
N LEU B 39 4.73 48.91 9.70
CA LEU B 39 5.23 47.96 10.66
C LEU B 39 4.09 47.10 11.18
N LEU B 40 2.86 47.56 11.03
CA LEU B 40 1.69 46.74 11.40
C LEU B 40 1.54 45.51 10.49
N ASN B 41 2.48 45.33 9.55
CA ASN B 41 2.52 44.14 8.69
C ASN B 41 3.48 43.13 9.32
N ILE B 42 4.06 43.51 10.44
CA ILE B 42 5.00 42.64 11.12
C ILE B 42 4.49 42.39 12.53
N PHE B 43 4.21 43.47 13.27
CA PHE B 43 3.77 43.30 14.64
C PHE B 43 2.33 42.87 14.64
N ASN B 44 1.98 42.07 15.63
CA ASN B 44 0.61 41.66 15.92
C ASN B 44 0.05 42.53 17.06
N ARG B 45 -0.92 43.38 16.75
CA ARG B 45 -1.37 44.36 17.73
C ARG B 45 -1.97 43.68 18.98
N THR B 46 -2.48 42.47 18.80
CA THR B 46 -3.18 41.74 19.87
C THR B 46 -2.22 41.24 20.95
N ASN B 47 -0.99 40.96 20.58
CA ASN B 47 0.04 40.54 21.56
C ASN B 47 0.15 41.49 22.77
N GLN B 48 0.05 42.80 22.53
CA GLN B 48 0.20 43.76 23.63
C GLN B 48 -1.00 43.87 24.57
N LYS B 49 -2.13 43.34 24.13
CA LYS B 49 -3.38 43.44 24.88
C LYS B 49 -3.84 42.11 25.48
N VAL B 50 -3.06 41.05 25.27
CA VAL B 50 -3.45 39.69 25.70
C VAL B 50 -2.35 38.95 26.47
N GLY B 51 -1.38 38.40 25.73
CA GLY B 51 -0.39 37.47 26.27
C GLY B 51 0.69 38.07 27.15
N ALA B 52 1.92 37.60 26.97
CA ALA B 52 3.13 38.03 27.72
C ALA B 52 3.92 39.13 27.02
N GLN B 53 3.45 40.36 27.20
CA GLN B 53 4.11 41.56 26.68
C GLN B 53 3.82 42.85 27.52
N PRO B 54 3.12 42.74 28.66
CA PRO B 54 3.03 43.88 29.59
C PRO B 54 4.28 44.05 30.46
N ASN B 55 4.94 42.93 30.78
CA ASN B 55 6.16 42.94 31.57
C ASN B 55 7.39 42.67 30.70
N ALA B 56 7.18 42.65 29.38
CA ALA B 56 8.21 42.26 28.41
C ALA B 56 9.46 43.12 28.50
N LEU B 57 9.30 44.45 28.42
CA LEU B 57 10.46 45.35 28.50
C LEU B 57 11.34 44.99 29.69
N ALA B 58 10.75 44.97 30.90
CA ALA B 58 11.45 44.65 32.16
C ALA B 58 11.93 43.20 32.24
N THR B 59 11.45 42.35 31.33
CA THR B 59 12.01 41.01 31.19
C THR B 59 13.28 41.12 30.36
N THR B 60 13.16 41.70 29.17
CA THR B 60 14.27 41.81 28.22
C THR B 60 15.27 42.91 28.55
N VAL B 61 14.86 43.88 29.38
CA VAL B 61 15.75 44.95 29.84
C VAL B 61 16.47 44.56 31.13
N LEU B 62 15.73 43.98 32.08
CA LEU B 62 16.30 43.48 33.33
C LEU B 62 17.30 42.36 33.04
N ALA B 63 16.96 41.47 32.11
CA ALA B 63 17.87 40.40 31.69
C ALA B 63 19.18 40.96 31.13
N ALA B 64 19.07 41.82 30.11
CA ALA B 64 20.22 42.52 29.53
C ALA B 64 21.01 43.27 30.61
N ALA B 65 20.38 44.29 31.18
CA ALA B 65 21.00 45.11 32.24
C ALA B 65 21.66 44.31 33.36
N LYS B 66 21.06 43.20 33.76
CA LYS B 66 21.63 42.38 34.84
C LYS B 66 22.78 41.55 34.33
N ASN B 67 22.72 41.14 33.07
CA ASN B 67 23.78 40.37 32.42
C ASN B 67 24.67 41.20 31.49
N ILE B 68 24.73 42.50 31.76
CA ILE B 68 25.43 43.43 30.88
C ILE B 68 26.93 43.19 30.94
N ASP B 69 27.40 42.73 32.11
CA ASP B 69 28.78 42.33 32.31
C ASP B 69 29.22 41.26 31.29
N ASP B 70 28.38 40.24 31.10
CA ASP B 70 28.65 39.20 30.12
C ASP B 70 27.37 38.79 29.40
N LEU B 71 27.16 39.36 28.21
CA LEU B 71 25.94 39.15 27.46
C LEU B 71 25.86 37.77 26.81
N SER B 72 26.99 37.09 26.72
CA SER B 72 27.05 35.79 26.09
C SER B 72 26.26 34.71 26.86
N VAL B 73 26.05 34.92 28.16
CA VAL B 73 25.33 33.96 29.00
C VAL B 73 23.87 33.81 28.57
N LEU B 74 23.41 34.72 27.71
CA LEU B 74 22.03 34.71 27.21
C LEU B 74 21.87 34.13 25.81
N MET B 75 23.00 33.69 25.24
CA MET B 75 23.08 33.25 23.86
C MET B 75 22.06 32.18 23.45
N ASP B 76 21.73 31.28 24.40
CA ASP B 76 20.73 30.26 24.13
C ASP B 76 19.37 30.86 23.86
N HIS B 77 18.98 31.83 24.68
CA HIS B 77 17.69 32.52 24.55
C HIS B 77 17.62 33.40 23.31
N VAL B 78 18.78 33.93 22.91
CA VAL B 78 18.89 34.76 21.73
C VAL B 78 18.62 33.91 20.49
N LYS B 79 19.26 32.73 20.46
CA LYS B 79 19.05 31.77 19.38
C LYS B 79 17.56 31.42 19.21
N GLN B 80 16.87 31.16 20.31
CA GLN B 80 15.43 30.85 20.28
C GLN B 80 14.54 31.99 19.73
N ILE B 81 14.89 33.25 20.01
CA ILE B 81 14.20 34.41 19.44
C ILE B 81 14.52 34.52 17.97
N GLY B 82 15.79 34.24 17.65
CA GLY B 82 16.36 34.37 16.30
C GLY B 82 15.58 33.67 15.22
N HIS B 83 15.33 32.39 15.47
CA HIS B 83 14.46 31.59 14.62
C HIS B 83 13.14 32.30 14.28
N LYS B 84 12.48 32.85 15.30
CA LYS B 84 11.25 33.59 15.11
C LYS B 84 11.48 34.83 14.27
N HIS B 85 12.55 35.55 14.58
CA HIS B 85 12.85 36.80 13.89
C HIS B 85 13.07 36.55 12.40
N ARG B 86 14.02 35.68 12.09
CA ARG B 86 14.29 35.27 10.71
C ARG B 86 12.98 34.80 10.07
N ALA B 87 12.33 33.83 10.72
CA ALA B 87 11.05 33.35 10.22
C ALA B 87 10.20 34.53 9.79
N LEU B 88 10.19 35.59 10.63
CA LEU B 88 9.29 36.75 10.47
C LEU B 88 9.88 37.84 9.57
N GLN B 89 11.04 37.56 8.98
CA GLN B 89 11.65 38.49 8.02
C GLN B 89 12.16 39.80 8.67
N ILE B 90 12.55 39.70 9.94
CA ILE B 90 13.19 40.82 10.64
C ILE B 90 14.64 41.03 10.09
N LYS B 91 14.90 42.22 9.56
CA LYS B 91 16.17 42.50 8.85
C LYS B 91 17.06 43.46 9.62
N PRO B 92 18.37 43.46 9.38
CA PRO B 92 19.24 44.41 10.08
C PRO B 92 18.64 45.84 10.16
N GLU B 93 18.08 46.28 9.03
CA GLU B 93 17.46 47.60 8.87
C GLU B 93 16.28 47.90 9.81
N HIS B 94 15.62 46.88 10.34
CA HIS B 94 14.51 47.10 11.26
C HIS B 94 15.03 47.60 12.62
N TYR B 95 16.20 47.10 13.01
CA TYR B 95 16.70 47.31 14.35
C TYR B 95 16.85 48.75 14.82
N PRO B 96 17.42 49.62 13.97
CA PRO B 96 17.56 51.03 14.34
C PRO B 96 16.21 51.69 14.65
N ILE B 97 15.15 51.34 13.89
CA ILE B 97 13.82 51.87 14.13
C ILE B 97 13.45 51.61 15.59
N VAL B 98 13.37 50.34 15.97
CA VAL B 98 13.14 49.97 17.37
C VAL B 98 14.00 50.80 18.34
N GLY B 99 15.32 50.73 18.20
CA GLY B 99 16.20 51.53 19.06
C GLY B 99 15.85 53.01 19.13
N GLU B 100 15.60 53.61 17.96
CA GLU B 100 15.24 55.02 17.88
C GLU B 100 14.06 55.33 18.78
N TYR B 101 13.02 54.51 18.71
CA TYR B 101 11.80 54.74 19.48
C TYR B 101 11.90 54.29 20.92
N LEU B 102 12.76 53.34 21.21
CA LEU B 102 13.02 52.92 22.58
C LEU B 102 13.56 54.10 23.38
N LEU B 103 14.55 54.79 22.83
CA LEU B 103 15.10 55.99 23.49
C LEU B 103 14.06 57.11 23.54
N LYS B 104 13.34 57.31 22.45
CA LYS B 104 12.27 58.30 22.40
C LYS B 104 11.24 58.05 23.48
N ALA B 105 10.89 56.78 23.69
CA ALA B 105 9.95 56.41 24.75
C ALA B 105 10.47 56.77 26.14
N ILE B 106 11.70 56.34 26.44
CA ILE B 106 12.31 56.63 27.73
C ILE B 106 12.29 58.15 28.02
N LYS B 107 12.70 58.94 27.04
CA LYS B 107 12.74 60.40 27.17
C LYS B 107 11.35 60.92 27.48
N GLU B 108 10.34 60.40 26.80
CA GLU B 108 8.98 60.84 27.05
C GLU B 108 8.49 60.55 28.47
N VAL B 109 8.92 59.44 29.04
CA VAL B 109 8.41 58.97 30.33
C VAL B 109 9.26 59.49 31.50
N LEU B 110 10.57 59.52 31.32
CA LEU B 110 11.43 59.88 32.41
C LEU B 110 11.64 61.39 32.52
N GLY B 111 11.41 62.10 31.42
CA GLY B 111 11.63 63.55 31.37
C GLY B 111 13.08 63.99 31.60
N ASP B 112 13.28 64.94 32.52
CA ASP B 112 14.61 65.47 32.79
C ASP B 112 15.48 64.50 33.58
N ALA B 113 14.88 63.41 34.06
CA ALA B 113 15.62 62.35 34.73
C ALA B 113 16.41 61.52 33.72
N ALA B 114 15.87 61.41 32.51
CA ALA B 114 16.57 60.79 31.39
C ALA B 114 17.53 61.81 30.78
N THR B 115 18.69 61.95 31.42
CA THR B 115 19.72 62.87 30.96
C THR B 115 20.35 62.40 29.64
N PRO B 116 21.14 63.26 29.00
CA PRO B 116 21.90 62.87 27.82
C PRO B 116 22.85 61.69 28.04
N GLU B 117 23.40 61.50 29.24
CA GLU B 117 24.26 60.34 29.48
C GLU B 117 23.45 59.06 29.67
N ILE B 118 22.26 59.18 30.26
CA ILE B 118 21.35 58.05 30.45
C ILE B 118 20.88 57.57 29.09
N ILE B 119 20.33 58.47 28.29
CA ILE B 119 19.95 58.15 26.91
C ILE B 119 21.12 57.54 26.12
N ASN B 120 22.28 58.20 26.21
CA ASN B 120 23.46 57.77 25.49
C ASN B 120 23.84 56.35 25.86
N ALA B 121 23.92 56.07 27.16
CA ALA B 121 24.24 54.74 27.67
C ALA B 121 23.28 53.66 27.18
N TRP B 122 22.01 53.98 27.02
CA TRP B 122 21.07 52.99 26.54
C TRP B 122 21.18 52.86 25.03
N GLY B 123 21.42 53.99 24.35
CA GLY B 123 21.66 53.97 22.91
C GLY B 123 22.74 52.95 22.62
N GLU B 124 23.84 53.08 23.37
CA GLU B 124 24.98 52.18 23.28
C GLU B 124 24.60 50.74 23.62
N ALA B 125 23.97 50.54 24.77
CA ALA B 125 23.57 49.19 25.23
C ALA B 125 22.72 48.48 24.19
N TYR B 126 21.79 49.23 23.60
CA TYR B 126 20.92 48.70 22.57
C TYR B 126 21.70 48.14 21.37
N GLN B 127 22.59 48.93 20.76
CA GLN B 127 23.28 48.45 19.56
C GLN B 127 24.08 47.20 19.87
N ALA B 128 24.58 47.11 21.11
CA ALA B 128 25.39 45.96 21.55
C ALA B 128 24.52 44.73 21.61
N ILE B 129 23.28 44.92 22.04
CA ILE B 129 22.31 43.85 22.09
C ILE B 129 21.83 43.50 20.67
N ALA B 130 21.45 44.51 19.89
CA ALA B 130 20.94 44.26 18.54
C ALA B 130 22.02 43.59 17.69
N ASP B 131 23.28 43.89 17.97
CA ASP B 131 24.38 43.34 17.21
C ASP B 131 24.52 41.86 17.40
N ILE B 132 24.21 41.38 18.60
CA ILE B 132 24.16 39.95 18.84
C ILE B 132 23.03 39.33 18.00
N PHE B 133 21.87 39.97 17.99
CA PHE B 133 20.72 39.44 17.24
C PHE B 133 20.96 39.38 15.73
N ILE B 134 21.38 40.50 15.17
CA ILE B 134 21.65 40.59 13.75
C ILE B 134 22.62 39.49 13.35
N THR B 135 23.71 39.33 14.12
CA THR B 135 24.68 38.27 13.87
C THR B 135 24.11 36.88 13.97
N VAL B 136 23.35 36.59 15.02
CA VAL B 136 22.72 35.27 15.14
C VAL B 136 21.82 35.07 13.94
N GLU B 137 20.99 36.08 13.65
CA GLU B 137 20.00 35.97 12.57
C GLU B 137 20.58 35.91 11.15
N LYS B 138 21.77 36.50 10.96
CA LYS B 138 22.41 36.48 9.65
C LYS B 138 22.67 35.05 9.25
N LYS B 139 23.28 34.28 10.16
CA LYS B 139 23.61 32.88 9.91
C LYS B 139 22.37 32.08 9.54
N MET B 140 21.28 32.34 10.26
CA MET B 140 19.98 31.71 10.04
C MET B 140 19.42 32.02 8.65
N TYR B 141 19.52 33.28 8.25
CA TYR B 141 19.12 33.68 6.90
C TYR B 141 19.88 32.94 5.82
N GLU B 142 21.21 32.88 5.94
CA GLU B 142 21.99 32.20 4.92
C GLU B 142 21.82 30.69 4.98
N GLU B 143 21.19 30.18 6.03
CA GLU B 143 20.99 28.74 6.16
C GLU B 143 19.56 28.29 5.92
N ALA B 144 18.65 29.21 5.64
CA ALA B 144 17.23 28.84 5.39
C ALA B 144 16.97 28.03 4.09
N LEU B 145 16.11 27.01 4.18
CA LEU B 145 15.79 26.17 3.03
C LEU B 145 15.25 26.96 1.80
N TRP B 146 14.81 28.20 2.02
CA TRP B 146 14.45 29.12 0.91
C TRP B 146 14.32 30.56 1.38
N PRO B 147 14.53 31.54 0.50
CA PRO B 147 14.59 32.95 0.94
C PRO B 147 13.22 33.59 1.04
N GLY B 148 13.00 34.36 2.11
CA GLY B 148 11.75 35.08 2.34
C GLY B 148 10.47 34.31 2.11
N TRP B 149 9.39 35.03 1.76
CA TRP B 149 8.07 34.42 1.58
C TRP B 149 7.96 33.83 0.19
N LYS B 150 7.46 32.60 0.11
CA LYS B 150 7.23 32.01 -1.20
C LYS B 150 5.80 31.50 -1.28
N PRO B 151 5.21 31.57 -2.48
CA PRO B 151 3.83 31.15 -2.68
C PRO B 151 3.68 29.61 -2.78
N PHE B 152 2.80 29.09 -1.92
CA PHE B 152 2.44 27.70 -1.89
C PHE B 152 0.99 27.57 -2.24
N GLU B 153 0.56 26.37 -2.56
CA GLU B 153 -0.81 26.14 -2.88
C GLU B 153 -1.39 25.16 -1.88
N ILE B 154 -2.61 25.45 -1.41
CA ILE B 154 -3.27 24.57 -0.47
C ILE B 154 -3.76 23.37 -1.28
N THR B 155 -3.15 22.18 -1.06
CA THR B 155 -3.57 20.92 -1.77
C THR B 155 -4.51 19.96 -0.99
N ALA B 156 -4.59 20.13 0.35
CA ALA B 156 -5.58 19.41 1.18
C ALA B 156 -5.89 20.05 2.54
N LYS B 157 -7.16 19.93 2.92
CA LYS B 157 -7.69 20.42 4.16
C LYS B 157 -8.46 19.29 4.79
N GLU B 158 -7.99 18.86 5.95
CA GLU B 158 -8.51 17.67 6.66
C GLU B 158 -8.65 17.87 8.19
N TYR B 159 -9.81 17.60 8.74
CA TYR B 159 -9.94 17.70 10.18
C TYR B 159 -9.26 16.52 10.85
N VAL B 160 -8.41 16.80 11.82
CA VAL B 160 -7.75 15.74 12.53
C VAL B 160 -8.10 15.83 14.01
N ALA B 161 -9.22 16.49 14.27
CA ALA B 161 -9.94 16.51 15.55
C ALA B 161 -11.10 17.45 15.31
N SER B 162 -12.02 17.54 16.26
CA SER B 162 -13.25 18.33 16.09
C SER B 162 -13.00 19.75 15.69
N ASP B 163 -11.92 20.32 16.20
CA ASP B 163 -11.55 21.71 15.92
C ASP B 163 -10.07 21.95 15.59
N ILE B 164 -9.41 20.92 15.04
CA ILE B 164 -8.07 21.08 14.45
C ILE B 164 -8.08 20.62 12.98
N VAL B 165 -7.77 21.53 12.04
CA VAL B 165 -7.57 21.10 10.64
C VAL B 165 -6.12 20.95 10.33
N GLU B 166 -5.84 19.96 9.48
CA GLU B 166 -4.50 19.80 8.94
C GLU B 166 -4.40 20.21 7.47
N PHE B 167 -3.60 21.25 7.25
CA PHE B 167 -3.32 21.74 5.91
C PHE B 167 -2.13 20.97 5.37
N THR B 168 -2.33 20.36 4.20
CA THR B 168 -1.18 19.95 3.42
C THR B 168 -0.98 20.94 2.24
N VAL B 169 0.26 21.38 2.11
CA VAL B 169 0.65 22.51 1.27
C VAL B 169 1.80 22.18 0.24
N LYS B 170 1.71 22.68 -1.00
CA LYS B 170 2.74 22.40 -2.04
C LYS B 170 3.23 23.68 -2.67
N PRO B 171 4.55 23.82 -2.88
CA PRO B 171 5.11 25.09 -3.46
C PRO B 171 4.66 25.33 -4.87
N LYS B 172 4.39 26.59 -5.19
CA LYS B 172 3.85 26.91 -6.50
C LYS B 172 4.93 26.98 -7.58
N PHE B 173 4.55 26.78 -8.83
CA PHE B 173 5.53 26.87 -9.93
C PHE B 173 6.33 28.17 -9.93
N GLY B 174 7.65 28.04 -10.06
CA GLY B 174 8.50 29.20 -10.07
C GLY B 174 8.78 29.79 -8.70
N SER B 175 8.38 29.10 -7.64
CA SER B 175 8.81 29.45 -6.31
C SER B 175 10.27 29.05 -6.13
N GLY B 176 10.78 28.22 -7.06
CA GLY B 176 12.09 27.59 -6.95
C GLY B 176 12.29 26.66 -5.74
N ILE B 177 11.26 25.94 -5.33
CA ILE B 177 11.39 25.02 -4.22
C ILE B 177 10.95 23.63 -4.67
N GLU B 178 11.88 22.67 -4.78
CA GLU B 178 11.50 21.27 -4.99
C GLU B 178 11.23 20.58 -3.66
N LEU B 179 10.00 20.10 -3.49
CA LEU B 179 9.56 19.39 -2.31
C LEU B 179 10.57 18.38 -1.78
N GLU B 180 10.80 17.26 -2.46
CA GLU B 180 11.77 16.31 -1.94
C GLU B 180 13.12 16.96 -2.07
N SER B 181 14.05 16.60 -1.21
CA SER B 181 15.31 17.35 -1.01
C SER B 181 15.07 18.72 -0.35
N LEU B 182 14.29 18.71 0.74
CA LEU B 182 14.11 19.84 1.66
C LEU B 182 14.32 19.23 3.03
N PRO B 183 15.50 19.40 3.63
CA PRO B 183 15.77 18.68 4.87
C PRO B 183 15.02 19.28 6.06
N ILE B 184 14.02 18.56 6.55
CA ILE B 184 13.27 19.05 7.70
C ILE B 184 13.57 18.19 8.95
N THR B 185 13.85 18.87 10.06
CA THR B 185 14.10 18.19 11.33
C THR B 185 12.82 18.22 12.11
N PRO B 186 12.26 17.05 12.45
CA PRO B 186 10.95 17.04 13.13
C PRO B 186 11.03 17.87 14.40
N GLY B 187 10.04 18.75 14.60
CA GLY B 187 10.08 19.77 15.66
C GLY B 187 10.28 21.18 15.15
N GLN B 188 10.56 21.31 13.84
CA GLN B 188 10.58 22.61 13.18
C GLN B 188 9.15 23.10 12.88
N TYR B 189 8.94 24.40 12.87
CA TYR B 189 7.65 24.94 12.46
C TYR B 189 7.91 25.73 11.18
N ILE B 190 6.84 25.96 10.40
CA ILE B 190 6.95 26.96 9.35
C ILE B 190 6.16 28.17 9.83
N THR B 191 6.15 29.21 9.01
CA THR B 191 5.44 30.44 9.35
C THR B 191 4.59 30.84 8.17
N VAL B 192 3.34 31.24 8.40
CA VAL B 192 2.54 31.75 7.29
C VAL B 192 2.41 33.26 7.27
N ASN B 193 2.22 33.80 6.07
CA ASN B 193 1.89 35.19 5.85
C ASN B 193 0.52 35.31 5.14
N THR B 194 -0.51 35.57 5.94
CA THR B 194 -1.90 35.60 5.44
C THR B 194 -2.37 37.01 5.53
N HIS B 195 -3.56 37.29 5.02
CA HIS B 195 -4.16 38.63 5.19
C HIS B 195 -5.66 38.52 5.41
N PRO B 196 -6.07 38.14 6.63
CA PRO B 196 -7.47 37.91 6.97
C PRO B 196 -8.49 38.93 6.42
N ILE B 197 -9.64 38.42 6.00
CA ILE B 197 -10.66 39.28 5.44
C ILE B 197 -11.69 39.71 6.49
N ARG B 198 -11.73 38.97 7.59
CA ARG B 198 -12.69 39.22 8.70
C ARG B 198 -12.18 40.25 9.70
N GLN B 199 -13.09 40.60 10.62
CA GLN B 199 -12.81 41.42 11.77
C GLN B 199 -12.24 42.78 11.43
N GLU B 200 -12.67 43.38 10.31
CA GLU B 200 -12.23 44.73 9.89
C GLU B 200 -10.72 44.80 9.66
N ASN B 201 -10.06 43.66 9.51
CA ASN B 201 -8.60 43.62 9.48
C ASN B 201 -8.05 44.22 8.20
N GLN B 202 -6.92 44.91 8.30
CA GLN B 202 -6.34 45.59 7.14
C GLN B 202 -4.87 45.29 6.87
N TYR B 203 -4.27 44.39 7.64
CA TYR B 203 -2.84 44.15 7.52
C TYR B 203 -2.50 42.65 7.43
N ASP B 204 -1.24 42.38 7.17
CA ASP B 204 -0.84 41.00 7.21
C ASP B 204 -0.78 40.45 8.64
N ALA B 205 -0.95 39.15 8.73
CA ALA B 205 -0.88 38.41 9.98
C ALA B 205 0.04 37.19 9.79
N LEU B 206 1.08 37.17 10.61
CA LEU B 206 2.07 36.15 10.53
C LEU B 206 1.95 35.23 11.73
N ARG B 207 1.83 33.93 11.49
CA ARG B 207 1.83 32.97 12.62
C ARG B 207 2.60 31.70 12.32
N HIS B 208 3.38 31.25 13.31
CA HIS B 208 4.04 29.94 13.27
C HIS B 208 3.11 28.68 13.42
N TYR B 209 3.27 27.69 12.55
CA TYR B 209 2.63 26.42 12.77
C TYR B 209 3.59 25.28 12.60
N SER B 210 3.75 24.50 13.68
CA SER B 210 4.53 23.24 13.70
C SER B 210 4.19 22.28 12.59
N LEU B 211 5.19 21.82 11.82
CA LEU B 211 5.01 20.74 10.82
C LEU B 211 4.58 19.40 11.47
N CYS B 212 3.66 18.65 10.86
CA CYS B 212 3.21 17.38 11.45
C CYS B 212 4.13 16.25 11.14
N SER B 213 4.93 16.42 10.11
CA SER B 213 5.79 15.38 9.62
C SER B 213 7.04 16.01 9.03
N ALA B 214 8.13 15.26 9.10
CA ALA B 214 9.36 15.71 8.47
C ALA B 214 9.34 15.30 7.03
N SER B 215 8.44 14.39 6.68
CA SER B 215 8.27 13.97 5.30
C SER B 215 7.61 15.04 4.43
N THR B 216 8.18 15.26 3.25
CA THR B 216 7.77 16.36 2.38
C THR B 216 7.30 15.87 1.01
N LYS B 217 7.51 14.60 0.71
CA LYS B 217 7.17 14.06 -0.60
C LYS B 217 5.79 14.52 -1.13
N ASN B 218 4.75 14.40 -0.29
CA ASN B 218 3.36 14.80 -0.67
C ASN B 218 2.94 16.19 -0.25
N GLY B 219 3.88 16.98 0.25
CA GLY B 219 3.59 18.34 0.66
C GLY B 219 4.06 18.59 2.07
N LEU B 220 3.99 19.82 2.52
CA LEU B 220 4.25 20.13 3.90
C LEU B 220 2.93 20.01 4.62
N ARG B 221 2.94 19.44 5.83
CA ARG B 221 1.74 19.33 6.62
C ARG B 221 1.85 20.14 7.92
N PHE B 222 0.86 20.98 8.17
CA PHE B 222 0.72 21.64 9.47
C PHE B 222 -0.73 21.65 9.88
N ALA B 223 -0.91 21.75 11.19
CA ALA B 223 -2.26 21.56 11.74
C ALA B 223 -2.61 22.76 12.59
N VAL B 224 -3.79 23.35 12.31
CA VAL B 224 -4.23 24.57 12.98
C VAL B 224 -5.44 24.30 13.90
N LYS B 225 -5.32 24.75 15.16
CA LYS B 225 -6.46 24.68 16.09
C LYS B 225 -7.31 25.93 15.93
N MET B 226 -8.62 25.76 16.00
CA MET B 226 -9.52 26.91 15.96
C MET B 226 -9.61 27.53 17.33
N GLU B 227 -9.07 28.74 17.45
CA GLU B 227 -9.09 29.60 18.62
C GLU B 227 -10.40 30.41 18.56
N ALA B 228 -11.47 29.85 19.12
CA ALA B 228 -12.82 30.41 18.99
C ALA B 228 -13.07 31.59 19.93
N ALA B 229 -14.27 32.18 19.86
CA ALA B 229 -14.60 33.35 20.68
C ALA B 229 -15.35 32.99 22.00
N ARG B 230 -16.39 32.17 21.87
CA ARG B 230 -17.25 31.66 22.96
C ARG B 230 -18.25 32.67 23.57
N GLU B 231 -17.84 33.38 24.62
CA GLU B 231 -18.72 34.31 25.33
C GLU B 231 -18.01 35.65 25.65
N ASN B 232 -16.79 35.81 25.14
CA ASN B 232 -15.92 36.84 25.66
C ASN B 232 -15.36 37.85 24.65
N PHE B 233 -14.16 37.54 24.15
CA PHE B 233 -13.42 38.37 23.23
C PHE B 233 -13.60 37.84 21.81
N PRO B 234 -12.83 38.31 20.82
CA PRO B 234 -13.01 37.82 19.44
C PRO B 234 -12.22 36.54 19.16
N ALA B 235 -12.58 35.83 18.08
CA ALA B 235 -11.82 34.65 17.64
C ALA B 235 -10.39 35.03 17.28
N GLY B 236 -9.46 34.09 17.38
CA GLY B 236 -8.09 34.36 16.91
C GLY B 236 -8.07 34.65 15.41
N LEU B 237 -7.33 35.68 15.01
CA LEU B 237 -7.44 36.25 13.66
C LEU B 237 -7.13 35.28 12.48
N VAL B 238 -5.97 34.61 12.55
CA VAL B 238 -5.49 33.72 11.48
C VAL B 238 -6.09 32.33 11.60
N SER B 239 -6.18 31.81 12.83
CA SER B 239 -6.85 30.53 13.00
C SER B 239 -8.27 30.62 12.42
N GLU B 240 -9.01 31.69 12.63
CA GLU B 240 -10.33 31.76 12.03
C GLU B 240 -10.22 31.86 10.53
N TYR B 241 -9.26 32.64 10.07
CA TYR B 241 -9.10 32.84 8.64
C TYR B 241 -8.82 31.50 7.91
N LEU B 242 -7.81 30.79 8.41
CA LEU B 242 -7.48 29.48 7.93
C LEU B 242 -8.69 28.50 7.94
N HIS B 243 -9.24 28.24 9.11
CA HIS B 243 -10.43 27.43 9.25
C HIS B 243 -11.59 27.84 8.34
N LYS B 244 -11.95 29.12 8.33
CA LYS B 244 -13.20 29.55 7.64
C LYS B 244 -13.01 29.91 6.20
N ASP B 245 -11.87 30.52 5.87
CA ASP B 245 -11.73 31.17 4.57
C ASP B 245 -10.65 30.60 3.61
N ALA B 246 -9.55 30.06 4.13
CA ALA B 246 -8.51 29.43 3.26
C ALA B 246 -9.02 28.14 2.63
N LYS B 247 -9.51 28.19 1.40
CA LYS B 247 -10.02 26.97 0.77
C LYS B 247 -8.89 26.17 0.14
N VAL B 248 -9.07 24.87 -0.04
CA VAL B 248 -8.14 24.06 -0.80
C VAL B 248 -8.08 24.64 -2.21
N GLY B 249 -6.89 24.80 -2.76
CA GLY B 249 -6.75 25.46 -4.08
C GLY B 249 -6.32 26.92 -3.93
N ASP B 250 -6.45 27.47 -2.75
CA ASP B 250 -6.06 28.81 -2.48
C ASP B 250 -4.56 28.87 -2.27
N GLU B 251 -4.01 30.08 -2.38
CA GLU B 251 -2.58 30.31 -2.27
C GLU B 251 -2.28 30.66 -0.80
N ILE B 252 -1.07 30.38 -0.35
CA ILE B 252 -0.63 30.79 0.99
C ILE B 252 0.88 30.99 0.95
N LYS B 253 1.33 32.04 1.64
CA LYS B 253 2.74 32.36 1.66
C LYS B 253 3.41 31.83 2.93
N LEU B 254 4.54 31.13 2.77
CA LEU B 254 5.25 30.57 3.92
C LEU B 254 6.69 30.99 3.86
N SER B 255 7.34 30.93 5.00
CA SER B 255 8.77 31.13 5.06
C SER B 255 9.37 29.82 5.57
N ALA B 256 10.67 29.63 5.33
CA ALA B 256 11.35 28.36 5.53
C ALA B 256 11.27 27.88 6.98
N PRO B 257 11.37 26.56 7.20
CA PRO B 257 11.28 25.98 8.56
C PRO B 257 12.25 26.65 9.56
N ALA B 258 11.78 26.88 10.77
CA ALA B 258 12.56 27.50 11.85
C ALA B 258 12.54 26.63 13.14
N GLY B 259 13.42 26.92 14.11
CA GLY B 259 13.37 26.29 15.45
C GLY B 259 14.44 25.29 15.92
N ASP B 260 14.59 25.06 17.25
CA ASP B 260 15.60 24.14 17.90
C ASP B 260 15.01 22.81 18.35
N PHE B 261 13.71 22.76 18.57
CA PHE B 261 13.09 21.56 19.11
C PHE B 261 13.34 20.33 18.22
N ALA B 262 14.13 19.36 18.71
CA ALA B 262 14.41 18.11 18.00
C ALA B 262 14.72 16.99 18.99
N ILE B 263 14.39 15.73 18.64
CA ILE B 263 14.86 14.60 19.47
C ILE B 263 16.38 14.35 19.41
N ASN B 264 16.92 13.74 20.46
CA ASN B 264 18.34 13.39 20.52
C ASN B 264 18.64 12.31 19.49
N LYS B 265 19.49 12.63 18.53
CA LYS B 265 19.64 11.69 17.44
C LYS B 265 20.46 10.45 17.82
N GLU B 266 21.26 10.56 18.89
CA GLU B 266 22.03 9.44 19.38
C GLU B 266 21.16 8.41 20.07
N LEU B 267 20.03 8.82 20.61
CA LEU B 267 19.18 7.95 21.44
C LEU B 267 18.12 7.24 20.62
N ILE B 268 18.02 7.63 19.35
CA ILE B 268 17.09 7.02 18.41
C ILE B 268 17.47 5.55 18.19
N HIS B 269 18.77 5.32 18.00
CA HIS B 269 19.27 4.03 17.58
C HIS B 269 19.74 3.17 18.76
N GLN B 270 18.88 3.13 19.79
CA GLN B 270 19.09 2.30 20.96
C GLN B 270 17.76 1.98 21.70
N ASN B 271 17.74 0.85 22.40
CA ASN B 271 16.50 0.42 23.03
C ASN B 271 16.47 0.50 24.54
N GLU B 272 17.52 1.05 25.16
CA GLU B 272 17.62 1.06 26.63
C GLU B 272 16.96 2.25 27.33
N VAL B 273 17.15 3.45 26.78
CA VAL B 273 16.59 4.69 27.31
C VAL B 273 15.36 5.02 26.48
N PRO B 274 14.20 4.90 27.08
CA PRO B 274 12.92 5.08 26.37
C PRO B 274 12.72 6.51 25.92
N LEU B 275 11.80 6.71 24.97
CA LEU B 275 11.44 8.06 24.48
C LEU B 275 10.06 8.42 24.98
N VAL B 276 9.96 9.59 25.60
CA VAL B 276 8.67 10.01 26.18
C VAL B 276 8.18 11.25 25.46
N LEU B 277 7.01 11.17 24.86
CA LEU B 277 6.45 12.32 24.14
C LEU B 277 5.22 12.80 24.86
N LEU B 278 5.41 13.88 25.60
CA LEU B 278 4.41 14.41 26.52
C LEU B 278 3.72 15.67 25.97
N SER B 279 2.44 15.55 25.57
CA SER B 279 1.71 16.61 24.87
C SER B 279 0.35 16.95 25.44
N SER B 280 -0.02 18.24 25.35
CA SER B 280 -1.39 18.68 25.57
C SER B 280 -2.00 19.47 24.41
N GLY B 281 -3.28 19.21 24.14
CA GLY B 281 -4.01 19.88 23.05
C GLY B 281 -3.27 19.85 21.74
N VAL B 282 -3.21 20.99 21.05
CA VAL B 282 -2.62 21.09 19.68
C VAL B 282 -1.10 20.92 19.69
N GLY B 283 -0.57 20.97 20.90
CA GLY B 283 0.82 20.69 21.13
C GLY B 283 1.23 19.36 20.58
N VAL B 284 0.30 18.42 20.39
CA VAL B 284 0.67 17.07 19.91
C VAL B 284 1.43 17.08 18.56
N THR B 285 1.35 18.20 17.84
CA THR B 285 1.78 18.27 16.45
C THR B 285 3.28 17.95 16.23
N PRO B 286 4.22 18.70 16.85
CA PRO B 286 5.64 18.38 16.61
C PRO B 286 5.94 16.99 17.16
N LEU B 287 5.14 16.57 18.14
CA LEU B 287 5.37 15.27 18.76
C LEU B 287 4.92 14.15 17.86
N LEU B 288 3.87 14.39 17.09
CA LEU B 288 3.52 13.42 16.07
C LEU B 288 4.70 13.31 15.06
N ALA B 289 5.33 14.43 14.76
CA ALA B 289 6.42 14.45 13.77
C ALA B 289 7.62 13.73 14.33
N MET B 290 7.74 13.83 15.65
CA MET B 290 8.84 13.18 16.29
C MET B 290 8.56 11.67 16.35
N LEU B 291 7.31 11.32 16.65
CA LEU B 291 6.97 9.93 16.78
C LEU B 291 7.29 9.28 15.43
N GLU B 292 6.76 9.85 14.35
CA GLU B 292 6.98 9.32 12.99
C GLU B 292 8.45 9.04 12.71
N GLU B 293 9.33 9.91 13.22
CA GLU B 293 10.77 9.73 13.07
C GLU B 293 11.30 8.52 13.84
N GLN B 294 10.92 8.39 15.11
CA GLN B 294 11.39 7.26 15.88
C GLN B 294 10.91 5.90 15.26
N VAL B 295 9.62 5.82 14.97
CA VAL B 295 9.00 4.62 14.43
C VAL B 295 9.67 4.23 13.16
N LYS B 296 10.12 5.22 12.40
CA LYS B 296 10.74 4.91 11.11
C LYS B 296 12.25 4.59 11.22
N CYS B 297 12.96 5.24 12.12
CA CYS B 297 14.36 5.01 12.33
C CYS B 297 14.61 3.73 13.08
N ASN B 298 13.76 3.43 14.05
CA ASN B 298 13.97 2.31 14.97
C ASN B 298 12.73 2.04 15.81
N PRO B 299 11.91 1.08 15.41
CA PRO B 299 10.66 0.82 16.12
C PRO B 299 10.81 -0.14 17.30
N ASN B 300 12.03 -0.51 17.64
CA ASN B 300 12.27 -1.31 18.81
C ASN B 300 12.52 -0.49 20.07
N ARG B 301 12.86 0.78 19.91
CA ARG B 301 12.95 1.68 21.06
C ARG B 301 11.62 1.72 21.85
N PRO B 302 11.69 1.66 23.18
CA PRO B 302 10.49 1.83 24.01
C PRO B 302 9.96 3.26 23.89
N ILE B 303 8.68 3.38 23.54
CA ILE B 303 8.05 4.68 23.40
C ILE B 303 6.86 4.87 24.35
N TYR B 304 6.89 5.95 25.13
CA TYR B 304 5.74 6.35 25.94
C TYR B 304 5.01 7.52 25.26
N TRP B 305 3.83 7.30 24.71
CA TRP B 305 3.01 8.38 24.15
C TRP B 305 1.98 8.84 25.19
N ILE B 306 2.17 10.05 25.69
CA ILE B 306 1.31 10.56 26.72
C ILE B 306 0.64 11.85 26.21
N GLN B 307 -0.57 11.68 25.67
CA GLN B 307 -1.31 12.76 25.02
C GLN B 307 -2.52 13.15 25.87
N SER B 308 -2.59 14.41 26.26
CA SER B 308 -3.74 14.87 26.99
C SER B 308 -4.58 15.83 26.13
N SER B 309 -5.90 15.70 26.19
CA SER B 309 -6.78 16.64 25.56
C SER B 309 -8.06 16.74 26.41
N TYR B 310 -9.00 17.61 26.03
CA TYR B 310 -10.22 17.70 26.79
C TYR B 310 -11.13 16.46 26.59
N ASP B 311 -11.25 16.03 25.34
CA ASP B 311 -12.28 15.12 24.84
C ASP B 311 -11.65 14.05 24.00
N GLU B 312 -12.45 13.03 23.68
CA GLU B 312 -12.13 12.16 22.55
C GLU B 312 -12.27 12.95 21.26
N LYS B 313 -13.30 13.81 21.16
CA LYS B 313 -13.55 14.61 19.95
C LYS B 313 -12.47 15.66 19.69
N THR B 314 -11.95 16.27 20.76
CA THR B 314 -10.87 17.25 20.62
C THR B 314 -9.45 16.63 20.61
N GLN B 315 -9.37 15.32 20.70
CA GLN B 315 -8.09 14.60 20.70
C GLN B 315 -7.53 14.45 19.31
N ALA B 316 -6.39 15.06 19.06
CA ALA B 316 -5.89 15.19 17.69
C ALA B 316 -5.18 13.95 17.17
N PHE B 317 -5.30 13.69 15.86
CA PHE B 317 -4.47 12.71 15.14
C PHE B 317 -4.68 11.24 15.52
N LYS B 318 -5.85 10.93 16.10
CA LYS B 318 -6.19 9.54 16.52
C LYS B 318 -5.77 8.47 15.48
N LYS B 319 -6.26 8.62 14.25
CA LYS B 319 -5.89 7.70 13.18
C LYS B 319 -4.36 7.63 13.00
N HIS B 320 -3.72 8.81 12.93
CA HIS B 320 -2.29 8.94 12.64
C HIS B 320 -1.46 8.23 13.71
N VAL B 321 -1.77 8.51 14.96
CA VAL B 321 -0.98 7.99 16.06
C VAL B 321 -1.15 6.48 16.19
N ASP B 322 -2.38 6.02 16.12
CA ASP B 322 -2.62 4.59 16.20
C ASP B 322 -1.74 3.86 15.20
N GLU B 323 -1.77 4.33 13.94
CA GLU B 323 -1.10 3.65 12.82
C GLU B 323 0.41 3.60 13.03
N LEU B 324 0.95 4.63 13.65
CA LEU B 324 2.38 4.61 13.90
C LEU B 324 2.70 3.65 15.03
N LEU B 325 1.93 3.72 16.14
CA LEU B 325 2.19 2.91 17.32
C LEU B 325 2.05 1.45 16.98
N ALA B 326 1.14 1.13 16.07
CA ALA B 326 0.95 -0.25 15.61
C ALA B 326 2.23 -0.86 15.10
N GLU B 327 3.14 0.00 14.66
CA GLU B 327 4.38 -0.44 14.05
C GLU B 327 5.51 -0.74 15.04
N CYS B 328 5.33 -0.42 16.32
CA CYS B 328 6.42 -0.60 17.31
C CYS B 328 6.31 -1.80 18.23
N ALA B 329 7.45 -2.37 18.52
CA ALA B 329 7.57 -3.49 19.44
C ALA B 329 7.01 -3.18 20.82
N ASN B 330 7.47 -2.11 21.46
CA ASN B 330 7.09 -1.85 22.84
C ASN B 330 6.64 -0.41 23.07
N VAL B 331 5.33 -0.19 23.08
CA VAL B 331 4.79 1.12 23.39
C VAL B 331 3.86 1.12 24.60
N ASP B 332 3.65 2.29 25.19
CA ASP B 332 2.65 2.49 26.20
C ASP B 332 1.87 3.71 25.71
N LYS B 333 0.62 3.50 25.34
CA LYS B 333 -0.25 4.59 24.86
C LYS B 333 -1.06 5.16 26.04
N ILE B 334 -0.81 6.41 26.43
CA ILE B 334 -1.51 6.99 27.58
C ILE B 334 -2.27 8.26 27.24
N ILE B 335 -3.59 8.09 27.10
CA ILE B 335 -4.50 9.15 26.65
C ILE B 335 -5.26 9.76 27.84
N VAL B 336 -5.09 11.06 28.07
CA VAL B 336 -5.83 11.73 29.16
C VAL B 336 -6.93 12.66 28.66
N HIS B 337 -8.18 12.41 29.06
CA HIS B 337 -9.30 13.27 28.68
C HIS B 337 -9.70 14.06 29.89
N THR B 338 -9.37 15.34 29.88
CA THR B 338 -9.47 16.14 31.11
C THR B 338 -10.91 16.57 31.42
N ASP B 339 -11.87 16.15 30.61
CA ASP B 339 -13.28 16.16 31.00
C ASP B 339 -13.69 15.03 31.99
N THR B 340 -12.96 13.91 31.97
CA THR B 340 -13.23 12.74 32.79
C THR B 340 -12.16 12.65 33.85
N GLU B 341 -10.90 12.84 33.47
CA GLU B 341 -9.76 12.62 34.36
C GLU B 341 -9.13 13.92 34.91
N PRO B 342 -8.41 13.85 36.05
CA PRO B 342 -7.61 14.98 36.49
C PRO B 342 -6.48 15.34 35.51
N LEU B 343 -6.00 16.59 35.63
CA LEU B 343 -4.81 17.10 34.93
C LEU B 343 -3.60 16.23 35.24
N ILE B 344 -2.65 16.13 34.32
CA ILE B 344 -1.45 15.38 34.60
C ILE B 344 -0.63 15.98 35.77
N ASN B 345 -0.41 15.23 36.85
CA ASN B 345 0.51 15.72 37.93
C ASN B 345 1.77 14.89 38.04
N ALA B 346 2.60 15.23 39.02
CA ALA B 346 3.88 14.56 39.13
C ALA B 346 3.64 13.11 39.49
N ALA B 347 2.69 12.91 40.41
CA ALA B 347 2.24 11.59 40.81
C ALA B 347 1.96 10.74 39.58
N PHE B 348 1.21 11.31 38.63
CA PHE B 348 0.84 10.65 37.40
C PHE B 348 2.05 10.27 36.61
N LEU B 349 2.98 11.21 36.43
CA LEU B 349 4.15 10.94 35.55
C LEU B 349 5.05 9.86 36.11
N LYS B 350 5.16 9.85 37.45
CA LYS B 350 5.92 8.81 38.16
C LYS B 350 5.42 7.40 37.78
N GLU B 351 4.10 7.25 37.81
CA GLU B 351 3.47 5.96 37.63
C GLU B 351 3.45 5.53 36.18
N LYS B 352 3.38 6.52 35.29
CA LYS B 352 3.13 6.26 33.90
C LYS B 352 4.37 6.32 33.06
N SER B 353 5.45 6.89 33.57
CA SER B 353 6.69 6.92 32.82
C SER B 353 7.91 6.49 33.63
N PRO B 354 8.98 6.03 32.96
CA PRO B 354 10.15 5.52 33.69
C PRO B 354 11.02 6.59 34.33
N ALA B 355 11.73 6.22 35.40
CA ALA B 355 12.60 7.14 36.12
C ALA B 355 13.65 7.78 35.23
N HIS B 356 14.23 6.99 34.32
CA HIS B 356 15.26 7.46 33.39
C HIS B 356 14.61 7.32 32.06
N ALA B 357 14.57 8.46 31.33
CA ALA B 357 13.84 8.60 30.08
C ALA B 357 14.24 9.87 29.37
N ASP B 358 14.24 9.82 28.05
CA ASP B 358 14.48 10.91 27.15
C ASP B 358 13.13 11.54 26.85
N VAL B 359 12.89 12.71 27.41
CA VAL B 359 11.56 13.33 27.41
C VAL B 359 11.46 14.64 26.63
N TYR B 360 10.42 14.72 25.78
CA TYR B 360 10.12 15.88 24.98
C TYR B 360 8.68 16.28 25.26
N THR B 361 8.47 17.54 25.63
CA THR B 361 7.11 18.01 25.97
C THR B 361 6.64 19.31 25.22
N CYS B 362 5.34 19.37 24.90
CA CYS B 362 4.83 20.47 24.11
C CYS B 362 3.35 20.76 24.39
N GLY B 363 3.03 22.06 24.47
CA GLY B 363 1.65 22.55 24.66
C GLY B 363 1.68 24.02 24.97
N SER B 364 0.63 24.51 25.62
CA SER B 364 0.57 25.90 26.11
C SER B 364 1.72 26.31 27.03
N LEU B 365 1.97 27.61 27.09
CA LEU B 365 2.83 28.23 28.12
C LEU B 365 2.66 27.51 29.49
N ALA B 366 1.41 27.46 29.96
CA ALA B 366 1.05 26.86 31.24
C ALA B 366 1.38 25.35 31.37
N PHE B 367 1.04 24.58 30.35
CA PHE B 367 1.38 23.16 30.34
C PHE B 367 2.88 22.89 30.51
N MET B 368 3.71 23.63 29.80
CA MET B 368 5.15 23.47 29.99
C MET B 368 5.50 23.75 31.46
N GLN B 369 5.24 24.99 31.92
CA GLN B 369 5.46 25.39 33.32
C GLN B 369 5.30 24.17 34.26
N ALA B 370 4.08 23.63 34.28
CA ALA B 370 3.72 22.46 35.07
C ALA B 370 4.65 21.26 34.82
N MET B 371 4.78 20.84 33.55
CA MET B 371 5.56 19.63 33.21
C MET B 371 7.07 19.74 33.50
N ILE B 372 7.64 20.90 33.24
CA ILE B 372 9.03 21.10 33.63
C ILE B 372 9.17 20.95 35.15
N GLY B 373 8.20 21.48 35.89
CA GLY B 373 8.24 21.48 37.37
C GLY B 373 8.13 20.07 37.89
N HIS B 374 7.21 19.31 37.30
CA HIS B 374 6.97 17.92 37.67
C HIS B 374 8.21 17.04 37.37
N LEU B 375 8.69 17.10 36.14
CA LEU B 375 9.88 16.32 35.79
C LEU B 375 11.14 16.68 36.61
N LYS B 376 11.25 17.94 37.02
CA LYS B 376 12.39 18.40 37.79
C LYS B 376 12.31 17.76 39.19
N GLU B 377 11.09 17.58 39.71
CA GLU B 377 10.89 16.99 41.04
C GLU B 377 11.16 15.49 41.04
N LEU B 378 10.73 14.82 39.98
CA LEU B 378 11.07 13.40 39.78
C LEU B 378 12.53 13.19 39.39
N GLU B 379 13.30 14.27 39.48
CA GLU B 379 14.73 14.29 39.19
C GLU B 379 15.12 13.69 37.83
N HIS B 380 14.38 14.02 36.80
CA HIS B 380 14.95 13.88 35.48
C HIS B 380 16.02 14.99 35.28
N ARG B 381 17.24 14.59 34.88
CA ARG B 381 18.27 15.53 34.45
C ARG B 381 17.73 16.57 33.45
N ASP B 382 18.31 17.77 33.46
CA ASP B 382 17.88 18.80 32.52
C ASP B 382 18.17 18.42 31.07
N ASP B 383 19.31 17.74 30.84
CA ASP B 383 19.68 17.12 29.55
C ASP B 383 18.62 16.21 28.97
N MET B 384 17.79 15.67 29.85
CA MET B 384 16.82 14.70 29.43
C MET B 384 15.42 15.31 29.20
N ILE B 385 15.21 16.53 29.70
CA ILE B 385 13.96 17.24 29.51
C ILE B 385 14.10 18.25 28.40
N HIS B 386 13.22 18.18 27.40
CA HIS B 386 13.21 19.14 26.25
C HIS B 386 11.81 19.62 25.90
N TYR B 387 11.70 20.91 25.58
CA TYR B 387 10.38 21.51 25.44
C TYR B 387 10.33 22.60 24.39
N GLU B 388 9.12 22.88 23.92
CA GLU B 388 8.84 23.95 22.94
C GLU B 388 7.44 24.53 23.22
N PRO B 389 7.40 25.71 23.83
CA PRO B 389 6.11 26.32 24.20
C PRO B 389 5.39 26.98 23.03
N PHE B 390 4.05 26.93 23.06
CA PHE B 390 3.23 27.58 22.03
C PHE B 390 2.94 29.05 22.42
N GLY B 391 3.92 29.64 23.11
CA GLY B 391 3.96 31.07 23.43
C GLY B 391 5.41 31.46 23.66
N PRO B 392 5.64 32.62 24.29
CA PRO B 392 7.01 33.08 24.58
C PRO B 392 7.81 32.21 25.58
N LYS B 393 8.94 31.66 25.13
CA LYS B 393 9.79 30.78 25.96
C LYS B 393 10.63 31.52 27.03
N MET B 394 10.78 32.83 26.88
CA MET B 394 11.48 33.64 27.88
C MET B 394 10.70 33.73 29.20
N SER B 395 9.47 33.24 29.21
CA SER B 395 8.67 33.17 30.42
C SER B 395 8.41 31.73 30.91
N THR B 396 9.12 30.77 30.32
CA THR B 396 9.10 29.36 30.77
C THR B 396 10.49 28.90 31.23
N VAL B 397 11.31 29.87 31.66
CA VAL B 397 12.58 29.58 32.33
C VAL B 397 12.60 30.47 33.57
N GLN B 398 12.80 29.84 34.73
CA GLN B 398 12.77 30.52 36.04
C GLN B 398 11.44 31.23 36.30
N MET C 1 -61.20 -1.40 -7.16
CA MET C 1 -61.06 -0.02 -6.60
C MET C 1 -62.42 0.54 -6.13
N LEU C 2 -62.66 1.80 -6.46
CA LEU C 2 -63.95 2.44 -6.23
C LEU C 2 -64.73 2.72 -7.52
N ALA C 3 -65.95 3.17 -7.32
CA ALA C 3 -67.06 3.12 -8.27
C ALA C 3 -66.80 3.95 -9.50
N GLU C 4 -67.52 3.61 -10.58
CA GLU C 4 -67.69 4.51 -11.71
C GLU C 4 -68.48 5.71 -11.18
N LYS C 5 -68.71 6.68 -12.06
CA LYS C 5 -69.30 7.97 -11.67
C LYS C 5 -68.15 8.80 -11.24
N THR C 6 -67.51 8.34 -10.16
CA THR C 6 -66.42 9.06 -9.52
C THR C 6 -65.15 9.15 -10.39
N ARG C 7 -65.08 8.33 -11.44
CA ARG C 7 -63.98 8.39 -12.38
C ARG C 7 -64.23 9.39 -13.48
N SER C 8 -65.50 9.54 -13.83
CA SER C 8 -65.90 10.56 -14.79
C SER C 8 -65.65 11.97 -14.23
N ILE C 9 -66.10 12.20 -13.00
CA ILE C 9 -65.90 13.47 -12.32
C ILE C 9 -64.43 13.87 -12.39
N ILE C 10 -63.57 12.94 -12.03
CA ILE C 10 -62.14 13.14 -12.06
C ILE C 10 -61.65 13.63 -13.42
N LYS C 11 -61.99 12.90 -14.49
CA LYS C 11 -61.60 13.29 -15.85
C LYS C 11 -62.14 14.67 -16.23
N ALA C 12 -63.42 14.90 -15.92
CA ALA C 12 -64.12 16.14 -16.26
C ALA C 12 -63.62 17.39 -15.52
N THR C 13 -62.97 17.19 -14.36
CA THR C 13 -62.52 18.33 -13.55
C THR C 13 -61.00 18.53 -13.57
N VAL C 14 -60.30 17.80 -14.42
CA VAL C 14 -58.86 18.02 -14.57
C VAL C 14 -58.55 19.37 -15.25
N PRO C 15 -59.37 19.79 -16.24
CA PRO C 15 -59.15 21.08 -16.88
C PRO C 15 -59.18 22.27 -15.91
N VAL C 16 -60.06 22.22 -14.92
CA VAL C 16 -60.13 23.29 -13.92
C VAL C 16 -58.89 23.27 -13.02
N LEU C 17 -58.57 22.08 -12.50
CA LEU C 17 -57.44 21.95 -11.59
C LEU C 17 -56.11 22.20 -12.29
N GLU C 18 -56.02 21.86 -13.58
CA GLU C 18 -54.82 22.12 -14.35
C GLU C 18 -54.65 23.64 -14.52
N GLN C 19 -55.75 24.33 -14.77
CA GLN C 19 -55.76 25.79 -14.96
C GLN C 19 -55.61 26.54 -13.65
N GLN C 20 -56.05 25.93 -12.55
CA GLN C 20 -55.99 26.56 -11.23
C GLN C 20 -54.87 25.97 -10.36
N GLY C 21 -53.93 25.26 -11.01
CA GLY C 21 -52.84 24.54 -10.33
C GLY C 21 -52.09 25.35 -9.31
N THR C 22 -51.39 26.37 -9.78
CA THR C 22 -50.54 27.21 -8.94
C THR C 22 -51.26 27.70 -7.70
N VAL C 23 -52.46 28.25 -7.89
CA VAL C 23 -53.25 28.79 -6.78
C VAL C 23 -53.62 27.72 -5.72
N ILE C 24 -54.07 26.57 -6.20
CA ILE C 24 -54.43 25.50 -5.28
C ILE C 24 -53.21 25.10 -4.48
N THR C 25 -52.12 24.79 -5.18
CA THR C 25 -50.97 24.23 -4.52
C THR C 25 -50.40 25.23 -3.51
N ARG C 26 -50.43 26.50 -3.87
CA ARG C 26 -50.05 27.55 -2.94
C ARG C 26 -50.92 27.49 -1.70
N THR C 27 -52.22 27.39 -1.91
CA THR C 27 -53.20 27.34 -0.84
C THR C 27 -52.93 26.13 0.02
N PHE C 28 -52.72 24.99 -0.64
CA PHE C 28 -52.39 23.73 0.03
C PHE C 28 -51.23 23.89 1.04
N TYR C 29 -50.13 24.49 0.60
CA TYR C 29 -48.96 24.54 1.46
C TYR C 29 -49.17 25.55 2.55
N LYS C 30 -49.69 26.73 2.20
CA LYS C 30 -49.94 27.81 3.15
C LYS C 30 -50.72 27.28 4.34
N ASN C 31 -51.84 26.60 4.07
CA ASN C 31 -52.71 26.10 5.11
C ASN C 31 -52.11 24.98 5.90
N MET C 32 -51.80 23.88 5.20
CA MET C 32 -51.23 22.68 5.82
C MET C 32 -50.04 22.97 6.73
N LEU C 33 -49.08 23.71 6.20
CA LEU C 33 -47.87 24.01 6.92
C LEU C 33 -48.01 24.99 8.07
N THR C 34 -48.97 25.91 8.01
CA THR C 34 -49.17 26.77 9.18
C THR C 34 -50.18 26.23 10.19
N GLU C 35 -50.92 25.17 9.83
CA GLU C 35 -51.63 24.39 10.83
C GLU C 35 -50.69 23.36 11.49
N HIS C 36 -50.21 22.40 10.71
CA HIS C 36 -49.28 21.40 11.22
C HIS C 36 -47.85 21.85 11.03
N THR C 37 -47.37 22.69 11.94
CA THR C 37 -46.03 23.24 11.82
C THR C 37 -44.90 22.19 11.93
N GLU C 38 -45.19 21.06 12.57
CA GLU C 38 -44.19 20.00 12.75
C GLU C 38 -43.77 19.44 11.42
N LEU C 39 -44.67 19.56 10.45
CA LEU C 39 -44.42 19.06 9.10
C LEU C 39 -43.26 19.76 8.42
N LEU C 40 -42.88 20.93 8.91
CA LEU C 40 -41.69 21.63 8.45
C LEU C 40 -40.38 20.87 8.78
N ASN C 41 -40.50 19.75 9.48
CA ASN C 41 -39.39 18.85 9.77
C ASN C 41 -39.34 17.78 8.70
N ILE C 42 -40.24 17.88 7.72
CA ILE C 42 -40.24 16.99 6.59
C ILE C 42 -40.14 17.78 5.29
N PHE C 43 -41.07 18.67 5.06
CA PHE C 43 -41.03 19.46 3.85
C PHE C 43 -39.93 20.48 3.90
N ASN C 44 -39.32 20.69 2.73
CA ASN C 44 -38.27 21.70 2.50
C ASN C 44 -38.94 22.92 1.82
N ARG C 45 -39.03 24.01 2.57
CA ARG C 45 -39.84 25.12 2.13
C ARG C 45 -39.33 25.73 0.81
N THR C 46 -38.03 25.56 0.55
CA THR C 46 -37.38 26.13 -0.63
C THR C 46 -37.80 25.44 -1.95
N ASN C 47 -38.16 24.17 -1.89
CA ASN C 47 -38.64 23.46 -3.07
C ASN C 47 -39.77 24.20 -3.81
N GLN C 48 -40.68 24.81 -3.04
CA GLN C 48 -41.86 25.55 -3.55
C GLN C 48 -41.48 26.79 -4.37
N LYS C 49 -40.33 27.38 -4.03
CA LYS C 49 -39.97 28.69 -4.52
C LYS C 49 -38.82 28.66 -5.52
N VAL C 50 -38.33 27.45 -5.84
CA VAL C 50 -37.16 27.30 -6.71
C VAL C 50 -37.40 26.30 -7.86
N GLY C 51 -37.27 25.00 -7.54
CA GLY C 51 -37.31 23.93 -8.53
C GLY C 51 -38.69 23.73 -9.17
N ALA C 52 -39.24 22.52 -9.11
CA ALA C 52 -40.51 22.29 -9.81
C ALA C 52 -41.69 21.97 -8.90
N GLN C 53 -42.26 23.03 -8.32
CA GLN C 53 -43.48 22.95 -7.51
C GLN C 53 -44.32 24.26 -7.50
N PRO C 54 -43.94 25.28 -8.29
CA PRO C 54 -44.83 26.44 -8.48
C PRO C 54 -45.94 26.17 -9.50
N ASN C 55 -45.65 25.31 -10.47
CA ASN C 55 -46.62 24.92 -11.50
C ASN C 55 -47.19 23.48 -11.28
N ALA C 56 -46.87 22.90 -10.12
CA ALA C 56 -47.01 21.45 -9.81
C ALA C 56 -48.38 20.78 -9.83
N LEU C 57 -48.69 19.97 -8.81
CA LEU C 57 -50.02 19.35 -8.64
C LEU C 57 -50.62 18.79 -9.93
N ALA C 58 -50.72 19.64 -10.95
CA ALA C 58 -51.22 19.29 -12.29
C ALA C 58 -50.37 18.24 -13.03
N THR C 59 -49.18 17.94 -12.51
CA THR C 59 -48.42 16.80 -13.00
C THR C 59 -48.95 15.55 -12.32
N THR C 60 -48.93 15.54 -10.99
CA THR C 60 -49.40 14.39 -10.21
C THR C 60 -50.92 14.22 -10.13
N VAL C 61 -51.69 15.29 -10.38
CA VAL C 61 -53.16 15.21 -10.45
C VAL C 61 -53.64 14.83 -11.83
N LEU C 62 -53.09 15.48 -12.86
CA LEU C 62 -53.42 15.17 -14.25
C LEU C 62 -53.05 13.72 -14.55
N ALA C 63 -51.91 13.26 -14.03
CA ALA C 63 -51.47 11.88 -14.21
C ALA C 63 -52.46 10.89 -13.63
N ALA C 64 -52.73 11.04 -12.32
CA ALA C 64 -53.76 10.27 -11.63
C ALA C 64 -55.12 10.35 -12.35
N ALA C 65 -55.70 11.54 -12.39
CA ALA C 65 -56.99 11.76 -13.03
C ALA C 65 -57.10 11.19 -14.45
N LYS C 66 -56.05 11.32 -15.23
CA LYS C 66 -56.10 10.81 -16.58
C LYS C 66 -56.02 9.29 -16.57
N ASN C 67 -55.26 8.74 -15.62
CA ASN C 67 -55.08 7.29 -15.51
C ASN C 67 -55.93 6.67 -14.40
N ILE C 68 -57.00 7.35 -14.02
CA ILE C 68 -57.85 6.90 -12.91
C ILE C 68 -58.59 5.59 -13.24
N ASP C 69 -58.83 5.37 -14.53
CA ASP C 69 -59.33 4.10 -15.02
C ASP C 69 -58.46 2.93 -14.57
N ASP C 70 -57.15 3.04 -14.78
CA ASP C 70 -56.24 2.00 -14.35
C ASP C 70 -54.98 2.59 -13.77
N LEU C 71 -54.93 2.64 -12.45
CA LEU C 71 -53.86 3.31 -11.74
C LEU C 71 -52.56 2.53 -11.73
N SER C 72 -52.64 1.25 -12.10
CA SER C 72 -51.48 0.37 -12.07
C SER C 72 -50.44 0.71 -13.15
N VAL C 73 -50.87 1.41 -14.20
CA VAL C 73 -49.99 1.83 -15.30
C VAL C 73 -48.90 2.80 -14.81
N LEU C 74 -49.09 3.36 -13.61
CA LEU C 74 -48.15 4.32 -13.06
C LEU C 74 -47.20 3.70 -12.03
N MET C 75 -47.33 2.39 -11.83
CA MET C 75 -46.60 1.66 -10.78
C MET C 75 -45.08 1.86 -10.78
N ASP C 76 -44.50 2.01 -11.95
CA ASP C 76 -43.07 2.25 -12.07
C ASP C 76 -42.68 3.59 -11.45
N HIS C 77 -43.47 4.63 -11.72
CA HIS C 77 -43.20 5.98 -11.19
C HIS C 77 -43.47 6.11 -9.69
N VAL C 78 -44.41 5.30 -9.19
CA VAL C 78 -44.73 5.25 -7.76
C VAL C 78 -43.55 4.64 -6.99
N LYS C 79 -43.01 3.54 -7.52
CA LYS C 79 -41.81 2.89 -6.98
C LYS C 79 -40.66 3.89 -6.84
N GLN C 80 -40.44 4.71 -7.86
CA GLN C 80 -39.35 5.70 -7.87
C GLN C 80 -39.48 6.85 -6.83
N ILE C 81 -40.70 7.31 -6.58
CA ILE C 81 -41.00 8.26 -5.49
C ILE C 81 -40.84 7.56 -4.15
N GLY C 82 -41.25 6.29 -4.12
CA GLY C 82 -41.24 5.45 -2.92
C GLY C 82 -39.92 5.48 -2.18
N HIS C 83 -38.86 5.17 -2.90
CA HIS C 83 -37.53 5.20 -2.33
C HIS C 83 -37.31 6.47 -1.55
N LYS C 84 -37.63 7.61 -2.17
CA LYS C 84 -37.53 8.94 -1.52
C LYS C 84 -38.44 9.07 -0.31
N HIS C 85 -39.68 8.58 -0.42
CA HIS C 85 -40.62 8.66 0.67
C HIS C 85 -40.16 7.83 1.87
N ARG C 86 -39.82 6.57 1.62
CA ARG C 86 -39.25 5.72 2.66
C ARG C 86 -38.05 6.41 3.25
N ALA C 87 -37.08 6.72 2.39
CA ALA C 87 -35.87 7.44 2.83
C ALA C 87 -36.21 8.56 3.81
N LEU C 88 -37.26 9.30 3.48
CA LEU C 88 -37.62 10.48 4.23
C LEU C 88 -38.55 10.19 5.42
N GLN C 89 -38.85 8.91 5.68
CA GLN C 89 -39.65 8.47 6.84
C GLN C 89 -41.11 8.88 6.72
N ILE C 90 -41.63 8.86 5.49
CA ILE C 90 -43.04 9.13 5.24
C ILE C 90 -43.87 7.86 5.60
N LYS C 91 -44.81 8.01 6.54
CA LYS C 91 -45.51 6.89 7.13
C LYS C 91 -46.96 6.88 6.73
N PRO C 92 -47.63 5.72 6.79
CA PRO C 92 -49.07 5.65 6.42
C PRO C 92 -49.91 6.81 7.02
N GLU C 93 -49.62 7.14 8.28
CA GLU C 93 -50.28 8.22 9.03
C GLU C 93 -50.15 9.64 8.47
N HIS C 94 -49.06 9.93 7.76
CA HIS C 94 -48.91 11.23 7.09
C HIS C 94 -49.95 11.49 5.97
N TYR C 95 -50.30 10.43 5.23
CA TYR C 95 -51.09 10.56 4.00
C TYR C 95 -52.44 11.23 4.18
N PRO C 96 -53.21 10.85 5.22
CA PRO C 96 -54.51 11.49 5.43
C PRO C 96 -54.38 12.99 5.56
N ILE C 97 -53.31 13.45 6.25
CA ILE C 97 -53.06 14.88 6.43
C ILE C 97 -53.03 15.58 5.07
N VAL C 98 -52.15 15.12 4.19
CA VAL C 98 -52.08 15.64 2.83
C VAL C 98 -53.43 15.67 2.14
N GLY C 99 -54.12 14.52 2.11
CA GLY C 99 -55.45 14.43 1.49
C GLY C 99 -56.44 15.42 2.07
N GLU C 100 -56.49 15.51 3.40
CA GLU C 100 -57.39 16.40 4.10
C GLU C 100 -57.22 17.84 3.62
N TYR C 101 -55.96 18.25 3.47
CA TYR C 101 -55.65 19.59 3.01
C TYR C 101 -55.70 19.78 1.51
N LEU C 102 -55.54 18.70 0.76
CA LEU C 102 -55.76 18.78 -0.69
C LEU C 102 -57.22 19.13 -1.00
N LEU C 103 -58.17 18.45 -0.34
CA LEU C 103 -59.59 18.75 -0.52
C LEU C 103 -59.89 20.13 0.02
N LYS C 104 -59.28 20.47 1.16
CA LYS C 104 -59.52 21.78 1.78
C LYS C 104 -59.08 22.89 0.86
N ALA C 105 -57.99 22.65 0.14
CA ALA C 105 -57.48 23.59 -0.87
C ALA C 105 -58.44 23.77 -2.05
N ILE C 106 -58.87 22.68 -2.66
CA ILE C 106 -59.80 22.74 -3.79
C ILE C 106 -61.08 23.50 -3.43
N LYS C 107 -61.61 23.24 -2.23
CA LYS C 107 -62.82 23.90 -1.75
C LYS C 107 -62.62 25.40 -1.65
N GLU C 108 -61.47 25.79 -1.13
CA GLU C 108 -61.12 27.21 -1.02
C GLU C 108 -61.02 27.88 -2.38
N VAL C 109 -60.49 27.18 -3.37
CA VAL C 109 -60.20 27.80 -4.66
C VAL C 109 -61.37 27.75 -5.63
N LEU C 110 -62.08 26.63 -5.64
CA LEU C 110 -63.17 26.47 -6.58
C LEU C 110 -64.52 27.04 -6.08
N GLY C 111 -64.67 27.19 -4.76
CA GLY C 111 -65.90 27.69 -4.16
C GLY C 111 -67.09 26.74 -4.36
N ASP C 112 -68.21 27.28 -4.82
CA ASP C 112 -69.43 26.50 -5.02
C ASP C 112 -69.38 25.61 -6.25
N ALA C 113 -68.29 25.74 -7.03
CA ALA C 113 -68.04 24.87 -8.18
C ALA C 113 -67.52 23.52 -7.72
N ALA C 114 -66.82 23.51 -6.57
CA ALA C 114 -66.40 22.29 -5.91
C ALA C 114 -67.53 21.76 -5.07
N THR C 115 -68.45 21.06 -5.72
CA THR C 115 -69.63 20.50 -5.07
C THR C 115 -69.25 19.33 -4.15
N PRO C 116 -70.19 18.89 -3.30
CA PRO C 116 -70.00 17.67 -2.51
C PRO C 116 -69.65 16.40 -3.29
N GLU C 117 -70.19 16.24 -4.50
CA GLU C 117 -69.78 15.11 -5.34
C GLU C 117 -68.35 15.27 -5.91
N ILE C 118 -67.96 16.50 -6.23
CA ILE C 118 -66.64 16.77 -6.78
C ILE C 118 -65.64 16.46 -5.69
N ILE C 119 -65.86 17.03 -4.50
CA ILE C 119 -64.97 16.81 -3.34
C ILE C 119 -64.92 15.34 -2.97
N ASN C 120 -66.08 14.72 -2.89
CA ASN C 120 -66.16 13.30 -2.60
C ASN C 120 -65.29 12.46 -3.55
N ALA C 121 -65.52 12.65 -4.85
CA ALA C 121 -64.78 11.96 -5.90
C ALA C 121 -63.27 12.08 -5.76
N TRP C 122 -62.80 13.25 -5.33
CA TRP C 122 -61.37 13.45 -5.20
C TRP C 122 -60.87 12.83 -3.90
N GLY C 123 -61.66 12.93 -2.86
CA GLY C 123 -61.33 12.23 -1.63
C GLY C 123 -61.16 10.74 -1.90
N GLU C 124 -62.08 10.15 -2.65
CA GLU C 124 -61.97 8.76 -3.09
C GLU C 124 -60.69 8.53 -3.93
N ALA C 125 -60.51 9.31 -5.00
CA ALA C 125 -59.39 9.17 -5.91
C ALA C 125 -58.11 9.22 -5.12
N TYR C 126 -58.10 10.07 -4.11
CA TYR C 126 -56.91 10.26 -3.30
C TYR C 126 -56.47 8.99 -2.55
N GLN C 127 -57.37 8.43 -1.75
CA GLN C 127 -57.01 7.24 -0.97
C GLN C 127 -56.57 6.10 -1.88
N ALA C 128 -57.19 6.00 -3.07
CA ALA C 128 -56.84 5.00 -4.08
C ALA C 128 -55.40 5.16 -4.53
N ILE C 129 -55.00 6.40 -4.74
CA ILE C 129 -53.61 6.75 -5.07
C ILE C 129 -52.66 6.56 -3.88
N ALA C 130 -53.05 7.05 -2.70
CA ALA C 130 -52.23 6.89 -1.51
C ALA C 130 -52.03 5.41 -1.14
N ASP C 131 -53.05 4.61 -1.40
CA ASP C 131 -52.97 3.19 -1.11
C ASP C 131 -51.90 2.50 -1.91
N ILE C 132 -51.75 2.91 -3.16
CA ILE C 132 -50.67 2.37 -3.98
C ILE C 132 -49.30 2.74 -3.35
N PHE C 133 -49.15 4.00 -2.95
CA PHE C 133 -47.91 4.46 -2.31
C PHE C 133 -47.59 3.75 -1.00
N ILE C 134 -48.55 3.74 -0.07
CA ILE C 134 -48.35 3.10 1.23
C ILE C 134 -47.89 1.66 1.01
N THR C 135 -48.59 0.95 0.12
CA THR C 135 -48.22 -0.44 -0.22
C THR C 135 -46.82 -0.56 -0.80
N VAL C 136 -46.50 0.24 -1.80
CA VAL C 136 -45.14 0.20 -2.35
C VAL C 136 -44.17 0.45 -1.20
N GLU C 137 -44.42 1.50 -0.43
CA GLU C 137 -43.49 1.94 0.61
C GLU C 137 -43.40 0.97 1.79
N LYS C 138 -44.48 0.21 2.04
CA LYS C 138 -44.46 -0.74 3.14
C LYS C 138 -43.36 -1.76 2.87
N LYS C 139 -43.33 -2.30 1.65
CA LYS C 139 -42.33 -3.27 1.24
C LYS C 139 -40.88 -2.77 1.42
N MET C 140 -40.67 -1.51 1.03
CA MET C 140 -39.38 -0.86 1.14
C MET C 140 -38.92 -0.72 2.59
N TYR C 141 -39.85 -0.34 3.47
CA TYR C 141 -39.60 -0.22 4.90
C TYR C 141 -39.12 -1.55 5.48
N GLU C 142 -39.87 -2.63 5.24
CA GLU C 142 -39.48 -3.93 5.76
C GLU C 142 -38.19 -4.43 5.10
N GLU C 143 -37.81 -3.83 3.98
CA GLU C 143 -36.57 -4.20 3.28
C GLU C 143 -35.35 -3.32 3.49
N ALA C 144 -35.48 -2.19 4.20
CA ALA C 144 -34.31 -1.33 4.46
C ALA C 144 -33.22 -1.99 5.34
N LEU C 145 -31.97 -1.64 5.06
CA LEU C 145 -30.82 -2.18 5.81
C LEU C 145 -30.78 -1.78 7.30
N TRP C 146 -31.58 -0.79 7.65
CA TRP C 146 -31.83 -0.42 9.04
C TRP C 146 -33.07 0.47 9.19
N PRO C 147 -33.74 0.40 10.34
CA PRO C 147 -34.98 1.18 10.52
C PRO C 147 -34.71 2.63 10.87
N GLY C 148 -35.50 3.53 10.31
CA GLY C 148 -35.47 4.97 10.61
C GLY C 148 -34.14 5.66 10.54
N TRP C 149 -34.02 6.73 11.30
CA TRP C 149 -32.75 7.44 11.45
C TRP C 149 -31.86 6.75 12.49
N LYS C 150 -30.57 6.60 12.18
CA LYS C 150 -29.62 6.13 13.17
C LYS C 150 -28.38 7.03 13.24
N PRO C 151 -27.77 7.13 14.42
CA PRO C 151 -26.64 8.03 14.60
C PRO C 151 -25.34 7.47 14.07
N PHE C 152 -24.60 8.29 13.35
CA PHE C 152 -23.36 7.88 12.76
C PHE C 152 -22.38 8.92 13.24
N GLU C 153 -21.09 8.64 13.05
CA GLU C 153 -20.08 9.59 13.41
C GLU C 153 -19.29 10.00 12.18
N ILE C 154 -19.06 11.31 12.05
CA ILE C 154 -18.24 11.82 10.97
C ILE C 154 -16.88 11.44 11.44
N THR C 155 -16.52 10.18 11.26
CA THR C 155 -15.17 9.77 11.61
C THR C 155 -14.08 10.50 10.81
N ALA C 156 -14.48 11.19 9.74
CA ALA C 156 -13.59 12.12 9.05
C ALA C 156 -14.31 13.17 8.23
N LYS C 157 -13.70 14.35 8.16
CA LYS C 157 -14.14 15.44 7.31
C LYS C 157 -12.96 15.90 6.42
N GLU C 158 -13.11 15.78 5.10
CA GLU C 158 -11.99 16.00 4.15
C GLU C 158 -12.47 16.81 2.95
N TYR C 159 -11.72 17.86 2.57
CA TYR C 159 -12.04 18.58 1.34
C TYR C 159 -11.57 17.81 0.11
N VAL C 160 -12.48 17.58 -0.81
CA VAL C 160 -12.14 16.90 -2.03
C VAL C 160 -12.33 17.80 -3.23
N ALA C 161 -12.34 19.10 -2.94
CA ALA C 161 -12.32 20.20 -3.91
C ALA C 161 -12.37 21.42 -3.02
N SER C 162 -12.25 22.62 -3.61
CA SER C 162 -12.26 23.88 -2.88
C SER C 162 -13.49 24.04 -1.99
N ASP C 163 -14.66 23.61 -2.49
CA ASP C 163 -15.90 23.79 -1.75
C ASP C 163 -16.81 22.54 -1.73
N ILE C 164 -16.20 21.36 -1.79
CA ILE C 164 -16.88 20.08 -1.51
C ILE C 164 -16.13 19.30 -0.43
N VAL C 165 -16.76 19.10 0.73
CA VAL C 165 -16.22 18.15 1.74
C VAL C 165 -16.78 16.76 1.60
N GLU C 166 -15.94 15.80 1.96
CA GLU C 166 -16.36 14.39 2.02
C GLU C 166 -16.37 13.95 3.50
N PHE C 167 -17.57 13.65 3.97
CA PHE C 167 -17.78 13.03 5.27
C PHE C 167 -17.66 11.51 5.15
N THR C 168 -16.80 10.96 5.96
CA THR C 168 -16.88 9.54 6.16
C THR C 168 -17.46 9.32 7.56
N VAL C 169 -18.36 8.33 7.60
CA VAL C 169 -19.35 8.17 8.67
C VAL C 169 -19.43 6.68 9.18
N LYS C 170 -19.58 6.46 10.49
CA LYS C 170 -19.60 5.09 11.06
C LYS C 170 -20.74 4.94 12.03
N PRO C 171 -21.48 3.83 11.96
CA PRO C 171 -22.66 3.65 12.84
C PRO C 171 -22.30 3.55 14.32
N LYS C 172 -23.08 4.20 15.16
CA LYS C 172 -22.78 4.23 16.59
C LYS C 172 -23.16 2.93 17.29
N PHE C 173 -22.59 2.70 18.47
CA PHE C 173 -22.93 1.49 19.24
C PHE C 173 -24.42 1.37 19.54
N GLY C 174 -24.95 0.15 19.40
CA GLY C 174 -26.39 -0.11 19.59
C GLY C 174 -27.31 0.44 18.50
N SER C 175 -26.76 0.95 17.41
CA SER C 175 -27.57 1.23 16.23
C SER C 175 -28.00 -0.08 15.55
N GLY C 176 -27.28 -1.15 15.86
CA GLY C 176 -27.51 -2.45 15.24
C GLY C 176 -27.11 -2.56 13.78
N ILE C 177 -26.09 -1.80 13.39
CA ILE C 177 -25.61 -1.79 12.01
C ILE C 177 -24.14 -2.16 11.95
N GLU C 178 -23.82 -3.35 11.43
CA GLU C 178 -22.42 -3.73 11.20
C GLU C 178 -22.00 -3.29 9.82
N LEU C 179 -20.98 -2.43 9.76
CA LEU C 179 -20.50 -1.83 8.52
C LEU C 179 -20.28 -2.80 7.38
N GLU C 180 -19.27 -3.67 7.45
CA GLU C 180 -19.13 -4.73 6.45
C GLU C 180 -20.36 -5.65 6.52
N SER C 181 -20.74 -6.22 5.38
CA SER C 181 -22.05 -6.90 5.24
C SER C 181 -23.23 -5.90 5.26
N LEU C 182 -23.02 -4.80 4.54
CA LEU C 182 -24.06 -3.86 4.12
C LEU C 182 -23.90 -3.82 2.60
N PRO C 183 -24.75 -4.52 1.86
CA PRO C 183 -24.62 -4.51 0.39
C PRO C 183 -25.09 -3.20 -0.24
N ILE C 184 -24.13 -2.43 -0.76
CA ILE C 184 -24.43 -1.16 -1.41
C ILE C 184 -24.19 -1.26 -2.91
N THR C 185 -25.15 -0.80 -3.69
CA THR C 185 -25.01 -0.69 -5.14
C THR C 185 -24.56 0.71 -5.50
N PRO C 186 -23.42 0.83 -6.16
CA PRO C 186 -22.88 2.15 -6.48
C PRO C 186 -23.92 2.95 -7.25
N GLY C 187 -24.16 4.20 -6.85
CA GLY C 187 -25.28 4.99 -7.41
C GLY C 187 -26.44 5.25 -6.45
N GLN C 188 -26.36 4.59 -5.28
CA GLN C 188 -27.33 4.79 -4.21
C GLN C 188 -26.91 5.98 -3.38
N TYR C 189 -27.90 6.66 -2.81
CA TYR C 189 -27.64 7.77 -1.89
C TYR C 189 -28.16 7.43 -0.50
N ILE C 190 -27.59 8.05 0.51
CA ILE C 190 -28.18 7.94 1.80
C ILE C 190 -28.88 9.26 2.05
N THR C 191 -29.55 9.37 3.19
CA THR C 191 -30.26 10.56 3.53
C THR C 191 -29.90 10.97 4.94
N VAL C 192 -29.64 12.25 5.18
CA VAL C 192 -29.38 12.71 6.53
C VAL C 192 -30.54 13.46 7.16
N ASN C 193 -30.63 13.32 8.49
CA ASN C 193 -31.56 14.07 9.31
C ASN C 193 -30.80 14.92 10.34
N THR C 194 -30.66 16.21 10.00
CA THR C 194 -29.89 17.18 10.76
C THR C 194 -30.90 18.16 11.32
N HIS C 195 -30.41 19.09 12.14
CA HIS C 195 -31.23 20.19 12.64
C HIS C 195 -30.36 21.44 12.75
N PRO C 196 -30.18 22.15 11.63
CA PRO C 196 -29.35 23.35 11.58
C PRO C 196 -29.55 24.38 12.68
N ILE C 197 -28.44 24.98 13.13
CA ILE C 197 -28.48 25.95 14.22
C ILE C 197 -28.50 27.40 13.72
N ARG C 198 -28.16 27.60 12.44
CA ARG C 198 -28.14 28.93 11.82
C ARG C 198 -29.46 29.30 11.21
N GLN C 199 -29.51 30.54 10.74
CA GLN C 199 -30.62 31.05 9.94
C GLN C 199 -31.97 31.03 10.65
N GLU C 200 -31.99 31.10 11.97
CA GLU C 200 -33.24 31.11 12.75
C GLU C 200 -34.03 29.80 12.66
N ASN C 201 -33.39 28.76 12.14
CA ASN C 201 -34.08 27.51 11.82
C ASN C 201 -34.56 26.79 13.06
N GLN C 202 -35.76 26.22 12.99
CA GLN C 202 -36.33 25.56 14.15
C GLN C 202 -36.72 24.10 13.96
N TYR C 203 -36.46 23.53 12.78
CA TYR C 203 -36.98 22.21 12.45
C TYR C 203 -35.91 21.33 11.86
N ASP C 204 -36.23 20.07 11.71
CA ASP C 204 -35.29 19.19 11.03
C ASP C 204 -35.23 19.47 9.53
N ALA C 205 -34.09 19.13 8.97
CA ALA C 205 -33.82 19.30 7.56
C ALA C 205 -33.26 18.02 7.01
N LEU C 206 -33.92 17.47 6.00
CA LEU C 206 -33.56 16.18 5.45
C LEU C 206 -32.99 16.36 4.05
N ARG C 207 -31.80 15.85 3.80
CA ARG C 207 -31.24 15.87 2.44
C ARG C 207 -30.57 14.56 2.07
N HIS C 208 -30.83 14.08 0.86
CA HIS C 208 -30.07 12.97 0.23
C HIS C 208 -28.65 13.35 -0.19
N TYR C 209 -27.70 12.48 0.12
CA TYR C 209 -26.35 12.62 -0.42
C TYR C 209 -25.84 11.33 -0.97
N SER C 210 -25.39 11.35 -2.22
CA SER C 210 -24.86 10.18 -2.93
C SER C 210 -23.60 9.65 -2.26
N LEU C 211 -23.53 8.34 -2.06
CA LEU C 211 -22.33 7.64 -1.54
C LEU C 211 -21.23 7.68 -2.58
N CYS C 212 -19.98 7.87 -2.15
CA CYS C 212 -18.91 8.03 -3.12
C CYS C 212 -18.33 6.70 -3.46
N SER C 213 -18.63 5.73 -2.63
CA SER C 213 -18.05 4.42 -2.78
C SER C 213 -19.03 3.42 -2.28
N ALA C 214 -19.03 2.26 -2.93
CA ALA C 214 -19.84 1.13 -2.49
C ALA C 214 -19.17 0.43 -1.31
N SER C 215 -17.88 0.70 -1.12
CA SER C 215 -17.10 0.10 -0.05
C SER C 215 -17.40 0.72 1.32
N THR C 216 -17.72 -0.13 2.29
CA THR C 216 -18.19 0.31 3.60
C THR C 216 -17.23 -0.04 4.73
N LYS C 217 -16.17 -0.77 4.43
CA LYS C 217 -15.25 -1.26 5.46
C LYS C 217 -14.83 -0.17 6.44
N ASN C 218 -14.44 1.00 5.90
CA ASN C 218 -13.95 2.13 6.69
C ASN C 218 -14.97 3.20 6.99
N GLY C 219 -16.21 2.97 6.56
CA GLY C 219 -17.31 3.86 6.88
C GLY C 219 -18.07 4.14 5.62
N LEU C 220 -19.18 4.86 5.74
CA LEU C 220 -19.90 5.33 4.58
C LEU C 220 -19.32 6.64 4.20
N ARG C 221 -19.12 6.84 2.89
CA ARG C 221 -18.58 8.11 2.38
C ARG C 221 -19.62 8.83 1.54
N PHE C 222 -19.89 10.10 1.91
CA PHE C 222 -20.62 11.03 1.03
C PHE C 222 -19.97 12.43 0.98
N ALA C 223 -20.32 13.21 -0.02
CA ALA C 223 -19.60 14.45 -0.25
C ALA C 223 -20.62 15.53 -0.51
N VAL C 224 -20.42 16.66 0.17
CA VAL C 224 -21.37 17.74 0.20
C VAL C 224 -20.75 19.05 -0.35
N LYS C 225 -21.40 19.59 -1.37
CA LYS C 225 -20.98 20.85 -1.98
C LYS C 225 -21.59 21.97 -1.20
N MET C 226 -20.80 23.02 -0.96
CA MET C 226 -21.30 24.19 -0.25
C MET C 226 -22.05 25.10 -1.21
N GLU C 227 -23.36 25.11 -1.00
CA GLU C 227 -24.33 25.96 -1.66
C GLU C 227 -24.32 27.36 -1.00
N ALA C 228 -23.42 28.22 -1.47
CA ALA C 228 -23.22 29.53 -0.83
C ALA C 228 -24.26 30.62 -1.19
N ALA C 229 -24.14 31.78 -0.54
CA ALA C 229 -25.11 32.87 -0.71
C ALA C 229 -24.77 33.85 -1.84
N ARG C 230 -23.51 34.28 -1.84
CA ARG C 230 -22.92 35.22 -2.83
C ARG C 230 -23.39 36.70 -2.76
N GLU C 231 -24.44 37.04 -3.52
CA GLU C 231 -24.92 38.42 -3.57
C GLU C 231 -26.44 38.51 -3.46
N ASN C 232 -27.09 37.37 -3.22
CA ASN C 232 -28.51 37.27 -3.51
C ASN C 232 -29.42 36.82 -2.35
N PHE C 233 -29.65 35.51 -2.29
CA PHE C 233 -30.52 34.86 -1.31
C PHE C 233 -29.65 34.25 -0.23
N PRO C 234 -30.20 33.40 0.66
CA PRO C 234 -29.37 32.78 1.73
C PRO C 234 -28.64 31.51 1.31
N ALA C 235 -27.63 31.13 2.06
CA ALA C 235 -26.93 29.87 1.82
C ALA C 235 -27.90 28.68 1.93
N GLY C 236 -27.57 27.54 1.32
CA GLY C 236 -28.34 26.33 1.52
C GLY C 236 -28.30 25.90 2.97
N LEU C 237 -29.46 25.56 3.54
CA LEU C 237 -29.53 25.29 4.97
C LEU C 237 -28.61 24.17 5.49
N VAL C 238 -28.71 22.97 4.93
CA VAL C 238 -27.98 21.81 5.43
C VAL C 238 -26.54 21.81 4.94
N SER C 239 -26.34 22.24 3.69
CA SER C 239 -25.00 22.27 3.17
C SER C 239 -24.14 23.23 4.04
N GLU C 240 -24.70 24.37 4.43
CA GLU C 240 -23.96 25.28 5.30
C GLU C 240 -23.75 24.64 6.64
N TYR C 241 -24.82 24.06 7.21
CA TYR C 241 -24.74 23.36 8.49
C TYR C 241 -23.57 22.34 8.51
N LEU C 242 -23.56 21.44 7.51
CA LEU C 242 -22.56 20.38 7.40
C LEU C 242 -21.10 20.88 7.31
N HIS C 243 -20.84 21.71 6.29
CA HIS C 243 -19.62 22.47 6.14
C HIS C 243 -19.21 23.23 7.37
N LYS C 244 -20.10 24.06 7.91
CA LYS C 244 -19.66 24.98 8.99
C LYS C 244 -19.73 24.42 10.41
N ASP C 245 -20.70 23.54 10.66
CA ASP C 245 -21.05 23.19 12.04
C ASP C 245 -20.93 21.72 12.43
N ALA C 246 -21.16 20.80 11.51
CA ALA C 246 -20.95 19.36 11.78
C ALA C 246 -19.46 19.05 11.97
N LYS C 247 -19.02 18.90 13.21
CA LYS C 247 -17.62 18.60 13.45
C LYS C 247 -17.34 17.11 13.41
N VAL C 248 -16.12 16.72 13.10
CA VAL C 248 -15.69 15.32 13.21
C VAL C 248 -15.84 14.94 14.68
N GLY C 249 -16.51 13.82 14.96
CA GLY C 249 -16.82 13.44 16.36
C GLY C 249 -18.29 13.62 16.71
N ASP C 250 -18.99 14.42 15.91
CA ASP C 250 -20.37 14.77 16.14
C ASP C 250 -21.22 13.64 15.63
N GLU C 251 -22.47 13.64 16.05
CA GLU C 251 -23.44 12.63 15.67
C GLU C 251 -24.21 13.10 14.44
N ILE C 252 -24.66 12.16 13.61
CA ILE C 252 -25.52 12.48 12.47
C ILE C 252 -26.46 11.30 12.21
N LYS C 253 -27.68 11.58 11.82
CA LYS C 253 -28.66 10.55 11.68
C LYS C 253 -28.86 10.27 10.22
N LEU C 254 -28.88 9.00 9.85
CA LEU C 254 -29.00 8.60 8.47
C LEU C 254 -30.09 7.55 8.31
N SER C 255 -30.71 7.53 7.13
CA SER C 255 -31.58 6.43 6.76
C SER C 255 -30.87 5.60 5.69
N ALA C 256 -31.33 4.35 5.52
CA ALA C 256 -30.67 3.35 4.66
C ALA C 256 -30.57 3.79 3.23
N PRO C 257 -29.59 3.27 2.49
CA PRO C 257 -29.39 3.63 1.06
C PRO C 257 -30.65 3.49 0.20
N ALA C 258 -30.90 4.49 -0.66
CA ALA C 258 -32.06 4.52 -1.53
C ALA C 258 -31.62 4.73 -2.98
N GLY C 259 -32.55 4.58 -3.92
CA GLY C 259 -32.29 4.93 -5.32
C GLY C 259 -32.26 3.81 -6.34
N ASP C 260 -32.59 4.19 -7.59
CA ASP C 260 -32.57 3.30 -8.75
C ASP C 260 -31.32 3.46 -9.59
N PHE C 261 -30.60 4.55 -9.40
CA PHE C 261 -29.43 4.80 -10.21
C PHE C 261 -28.35 3.72 -10.03
N ALA C 262 -28.15 2.90 -11.07
CA ALA C 262 -27.11 1.85 -11.09
C ALA C 262 -26.65 1.58 -12.52
N ILE C 263 -25.37 1.19 -12.71
CA ILE C 263 -24.92 0.80 -14.06
C ILE C 263 -25.42 -0.57 -14.49
N ASN C 264 -25.58 -0.76 -15.80
CA ASN C 264 -26.08 -2.01 -16.36
C ASN C 264 -25.09 -3.12 -16.06
N LYS C 265 -25.51 -4.11 -15.26
CA LYS C 265 -24.58 -5.12 -14.77
C LYS C 265 -24.12 -6.08 -15.87
N GLU C 266 -24.97 -6.26 -16.88
CA GLU C 266 -24.63 -7.09 -18.05
C GLU C 266 -23.51 -6.49 -18.92
N LEU C 267 -23.38 -5.16 -18.93
CA LEU C 267 -22.45 -4.47 -19.82
C LEU C 267 -21.11 -4.26 -19.17
N ILE C 268 -21.02 -4.59 -17.89
CA ILE C 268 -19.79 -4.45 -17.13
C ILE C 268 -18.76 -5.41 -17.68
N HIS C 269 -19.22 -6.61 -18.01
CA HIS C 269 -18.32 -7.70 -18.32
C HIS C 269 -18.17 -7.92 -19.80
N GLN C 270 -17.95 -6.82 -20.51
CA GLN C 270 -17.70 -6.85 -21.95
C GLN C 270 -16.97 -5.58 -22.39
N ASN C 271 -16.28 -5.67 -23.52
CA ASN C 271 -15.43 -4.57 -23.98
C ASN C 271 -15.89 -3.85 -25.26
N GLU C 272 -17.05 -4.23 -25.78
CA GLU C 272 -17.52 -3.63 -27.05
C GLU C 272 -18.33 -2.33 -26.91
N VAL C 273 -19.21 -2.28 -25.91
CA VAL C 273 -20.04 -1.12 -25.66
C VAL C 273 -19.41 -0.36 -24.53
N PRO C 274 -18.87 0.82 -24.84
CA PRO C 274 -18.18 1.67 -23.85
C PRO C 274 -19.09 2.20 -22.77
N LEU C 275 -18.52 2.60 -21.65
CA LEU C 275 -19.27 3.17 -20.54
C LEU C 275 -18.95 4.65 -20.48
N VAL C 276 -19.99 5.47 -20.53
CA VAL C 276 -19.82 6.93 -20.46
C VAL C 276 -20.36 7.51 -19.15
N LEU C 277 -19.48 8.09 -18.35
CA LEU C 277 -19.88 8.73 -17.10
C LEU C 277 -19.82 10.27 -17.20
N LEU C 278 -20.99 10.87 -17.34
CA LEU C 278 -21.12 12.29 -17.69
C LEU C 278 -21.63 13.10 -16.51
N SER C 279 -20.75 13.92 -15.92
CA SER C 279 -21.08 14.63 -14.69
C SER C 279 -20.82 16.12 -14.77
N SER C 280 -21.56 16.91 -13.99
CA SER C 280 -21.20 18.30 -13.65
C SER C 280 -21.10 18.56 -12.12
N GLY C 281 -20.17 19.39 -11.67
CA GLY C 281 -20.13 19.76 -10.28
C GLY C 281 -20.06 18.58 -9.33
N VAL C 282 -20.81 18.66 -8.22
CA VAL C 282 -20.79 17.65 -7.17
C VAL C 282 -21.49 16.41 -7.66
N GLY C 283 -22.19 16.50 -8.79
CA GLY C 283 -22.79 15.33 -9.44
C GLY C 283 -21.80 14.17 -9.65
N VAL C 284 -20.50 14.47 -9.69
CA VAL C 284 -19.46 13.49 -9.94
C VAL C 284 -19.54 12.30 -8.99
N THR C 285 -20.25 12.46 -7.88
CA THR C 285 -20.13 11.55 -6.72
C THR C 285 -20.60 10.10 -6.97
N PRO C 286 -21.85 9.90 -7.41
CA PRO C 286 -22.28 8.53 -7.71
C PRO C 286 -21.50 7.99 -8.90
N LEU C 287 -21.04 8.85 -9.79
CA LEU C 287 -20.29 8.38 -10.93
C LEU C 287 -18.91 7.90 -10.47
N LEU C 288 -18.34 8.56 -9.47
CA LEU C 288 -17.07 8.09 -8.93
C LEU C 288 -17.29 6.68 -8.39
N ALA C 289 -18.45 6.46 -7.77
CA ALA C 289 -18.78 5.16 -7.19
C ALA C 289 -18.91 4.16 -8.32
N MET C 290 -19.37 4.64 -9.46
CA MET C 290 -19.69 3.76 -10.55
C MET C 290 -18.41 3.45 -11.26
N LEU C 291 -17.55 4.45 -11.33
CA LEU C 291 -16.28 4.25 -11.99
C LEU C 291 -15.52 3.16 -11.20
N GLU C 292 -15.43 3.32 -9.88
CA GLU C 292 -14.74 2.37 -8.99
C GLU C 292 -15.19 0.94 -9.19
N GLU C 293 -16.49 0.76 -9.50
CA GLU C 293 -17.07 -0.55 -9.78
C GLU C 293 -16.60 -1.12 -11.11
N GLN C 294 -16.68 -0.34 -12.17
CA GLN C 294 -16.22 -0.79 -13.48
C GLN C 294 -14.74 -1.16 -13.45
N VAL C 295 -13.91 -0.24 -12.97
CA VAL C 295 -12.48 -0.46 -12.86
C VAL C 295 -12.16 -1.73 -12.10
N LYS C 296 -12.99 -2.05 -11.11
CA LYS C 296 -12.70 -3.22 -10.30
C LYS C 296 -13.28 -4.51 -10.91
N CYS C 297 -14.43 -4.40 -11.56
CA CYS C 297 -15.07 -5.57 -12.16
C CYS C 297 -14.41 -5.97 -13.47
N ASN C 298 -14.03 -4.99 -14.28
CA ASN C 298 -13.42 -5.22 -15.58
C ASN C 298 -12.76 -3.96 -16.13
N PRO C 299 -11.45 -3.82 -15.97
CA PRO C 299 -10.75 -2.61 -16.41
C PRO C 299 -10.40 -2.57 -17.90
N ASN C 300 -10.81 -3.60 -18.64
CA ASN C 300 -10.63 -3.63 -20.09
C ASN C 300 -11.76 -2.95 -20.89
N ARG C 301 -12.93 -2.77 -20.28
CA ARG C 301 -14.01 -2.01 -20.90
C ARG C 301 -13.52 -0.60 -21.22
N PRO C 302 -13.90 -0.08 -22.38
CA PRO C 302 -13.62 1.30 -22.74
C PRO C 302 -14.41 2.26 -21.85
N ILE C 303 -13.71 3.15 -21.14
CA ILE C 303 -14.37 4.14 -20.31
C ILE C 303 -14.17 5.59 -20.79
N TYR C 304 -15.27 6.34 -20.91
CA TYR C 304 -15.23 7.78 -21.17
C TYR C 304 -15.60 8.58 -19.92
N TRP C 305 -14.62 9.21 -19.31
CA TRP C 305 -14.88 10.03 -18.14
C TRP C 305 -15.01 11.47 -18.62
N ILE C 306 -16.25 11.99 -18.56
CA ILE C 306 -16.53 13.38 -18.92
C ILE C 306 -17.04 14.23 -17.73
N GLN C 307 -16.11 14.90 -17.05
CA GLN C 307 -16.40 15.63 -15.82
C GLN C 307 -16.26 17.12 -16.09
N SER C 308 -17.36 17.85 -15.87
CA SER C 308 -17.32 19.28 -15.98
C SER C 308 -17.42 19.93 -14.59
N SER C 309 -16.64 21.00 -14.40
CA SER C 309 -16.71 21.83 -13.22
C SER C 309 -16.28 23.25 -13.63
N TYR C 310 -16.36 24.19 -12.71
CA TYR C 310 -16.00 25.54 -13.03
C TYR C 310 -14.48 25.70 -13.19
N ASP C 311 -13.74 25.10 -12.27
CA ASP C 311 -12.33 25.34 -12.01
C ASP C 311 -11.58 24.03 -11.92
N GLU C 312 -10.26 24.16 -11.90
CA GLU C 312 -9.41 23.08 -11.37
C GLU C 312 -9.66 22.91 -9.87
N LYS C 313 -9.70 24.02 -9.14
CA LYS C 313 -9.93 24.05 -7.68
C LYS C 313 -11.27 23.46 -7.26
N THR C 314 -12.32 23.69 -8.06
CA THR C 314 -13.66 23.23 -7.73
C THR C 314 -13.93 21.83 -8.31
N GLN C 315 -12.95 21.32 -9.05
CA GLN C 315 -13.03 19.98 -9.66
C GLN C 315 -12.85 18.91 -8.61
N ALA C 316 -13.88 18.11 -8.41
CA ALA C 316 -13.93 17.12 -7.33
C ALA C 316 -13.21 15.84 -7.65
N PHE C 317 -12.53 15.29 -6.65
CA PHE C 317 -11.97 13.93 -6.68
C PHE C 317 -10.77 13.70 -7.57
N LYS C 318 -10.08 14.77 -7.93
CA LYS C 318 -8.89 14.67 -8.79
C LYS C 318 -7.98 13.47 -8.48
N LYS C 319 -7.44 13.38 -7.26
CA LYS C 319 -6.62 12.23 -6.85
C LYS C 319 -7.32 10.87 -7.08
N HIS C 320 -8.57 10.77 -6.61
CA HIS C 320 -9.38 9.57 -6.63
C HIS C 320 -9.57 9.06 -8.05
N VAL C 321 -10.02 9.95 -8.94
CA VAL C 321 -10.32 9.60 -10.33
C VAL C 321 -9.05 9.19 -11.08
N ASP C 322 -8.02 10.02 -11.01
CA ASP C 322 -6.75 9.68 -11.63
C ASP C 322 -6.35 8.24 -11.32
N GLU C 323 -6.34 7.90 -10.03
CA GLU C 323 -5.86 6.62 -9.51
C GLU C 323 -6.63 5.42 -10.08
N LEU C 324 -7.92 5.62 -10.34
CA LEU C 324 -8.77 4.57 -10.88
C LEU C 324 -8.52 4.42 -12.38
N LEU C 325 -8.44 5.57 -13.06
CA LEU C 325 -8.22 5.62 -14.50
C LEU C 325 -6.88 5.04 -14.88
N ALA C 326 -5.90 5.16 -13.98
CA ALA C 326 -4.56 4.62 -14.18
C ALA C 326 -4.60 3.11 -14.30
N GLU C 327 -5.68 2.53 -13.78
CA GLU C 327 -5.83 1.08 -13.72
C GLU C 327 -6.43 0.45 -14.99
N CYS C 328 -6.99 1.27 -15.87
CA CYS C 328 -7.69 0.73 -17.06
C CYS C 328 -6.92 0.78 -18.36
N ALA C 329 -7.22 -0.21 -19.19
CA ALA C 329 -6.62 -0.38 -20.50
C ALA C 329 -6.94 0.80 -21.40
N ASN C 330 -8.23 1.09 -21.60
CA ASN C 330 -8.61 2.10 -22.58
C ASN C 330 -9.58 3.13 -22.02
N VAL C 331 -9.04 4.28 -21.58
CA VAL C 331 -9.86 5.39 -21.13
C VAL C 331 -9.67 6.65 -21.95
N ASP C 332 -10.69 7.51 -21.92
CA ASP C 332 -10.58 8.87 -22.42
C ASP C 332 -11.01 9.78 -21.26
N LYS C 333 -10.06 10.55 -20.74
CA LYS C 333 -10.32 11.51 -19.67
C LYS C 333 -10.66 12.88 -20.25
N ILE C 334 -11.89 13.34 -20.04
CA ILE C 334 -12.32 14.63 -20.61
C ILE C 334 -12.80 15.59 -19.52
N ILE C 335 -11.94 16.55 -19.20
CA ILE C 335 -12.19 17.50 -18.12
C ILE C 335 -12.60 18.85 -18.72
N VAL C 336 -13.77 19.35 -18.33
CA VAL C 336 -14.25 20.67 -18.78
C VAL C 336 -14.31 21.73 -17.65
N HIS C 337 -13.53 22.79 -17.83
CA HIS C 337 -13.52 23.87 -16.88
C HIS C 337 -14.30 25.00 -17.51
N THR C 338 -15.51 25.22 -17.03
CA THR C 338 -16.42 26.18 -17.66
C THR C 338 -16.05 27.68 -17.44
N ASP C 339 -14.99 27.94 -16.65
CA ASP C 339 -14.34 29.27 -16.63
C ASP C 339 -13.48 29.59 -17.90
N THR C 340 -12.98 28.54 -18.53
CA THR C 340 -12.11 28.62 -19.71
C THR C 340 -12.92 28.21 -20.94
N GLU C 341 -13.69 27.12 -20.83
CA GLU C 341 -14.36 26.48 -21.97
C GLU C 341 -15.87 26.73 -21.99
N PRO C 342 -16.51 26.60 -23.15
CA PRO C 342 -17.97 26.61 -23.20
C PRO C 342 -18.60 25.42 -22.46
N LEU C 343 -19.86 25.58 -22.08
CA LEU C 343 -20.72 24.48 -21.57
C LEU C 343 -20.76 23.28 -22.54
N ILE C 344 -20.91 22.06 -22.02
CA ILE C 344 -21.02 20.88 -22.87
C ILE C 344 -22.28 20.94 -23.78
N ASN C 345 -22.10 20.96 -25.10
CA ASN C 345 -23.25 20.89 -26.01
C ASN C 345 -23.27 19.61 -26.82
N ALA C 346 -24.32 19.45 -27.61
CA ALA C 346 -24.50 18.22 -28.38
C ALA C 346 -23.28 17.98 -29.26
N ALA C 347 -22.87 19.03 -29.96
CA ALA C 347 -21.65 19.03 -30.76
C ALA C 347 -20.47 18.42 -30.02
N PHE C 348 -20.24 18.88 -28.79
CA PHE C 348 -19.16 18.36 -27.96
C PHE C 348 -19.30 16.85 -27.73
N LEU C 349 -20.49 16.42 -27.31
CA LEU C 349 -20.69 15.01 -26.97
C LEU C 349 -20.47 14.12 -28.18
N LYS C 350 -20.88 14.60 -29.36
CA LYS C 350 -20.68 13.86 -30.60
C LYS C 350 -19.20 13.55 -30.81
N GLU C 351 -18.36 14.56 -30.59
CA GLU C 351 -16.94 14.48 -30.91
C GLU C 351 -16.18 13.73 -29.84
N LYS C 352 -16.70 13.81 -28.61
CA LYS C 352 -15.96 13.33 -27.46
C LYS C 352 -16.42 11.96 -26.99
N SER C 353 -17.59 11.51 -27.44
CA SER C 353 -18.10 10.18 -27.05
C SER C 353 -18.66 9.40 -28.25
N PRO C 354 -18.63 8.07 -28.19
CA PRO C 354 -19.03 7.24 -29.33
C PRO C 354 -20.54 7.22 -29.55
N ALA C 355 -20.97 6.95 -30.78
CA ALA C 355 -22.38 6.96 -31.18
C ALA C 355 -23.20 5.93 -30.43
N HIS C 356 -22.61 4.76 -30.20
CA HIS C 356 -23.25 3.73 -29.41
C HIS C 356 -22.47 3.62 -28.14
N ALA C 357 -23.16 3.83 -27.03
CA ALA C 357 -22.52 3.89 -25.73
C ALA C 357 -23.55 3.69 -24.63
N ASP C 358 -23.08 3.19 -23.49
CA ASP C 358 -23.87 3.00 -22.28
C ASP C 358 -23.60 4.20 -21.38
N VAL C 359 -24.56 5.11 -21.29
CA VAL C 359 -24.31 6.41 -20.70
C VAL C 359 -25.08 6.66 -19.39
N TYR C 360 -24.38 7.25 -18.41
CA TYR C 360 -24.96 7.59 -17.11
C TYR C 360 -24.60 9.04 -16.82
N THR C 361 -25.60 9.85 -16.52
CA THR C 361 -25.32 11.25 -16.25
C THR C 361 -25.90 11.78 -14.92
N CYS C 362 -25.17 12.71 -14.29
CA CYS C 362 -25.55 13.26 -12.99
C CYS C 362 -25.10 14.72 -12.74
N GLY C 363 -25.95 15.47 -12.05
CA GLY C 363 -25.68 16.87 -11.67
C GLY C 363 -27.00 17.59 -11.38
N SER C 364 -26.99 18.91 -11.44
CA SER C 364 -28.19 19.72 -11.22
C SER C 364 -29.40 19.33 -12.10
N LEU C 365 -30.61 19.71 -11.67
CA LEU C 365 -31.81 19.68 -12.49
C LEU C 365 -31.50 20.14 -13.93
N ALA C 366 -30.90 21.33 -14.04
CA ALA C 366 -30.60 21.97 -15.33
C ALA C 366 -29.60 21.19 -16.19
N PHE C 367 -28.54 20.67 -15.58
CA PHE C 367 -27.58 19.86 -16.32
C PHE C 367 -28.20 18.59 -16.90
N MET C 368 -29.13 17.97 -16.18
CA MET C 368 -29.83 16.79 -16.72
C MET C 368 -30.60 17.22 -17.95
N GLN C 369 -31.54 18.16 -17.76
CA GLN C 369 -32.34 18.73 -18.84
C GLN C 369 -31.53 18.79 -20.14
N ALA C 370 -30.41 19.49 -20.06
CA ALA C 370 -29.49 19.69 -21.18
C ALA C 370 -28.98 18.39 -21.77
N MET C 371 -28.41 17.54 -20.92
CA MET C 371 -27.76 16.34 -21.40
C MET C 371 -28.73 15.34 -21.99
N ILE C 372 -29.90 15.19 -21.37
CA ILE C 372 -30.92 14.29 -21.90
C ILE C 372 -31.31 14.77 -23.31
N GLY C 373 -31.40 16.08 -23.48
CA GLY C 373 -31.78 16.70 -24.75
C GLY C 373 -30.76 16.43 -25.82
N HIS C 374 -29.50 16.62 -25.47
CA HIS C 374 -28.41 16.44 -26.40
C HIS C 374 -28.28 14.97 -26.83
N LEU C 375 -28.33 14.05 -25.87
CA LEU C 375 -28.21 12.62 -26.15
C LEU C 375 -29.38 12.08 -26.98
N LYS C 376 -30.56 12.65 -26.76
CA LYS C 376 -31.73 12.29 -27.53
C LYS C 376 -31.56 12.71 -28.99
N GLU C 377 -30.88 13.83 -29.21
CA GLU C 377 -30.66 14.34 -30.56
C GLU C 377 -29.60 13.51 -31.30
N LEU C 378 -28.55 13.12 -30.59
CA LEU C 378 -27.53 12.22 -31.13
C LEU C 378 -28.05 10.79 -31.31
N GLU C 379 -29.35 10.62 -31.03
CA GLU C 379 -30.08 9.37 -31.11
C GLU C 379 -29.46 8.21 -30.32
N HIS C 380 -29.10 8.48 -29.07
CA HIS C 380 -28.84 7.39 -28.15
C HIS C 380 -30.21 6.88 -27.72
N ARG C 381 -30.38 5.57 -27.79
CA ARG C 381 -31.58 4.90 -27.29
C ARG C 381 -31.85 5.31 -25.85
N ASP C 382 -33.12 5.39 -25.46
CA ASP C 382 -33.47 5.70 -24.07
C ASP C 382 -32.94 4.66 -23.10
N ASP C 383 -32.88 3.39 -23.52
CA ASP C 383 -32.32 2.30 -22.74
C ASP C 383 -30.87 2.56 -22.38
N MET C 384 -30.19 3.34 -23.21
CA MET C 384 -28.75 3.60 -23.04
C MET C 384 -28.45 4.86 -22.25
N ILE C 385 -29.46 5.71 -22.07
CA ILE C 385 -29.34 6.92 -21.27
C ILE C 385 -29.91 6.69 -19.89
N HIS C 386 -29.12 6.93 -18.83
CA HIS C 386 -29.59 6.85 -17.44
C HIS C 386 -29.14 8.03 -16.60
N TYR C 387 -30.03 8.51 -15.73
CA TYR C 387 -29.74 9.75 -15.04
C TYR C 387 -30.31 9.82 -13.63
N GLU C 388 -29.68 10.66 -12.80
CA GLU C 388 -30.10 10.92 -11.42
C GLU C 388 -29.90 12.41 -11.08
N PRO C 389 -30.99 13.16 -11.08
CA PRO C 389 -30.93 14.62 -10.80
C PRO C 389 -30.75 14.95 -9.33
N PHE C 390 -30.00 16.01 -9.04
CA PHE C 390 -29.84 16.46 -7.66
C PHE C 390 -30.99 17.39 -7.22
N GLY C 391 -32.16 17.14 -7.80
CA GLY C 391 -33.40 17.80 -7.44
C GLY C 391 -34.56 16.90 -7.81
N PRO C 392 -35.78 17.45 -7.86
CA PRO C 392 -36.95 16.64 -8.23
C PRO C 392 -36.94 16.11 -9.67
N LYS C 393 -37.00 14.78 -9.80
CA LYS C 393 -36.99 14.09 -11.11
C LYS C 393 -38.32 14.17 -11.88
N MET C 394 -39.41 14.46 -11.20
CA MET C 394 -40.70 14.64 -11.88
C MET C 394 -40.71 15.88 -12.79
N SER C 395 -39.66 16.69 -12.72
CA SER C 395 -39.50 17.86 -13.61
C SER C 395 -38.34 17.73 -14.62
N THR C 396 -37.76 16.53 -14.72
CA THR C 396 -36.77 16.19 -15.76
C THR C 396 -37.27 15.07 -16.67
N VAL C 397 -38.60 14.96 -16.79
CA VAL C 397 -39.24 14.11 -17.80
C VAL C 397 -40.30 14.99 -18.48
N GLN C 398 -40.23 15.08 -19.81
CA GLN C 398 -41.11 15.93 -20.61
C GLN C 398 -41.05 17.40 -20.18
N MET D 1 -25.43 -37.15 -43.81
CA MET D 1 -24.37 -36.18 -44.26
C MET D 1 -23.71 -36.66 -45.55
N LEU D 2 -22.95 -37.75 -45.45
CA LEU D 2 -22.44 -38.51 -46.60
C LEU D 2 -23.30 -39.76 -46.73
N ALA D 3 -23.20 -40.47 -47.87
CA ALA D 3 -24.13 -41.56 -48.23
C ALA D 3 -24.52 -42.47 -47.08
N GLU D 4 -25.84 -42.70 -46.93
CA GLU D 4 -26.45 -43.62 -45.97
C GLU D 4 -25.69 -44.96 -45.91
N LYS D 5 -25.01 -45.25 -47.03
CA LYS D 5 -24.14 -46.41 -47.24
C LYS D 5 -22.91 -46.29 -46.35
N THR D 6 -22.14 -45.22 -46.59
CA THR D 6 -20.90 -44.99 -45.87
C THR D 6 -21.12 -44.70 -44.37
N ARG D 7 -22.36 -44.42 -43.99
CA ARG D 7 -22.71 -44.25 -42.59
C ARG D 7 -23.05 -45.58 -41.90
N SER D 8 -23.58 -46.52 -42.68
CA SER D 8 -23.86 -47.85 -42.18
C SER D 8 -22.56 -48.62 -41.90
N ILE D 9 -21.65 -48.61 -42.88
CA ILE D 9 -20.31 -49.21 -42.73
C ILE D 9 -19.67 -48.76 -41.41
N ILE D 10 -19.69 -47.45 -41.17
CA ILE D 10 -19.14 -46.86 -39.95
C ILE D 10 -19.74 -47.51 -38.69
N LYS D 11 -21.07 -47.53 -38.60
CA LYS D 11 -21.75 -48.11 -37.45
C LYS D 11 -21.40 -49.58 -37.29
N ALA D 12 -21.43 -50.31 -38.41
CA ALA D 12 -21.18 -51.75 -38.45
C ALA D 12 -19.75 -52.18 -38.09
N THR D 13 -18.78 -51.29 -38.27
CA THR D 13 -17.38 -51.64 -38.04
C THR D 13 -16.81 -51.02 -36.75
N VAL D 14 -17.66 -50.39 -35.94
CA VAL D 14 -17.20 -49.84 -34.66
C VAL D 14 -16.84 -50.96 -33.66
N PRO D 15 -17.59 -52.06 -33.65
CA PRO D 15 -17.26 -53.18 -32.77
C PRO D 15 -15.85 -53.74 -32.99
N VAL D 16 -15.38 -53.77 -34.24
CA VAL D 16 -14.03 -54.26 -34.56
C VAL D 16 -12.97 -53.26 -34.08
N LEU D 17 -13.15 -51.98 -34.41
CA LEU D 17 -12.20 -50.94 -34.03
C LEU D 17 -12.18 -50.65 -32.53
N GLU D 18 -13.32 -50.84 -31.86
CA GLU D 18 -13.37 -50.72 -30.39
C GLU D 18 -12.59 -51.89 -29.74
N GLN D 19 -12.72 -53.09 -30.30
CA GLN D 19 -12.00 -54.26 -29.80
C GLN D 19 -10.51 -54.23 -30.18
N GLN D 20 -10.17 -53.59 -31.30
CA GLN D 20 -8.80 -53.59 -31.79
C GLN D 20 -8.16 -52.24 -31.53
N GLY D 21 -8.76 -51.47 -30.64
CA GLY D 21 -8.34 -50.09 -30.38
C GLY D 21 -6.87 -49.96 -30.12
N THR D 22 -6.44 -50.45 -28.96
CA THR D 22 -5.05 -50.36 -28.52
C THR D 22 -4.05 -50.69 -29.62
N VAL D 23 -4.25 -51.83 -30.29
CA VAL D 23 -3.35 -52.24 -31.38
C VAL D 23 -3.30 -51.19 -32.50
N ILE D 24 -4.46 -50.72 -32.96
CA ILE D 24 -4.49 -49.76 -34.04
C ILE D 24 -3.75 -48.49 -33.63
N THR D 25 -4.10 -47.96 -32.46
CA THR D 25 -3.57 -46.67 -32.09
C THR D 25 -2.05 -46.74 -31.90
N ARG D 26 -1.58 -47.87 -31.38
CA ARG D 26 -0.15 -48.13 -31.26
C ARG D 26 0.50 -48.10 -32.64
N THR D 27 -0.07 -48.84 -33.59
CA THR D 27 0.37 -48.86 -34.99
C THR D 27 0.35 -47.45 -35.60
N PHE D 28 -0.76 -46.74 -35.43
CA PHE D 28 -0.87 -45.36 -35.84
C PHE D 28 0.35 -44.51 -35.40
N TYR D 29 0.70 -44.53 -34.11
CA TYR D 29 1.75 -43.64 -33.63
C TYR D 29 3.12 -44.12 -34.11
N LYS D 30 3.34 -45.43 -34.02
CA LYS D 30 4.62 -46.02 -34.41
C LYS D 30 4.94 -45.54 -35.81
N ASN D 31 3.98 -45.68 -36.70
CA ASN D 31 4.21 -45.38 -38.09
C ASN D 31 4.36 -43.90 -38.32
N MET D 32 3.29 -43.17 -38.05
CA MET D 32 3.23 -41.75 -38.29
C MET D 32 4.45 -41.03 -37.72
N LEU D 33 4.81 -41.31 -36.48
CA LEU D 33 5.91 -40.59 -35.79
C LEU D 33 7.33 -40.97 -36.24
N THR D 34 7.54 -42.19 -36.71
CA THR D 34 8.84 -42.53 -37.27
C THR D 34 8.95 -42.21 -38.77
N GLU D 35 7.84 -41.95 -39.44
CA GLU D 35 7.92 -41.35 -40.76
C GLU D 35 8.12 -39.84 -40.66
N HIS D 36 7.13 -39.12 -40.14
CA HIS D 36 7.22 -37.67 -39.97
C HIS D 36 7.77 -37.34 -38.60
N THR D 37 9.10 -37.37 -38.46
CA THR D 37 9.71 -37.18 -37.15
C THR D 37 9.50 -35.76 -36.59
N GLU D 38 9.34 -34.78 -37.47
CA GLU D 38 9.12 -33.39 -37.05
C GLU D 38 7.90 -33.24 -36.17
N LEU D 39 6.97 -34.19 -36.28
CA LEU D 39 5.73 -34.17 -35.53
C LEU D 39 5.97 -34.34 -34.03
N LEU D 40 7.15 -34.84 -33.67
CA LEU D 40 7.54 -34.99 -32.28
C LEU D 40 7.74 -33.64 -31.63
N ASN D 41 7.62 -32.58 -32.42
CA ASN D 41 7.66 -31.20 -31.90
C ASN D 41 6.26 -30.71 -31.52
N ILE D 42 5.27 -31.59 -31.75
CA ILE D 42 3.89 -31.32 -31.42
C ILE D 42 3.37 -32.37 -30.45
N PHE D 43 3.47 -33.65 -30.79
CA PHE D 43 3.00 -34.70 -29.89
C PHE D 43 3.95 -34.91 -28.74
N ASN D 44 3.36 -35.22 -27.59
CA ASN D 44 4.07 -35.56 -26.35
C ASN D 44 4.10 -37.07 -26.20
N ARG D 45 5.27 -37.67 -26.35
CA ARG D 45 5.35 -39.12 -26.47
C ARG D 45 4.86 -39.83 -25.21
N THR D 46 4.93 -39.11 -24.09
CA THR D 46 4.61 -39.67 -22.77
C THR D 46 3.09 -39.87 -22.59
N ASN D 47 2.29 -39.07 -23.29
CA ASN D 47 0.84 -39.19 -23.21
C ASN D 47 0.34 -40.59 -23.53
N GLN D 48 0.98 -41.27 -24.50
CA GLN D 48 0.54 -42.61 -24.89
C GLN D 48 0.95 -43.73 -23.93
N LYS D 49 1.87 -43.43 -23.03
CA LYS D 49 2.36 -44.44 -22.09
C LYS D 49 1.93 -44.19 -20.64
N VAL D 50 1.14 -43.13 -20.41
CA VAL D 50 0.75 -42.74 -19.05
C VAL D 50 -0.76 -42.53 -18.90
N GLY D 51 -1.23 -41.35 -19.33
CA GLY D 51 -2.59 -40.90 -19.05
C GLY D 51 -3.63 -41.59 -19.90
N ALA D 52 -4.38 -40.79 -20.65
CA ALA D 52 -5.56 -41.27 -21.38
C ALA D 52 -5.51 -41.01 -22.89
N GLN D 53 -4.79 -41.88 -23.59
CA GLN D 53 -4.72 -41.90 -25.06
C GLN D 53 -4.43 -43.29 -25.67
N PRO D 54 -4.40 -44.37 -24.85
CA PRO D 54 -4.36 -45.74 -25.41
C PRO D 54 -5.74 -46.26 -25.83
N ASN D 55 -6.79 -45.79 -25.16
CA ASN D 55 -8.18 -46.14 -25.49
C ASN D 55 -8.91 -44.97 -26.16
N ALA D 56 -8.17 -43.90 -26.47
CA ALA D 56 -8.73 -42.66 -26.99
C ALA D 56 -9.51 -42.92 -28.26
N LEU D 57 -8.94 -43.74 -29.14
CA LEU D 57 -9.55 -44.04 -30.42
C LEU D 57 -11.00 -44.41 -30.25
N ALA D 58 -11.27 -45.47 -29.48
CA ALA D 58 -12.64 -45.97 -29.21
C ALA D 58 -13.52 -44.98 -28.42
N THR D 59 -12.91 -43.95 -27.84
CA THR D 59 -13.67 -42.85 -27.28
C THR D 59 -14.09 -41.94 -28.42
N THR D 60 -13.10 -41.45 -29.17
CA THR D 60 -13.34 -40.48 -30.26
C THR D 60 -13.89 -41.10 -31.54
N VAL D 61 -13.77 -42.42 -31.69
CA VAL D 61 -14.35 -43.12 -32.85
C VAL D 61 -15.75 -43.57 -32.53
N LEU D 62 -15.95 -44.15 -31.34
CA LEU D 62 -17.29 -44.57 -30.89
C LEU D 62 -18.22 -43.37 -30.79
N ALA D 63 -17.72 -42.25 -30.26
CA ALA D 63 -18.49 -41.01 -30.20
C ALA D 63 -18.93 -40.57 -31.60
N ALA D 64 -17.96 -40.42 -32.50
CA ALA D 64 -18.23 -40.05 -33.88
C ALA D 64 -19.20 -41.03 -34.52
N ALA D 65 -18.77 -42.28 -34.63
CA ALA D 65 -19.58 -43.32 -35.24
C ALA D 65 -21.00 -43.44 -34.66
N LYS D 66 -21.13 -43.24 -33.36
CA LYS D 66 -22.44 -43.34 -32.72
C LYS D 66 -23.26 -42.11 -33.00
N ASN D 67 -22.61 -40.97 -33.13
CA ASN D 67 -23.27 -39.70 -33.46
C ASN D 67 -23.11 -39.27 -34.91
N ILE D 68 -22.88 -40.23 -35.80
CA ILE D 68 -22.62 -39.95 -37.22
C ILE D 68 -23.84 -39.41 -37.92
N ASP D 69 -25.01 -39.81 -37.45
CA ASP D 69 -26.28 -39.27 -37.91
C ASP D 69 -26.32 -37.76 -37.78
N ASP D 70 -25.93 -37.24 -36.61
CA ASP D 70 -25.90 -35.80 -36.37
C ASP D 70 -24.67 -35.40 -35.57
N LEU D 71 -23.64 -34.94 -36.27
CA LEU D 71 -22.33 -34.65 -35.67
C LEU D 71 -22.32 -33.37 -34.86
N SER D 72 -23.33 -32.53 -35.08
CA SER D 72 -23.42 -31.25 -34.40
C SER D 72 -23.66 -31.39 -32.88
N VAL D 73 -24.20 -32.54 -32.45
CA VAL D 73 -24.48 -32.80 -31.02
C VAL D 73 -23.20 -32.84 -30.18
N LEU D 74 -22.06 -32.91 -30.86
CA LEU D 74 -20.76 -32.97 -30.19
C LEU D 74 -20.03 -31.63 -30.19
N MET D 75 -20.69 -30.59 -30.71
CA MET D 75 -20.07 -29.29 -30.97
C MET D 75 -19.42 -28.65 -29.75
N ASP D 76 -19.99 -28.93 -28.57
CA ASP D 76 -19.43 -28.42 -27.33
C ASP D 76 -18.05 -29.02 -27.04
N HIS D 77 -17.94 -30.33 -27.23
CA HIS D 77 -16.68 -31.05 -26.99
C HIS D 77 -15.59 -30.71 -28.01
N VAL D 78 -16.02 -30.40 -29.23
CA VAL D 78 -15.13 -29.99 -30.32
C VAL D 78 -14.49 -28.66 -29.99
N LYS D 79 -15.31 -27.72 -29.54
CA LYS D 79 -14.83 -26.41 -29.12
C LYS D 79 -13.75 -26.54 -28.04
N GLN D 80 -13.96 -27.42 -27.06
CA GLN D 80 -13.01 -27.61 -25.93
C GLN D 80 -11.66 -28.22 -26.38
N ILE D 81 -11.70 -29.08 -27.39
CA ILE D 81 -10.47 -29.61 -28.01
C ILE D 81 -9.85 -28.50 -28.84
N GLY D 82 -10.73 -27.75 -29.52
CA GLY D 82 -10.33 -26.64 -30.38
C GLY D 82 -9.32 -25.70 -29.74
N HIS D 83 -9.68 -25.19 -28.56
CA HIS D 83 -8.83 -24.30 -27.82
C HIS D 83 -7.44 -24.86 -27.71
N LYS D 84 -7.35 -26.14 -27.31
CA LYS D 84 -6.04 -26.84 -27.19
C LYS D 84 -5.33 -26.97 -28.50
N HIS D 85 -6.07 -27.33 -29.56
CA HIS D 85 -5.49 -27.44 -30.90
C HIS D 85 -4.90 -26.12 -31.38
N ARG D 86 -5.74 -25.09 -31.45
CA ARG D 86 -5.27 -23.73 -31.76
C ARG D 86 -4.05 -23.39 -30.86
N ALA D 87 -4.24 -23.46 -29.55
CA ALA D 87 -3.13 -23.19 -28.62
C ALA D 87 -1.85 -23.86 -29.09
N LEU D 88 -1.99 -25.10 -29.60
CA LEU D 88 -0.86 -25.95 -29.94
C LEU D 88 -0.41 -25.76 -31.38
N GLN D 89 -1.01 -24.80 -32.09
CA GLN D 89 -0.62 -24.48 -33.46
C GLN D 89 -0.91 -25.59 -34.51
N ILE D 90 -1.97 -26.38 -34.27
CA ILE D 90 -2.49 -27.39 -35.18
C ILE D 90 -3.23 -26.73 -36.37
N LYS D 91 -2.70 -26.94 -37.57
CA LYS D 91 -3.12 -26.19 -38.76
C LYS D 91 -3.88 -27.08 -39.73
N PRO D 92 -4.71 -26.49 -40.61
CA PRO D 92 -5.50 -27.33 -41.52
C PRO D 92 -4.64 -28.42 -42.19
N GLU D 93 -3.42 -28.05 -42.57
CA GLU D 93 -2.45 -28.94 -43.22
C GLU D 93 -2.04 -30.20 -42.41
N HIS D 94 -2.09 -30.13 -41.09
CA HIS D 94 -1.76 -31.29 -40.24
C HIS D 94 -2.80 -32.43 -40.42
N TYR D 95 -4.06 -32.04 -40.60
CA TYR D 95 -5.15 -33.00 -40.57
C TYR D 95 -5.03 -34.18 -41.53
N PRO D 96 -4.65 -33.92 -42.79
CA PRO D 96 -4.52 -35.01 -43.76
C PRO D 96 -3.47 -36.03 -43.33
N ILE D 97 -2.37 -35.56 -42.76
CA ILE D 97 -1.37 -36.48 -42.26
C ILE D 97 -2.02 -37.48 -41.30
N VAL D 98 -2.69 -36.99 -40.26
CA VAL D 98 -3.38 -37.87 -39.32
C VAL D 98 -4.30 -38.86 -40.06
N GLY D 99 -5.21 -38.34 -40.89
CA GLY D 99 -6.13 -39.19 -41.64
C GLY D 99 -5.44 -40.26 -42.47
N GLU D 100 -4.38 -39.85 -43.17
CA GLU D 100 -3.56 -40.76 -43.98
C GLU D 100 -3.10 -41.96 -43.15
N TYR D 101 -2.56 -41.67 -41.97
CA TYR D 101 -2.05 -42.72 -41.12
C TYR D 101 -3.10 -43.48 -40.36
N LEU D 102 -4.25 -42.83 -40.13
CA LEU D 102 -5.34 -43.52 -39.49
C LEU D 102 -5.80 -44.69 -40.36
N LEU D 103 -6.03 -44.42 -41.64
CA LEU D 103 -6.41 -45.47 -42.60
C LEU D 103 -5.29 -46.50 -42.77
N LYS D 104 -4.05 -46.04 -42.88
CA LYS D 104 -2.93 -46.94 -43.00
C LYS D 104 -2.84 -47.89 -41.80
N ALA D 105 -3.11 -47.38 -40.61
CA ALA D 105 -3.17 -48.21 -39.41
C ALA D 105 -4.24 -49.31 -39.51
N ILE D 106 -5.46 -48.90 -39.81
CA ILE D 106 -6.56 -49.83 -39.90
C ILE D 106 -6.23 -50.97 -40.90
N LYS D 107 -5.65 -50.60 -42.05
CA LYS D 107 -5.32 -51.57 -43.09
C LYS D 107 -4.30 -52.55 -42.54
N GLU D 108 -3.33 -52.05 -41.79
CA GLU D 108 -2.31 -52.89 -41.23
C GLU D 108 -2.88 -53.89 -40.22
N VAL D 109 -3.89 -53.47 -39.47
CA VAL D 109 -4.43 -54.29 -38.38
C VAL D 109 -5.59 -55.20 -38.81
N LEU D 110 -6.44 -54.73 -39.70
CA LEU D 110 -7.58 -55.53 -40.07
C LEU D 110 -7.30 -56.49 -41.24
N GLY D 111 -6.27 -56.17 -42.03
CA GLY D 111 -5.89 -56.97 -43.20
C GLY D 111 -6.94 -56.93 -44.29
N ASP D 112 -7.33 -58.09 -44.77
CA ASP D 112 -8.30 -58.21 -45.85
C ASP D 112 -9.73 -57.92 -45.39
N ALA D 113 -9.92 -57.80 -44.09
CA ALA D 113 -11.23 -57.43 -43.53
C ALA D 113 -11.51 -55.93 -43.74
N ALA D 114 -10.43 -55.15 -43.80
CA ALA D 114 -10.50 -53.74 -44.14
C ALA D 114 -10.52 -53.61 -45.66
N THR D 115 -11.72 -53.78 -46.23
CA THR D 115 -11.91 -53.75 -47.68
C THR D 115 -11.78 -52.32 -48.19
N PRO D 116 -11.68 -52.14 -49.51
CA PRO D 116 -11.70 -50.81 -50.12
C PRO D 116 -12.92 -49.96 -49.75
N GLU D 117 -14.09 -50.58 -49.55
CA GLU D 117 -15.25 -49.80 -49.12
C GLU D 117 -15.20 -49.41 -47.64
N ILE D 118 -14.62 -50.26 -46.80
CA ILE D 118 -14.43 -49.96 -45.38
C ILE D 118 -13.44 -48.79 -45.22
N ILE D 119 -12.28 -48.90 -45.86
CA ILE D 119 -11.28 -47.83 -45.88
C ILE D 119 -11.89 -46.55 -46.46
N ASN D 120 -12.57 -46.67 -47.60
CA ASN D 120 -13.17 -45.51 -48.23
C ASN D 120 -14.11 -44.77 -47.29
N ALA D 121 -15.02 -45.52 -46.67
CA ALA D 121 -16.00 -44.99 -45.69
C ALA D 121 -15.35 -44.25 -44.50
N TRP D 122 -14.23 -44.74 -44.01
CA TRP D 122 -13.57 -44.06 -42.91
C TRP D 122 -12.81 -42.83 -43.41
N GLY D 123 -12.20 -42.94 -44.59
CA GLY D 123 -11.57 -41.78 -45.23
C GLY D 123 -12.56 -40.64 -45.32
N GLU D 124 -13.77 -40.97 -45.81
CA GLU D 124 -14.89 -40.03 -45.87
C GLU D 124 -15.28 -39.52 -44.47
N ALA D 125 -15.59 -40.43 -43.55
CA ALA D 125 -15.97 -40.05 -42.19
C ALA D 125 -14.94 -39.13 -41.56
N TYR D 126 -13.67 -39.39 -41.83
CA TYR D 126 -12.59 -38.60 -41.27
C TYR D 126 -12.65 -37.12 -41.71
N GLN D 127 -12.67 -36.87 -43.02
CA GLN D 127 -12.65 -35.49 -43.50
C GLN D 127 -13.85 -34.72 -42.99
N ALA D 128 -14.98 -35.42 -42.83
CA ALA D 128 -16.19 -34.81 -42.29
C ALA D 128 -15.98 -34.36 -40.84
N ILE D 129 -15.28 -35.18 -40.07
CA ILE D 129 -14.95 -34.87 -38.70
C ILE D 129 -13.88 -33.77 -38.65
N ALA D 130 -12.82 -33.91 -39.44
CA ALA D 130 -11.74 -32.91 -39.45
C ALA D 130 -12.26 -31.55 -39.90
N ASP D 131 -13.27 -31.56 -40.78
CA ASP D 131 -13.85 -30.35 -41.31
C ASP D 131 -14.58 -29.54 -40.26
N ILE D 132 -15.22 -30.22 -39.32
CA ILE D 132 -15.78 -29.53 -38.14
C ILE D 132 -14.67 -28.89 -37.31
N PHE D 133 -13.58 -29.63 -37.08
CA PHE D 133 -12.45 -29.10 -36.31
C PHE D 133 -11.78 -27.90 -36.95
N ILE D 134 -11.40 -28.02 -38.21
CA ILE D 134 -10.68 -26.95 -38.90
C ILE D 134 -11.53 -25.69 -38.85
N THR D 135 -12.83 -25.85 -39.10
CA THR D 135 -13.77 -24.72 -39.00
C THR D 135 -13.82 -24.12 -37.62
N VAL D 136 -14.06 -24.92 -36.60
CA VAL D 136 -14.09 -24.39 -35.24
C VAL D 136 -12.77 -23.65 -35.02
N GLU D 137 -11.65 -24.32 -35.36
CA GLU D 137 -10.30 -23.80 -35.06
C GLU D 137 -9.93 -22.54 -35.87
N LYS D 138 -10.51 -22.40 -37.05
CA LYS D 138 -10.22 -21.23 -37.87
C LYS D 138 -10.67 -19.97 -37.11
N LYS D 139 -11.90 -20.00 -36.63
CA LYS D 139 -12.49 -18.88 -35.88
C LYS D 139 -11.64 -18.47 -34.69
N MET D 140 -11.15 -19.47 -33.95
CA MET D 140 -10.25 -19.31 -32.81
C MET D 140 -8.90 -18.65 -33.16
N TYR D 141 -8.30 -19.11 -34.25
CA TYR D 141 -7.13 -18.48 -34.83
C TYR D 141 -7.35 -16.99 -35.14
N GLU D 142 -8.41 -16.68 -35.89
CA GLU D 142 -8.60 -15.28 -36.21
C GLU D 142 -8.99 -14.45 -34.98
N GLU D 143 -9.32 -15.13 -33.87
CA GLU D 143 -9.72 -14.45 -32.64
C GLU D 143 -8.67 -14.40 -31.51
N ALA D 144 -7.54 -15.06 -31.70
CA ALA D 144 -6.48 -15.05 -30.67
C ALA D 144 -5.86 -13.64 -30.44
N LEU D 145 -5.50 -13.38 -29.18
CA LEU D 145 -4.91 -12.09 -28.79
C LEU D 145 -3.53 -11.82 -29.44
N TRP D 146 -2.90 -12.87 -29.97
CA TRP D 146 -1.72 -12.75 -30.83
C TRP D 146 -1.47 -14.00 -31.66
N PRO D 147 -0.79 -13.87 -32.81
CA PRO D 147 -0.61 -15.03 -33.68
C PRO D 147 0.59 -15.89 -33.26
N GLY D 148 0.39 -17.21 -33.28
CA GLY D 148 1.44 -18.17 -33.05
C GLY D 148 2.27 -17.99 -31.79
N TRP D 149 3.51 -18.50 -31.82
CA TRP D 149 4.39 -18.37 -30.68
C TRP D 149 5.06 -17.00 -30.70
N LYS D 150 5.16 -16.36 -29.53
CA LYS D 150 5.85 -15.10 -29.46
C LYS D 150 6.78 -15.11 -28.25
N PRO D 151 7.92 -14.43 -28.35
CA PRO D 151 8.92 -14.46 -27.30
C PRO D 151 8.56 -13.52 -26.14
N PHE D 152 8.63 -14.07 -24.93
CA PHE D 152 8.43 -13.34 -23.69
C PHE D 152 9.70 -13.46 -22.88
N GLU D 153 9.77 -12.66 -21.84
CA GLU D 153 10.89 -12.72 -20.96
C GLU D 153 10.44 -13.03 -19.54
N ILE D 154 11.21 -13.90 -18.89
CA ILE D 154 10.87 -14.35 -17.56
C ILE D 154 11.30 -13.26 -16.64
N THR D 155 10.33 -12.61 -15.95
CA THR D 155 10.65 -11.48 -15.04
C THR D 155 10.64 -11.80 -13.55
N ALA D 156 10.08 -12.95 -13.19
CA ALA D 156 10.12 -13.44 -11.79
C ALA D 156 9.78 -14.92 -11.66
N LYS D 157 10.49 -15.53 -10.72
CA LYS D 157 10.34 -16.93 -10.36
C LYS D 157 10.21 -16.94 -8.84
N GLU D 158 9.04 -17.40 -8.39
CA GLU D 158 8.68 -17.44 -6.95
C GLU D 158 7.98 -18.72 -6.54
N TYR D 159 8.49 -19.41 -5.54
CA TYR D 159 7.78 -20.61 -5.04
C TYR D 159 6.51 -20.23 -4.30
N VAL D 160 5.42 -20.87 -4.68
CA VAL D 160 4.18 -20.63 -4.01
C VAL D 160 3.65 -21.90 -3.34
N ALA D 161 4.55 -22.86 -3.19
CA ALA D 161 4.40 -24.03 -2.34
C ALA D 161 5.78 -24.68 -2.34
N SER D 162 5.95 -25.80 -1.64
CA SER D 162 7.25 -26.47 -1.56
C SER D 162 7.76 -26.90 -2.91
N ASP D 163 6.85 -27.34 -3.77
CA ASP D 163 7.24 -27.77 -5.12
C ASP D 163 6.35 -27.22 -6.27
N ILE D 164 5.83 -26.00 -6.11
CA ILE D 164 5.20 -25.26 -7.22
C ILE D 164 5.78 -23.88 -7.33
N VAL D 165 6.43 -23.58 -8.46
CA VAL D 165 6.88 -22.18 -8.76
C VAL D 165 5.88 -21.41 -9.60
N GLU D 166 5.77 -20.12 -9.27
CA GLU D 166 5.03 -19.19 -10.09
C GLU D 166 5.97 -18.32 -10.95
N PHE D 167 5.83 -18.51 -12.26
CA PHE D 167 6.53 -17.66 -13.21
C PHE D 167 5.65 -16.47 -13.44
N THR D 168 6.26 -15.29 -13.32
CA THR D 168 5.64 -14.11 -13.93
C THR D 168 6.40 -13.68 -15.19
N VAL D 169 5.67 -13.48 -16.28
CA VAL D 169 6.26 -13.39 -17.62
C VAL D 169 5.83 -12.10 -18.42
N LYS D 170 6.74 -11.46 -19.16
CA LYS D 170 6.46 -10.16 -19.87
C LYS D 170 6.92 -10.24 -21.30
N PRO D 171 6.09 -9.79 -22.26
CA PRO D 171 6.41 -9.94 -23.71
C PRO D 171 7.62 -9.15 -24.11
N LYS D 172 8.43 -9.72 -24.99
CA LYS D 172 9.69 -9.07 -25.39
C LYS D 172 9.49 -8.00 -26.45
N PHE D 173 10.41 -7.05 -26.55
CA PHE D 173 10.31 -6.02 -27.57
C PHE D 173 10.11 -6.61 -28.98
N GLY D 174 9.12 -6.07 -29.69
CA GLY D 174 8.89 -6.47 -31.08
C GLY D 174 8.09 -7.76 -31.16
N SER D 175 7.55 -8.18 -30.04
CA SER D 175 6.57 -9.26 -30.03
C SER D 175 5.21 -8.73 -30.47
N GLY D 176 5.08 -7.40 -30.46
CA GLY D 176 3.82 -6.67 -30.77
C GLY D 176 2.68 -6.96 -29.82
N ILE D 177 3.00 -7.24 -28.54
CA ILE D 177 2.00 -7.48 -27.52
C ILE D 177 2.13 -6.44 -26.41
N GLU D 178 1.15 -5.55 -26.28
CA GLU D 178 1.10 -4.69 -25.10
C GLU D 178 0.35 -5.39 -23.97
N LEU D 179 1.04 -5.56 -22.83
CA LEU D 179 0.49 -6.18 -21.64
C LEU D 179 -0.93 -5.72 -21.27
N GLU D 180 -1.08 -4.49 -20.76
CA GLU D 180 -2.43 -4.00 -20.47
C GLU D 180 -3.17 -3.91 -21.77
N SER D 181 -4.49 -4.05 -21.73
CA SER D 181 -5.29 -4.24 -22.95
C SER D 181 -5.01 -5.61 -23.62
N LEU D 182 -5.02 -6.65 -22.80
CA LEU D 182 -5.07 -8.04 -23.23
C LEU D 182 -6.22 -8.58 -22.38
N PRO D 183 -7.42 -8.73 -22.94
CA PRO D 183 -8.54 -9.22 -22.14
C PRO D 183 -8.43 -10.71 -21.81
N ILE D 184 -8.23 -11.02 -20.54
CA ILE D 184 -8.08 -12.40 -20.06
C ILE D 184 -9.28 -12.77 -19.18
N THR D 185 -9.91 -13.89 -19.47
CA THR D 185 -11.02 -14.38 -18.67
C THR D 185 -10.46 -15.40 -17.69
N PRO D 186 -10.58 -15.14 -16.40
CA PRO D 186 -10.03 -16.06 -15.39
C PRO D 186 -10.45 -17.50 -15.66
N GLY D 187 -9.49 -18.41 -15.71
CA GLY D 187 -9.74 -19.81 -16.07
C GLY D 187 -9.16 -20.20 -17.42
N GLN D 188 -8.62 -19.21 -18.12
CA GLN D 188 -7.85 -19.48 -19.33
C GLN D 188 -6.43 -19.93 -18.97
N TYR D 189 -5.88 -20.80 -19.82
CA TYR D 189 -4.48 -21.21 -19.74
C TYR D 189 -3.71 -20.63 -20.91
N ILE D 190 -2.41 -20.43 -20.71
CA ILE D 190 -1.54 -20.16 -21.85
C ILE D 190 -0.79 -21.44 -22.12
N THR D 191 0.00 -21.45 -23.20
CA THR D 191 0.75 -22.61 -23.57
C THR D 191 2.20 -22.18 -23.79
N VAL D 192 3.16 -22.95 -23.22
CA VAL D 192 4.58 -22.68 -23.53
C VAL D 192 5.19 -23.61 -24.57
N ASN D 193 6.16 -23.07 -25.30
CA ASN D 193 6.97 -23.81 -26.26
C ASN D 193 8.44 -23.75 -25.85
N THR D 194 8.90 -24.83 -25.23
CA THR D 194 10.24 -24.88 -24.62
C THR D 194 11.01 -25.94 -25.39
N HIS D 195 12.29 -26.06 -25.06
CA HIS D 195 13.11 -27.13 -25.62
C HIS D 195 14.09 -27.68 -24.59
N PRO D 196 13.58 -28.52 -23.68
CA PRO D 196 14.38 -29.08 -22.60
C PRO D 196 15.77 -29.60 -22.98
N ILE D 197 16.73 -29.35 -22.09
CA ILE D 197 18.12 -29.73 -22.32
C ILE D 197 18.45 -31.09 -21.71
N ARG D 198 17.61 -31.53 -20.77
CA ARG D 198 17.85 -32.77 -20.02
C ARG D 198 17.26 -33.95 -20.72
N GLN D 199 17.57 -35.12 -20.16
CA GLN D 199 16.95 -36.39 -20.51
C GLN D 199 17.17 -36.76 -21.95
N GLU D 200 18.31 -36.35 -22.53
CA GLU D 200 18.60 -36.67 -23.95
C GLU D 200 17.57 -36.11 -24.95
N ASN D 201 16.75 -35.16 -24.54
CA ASN D 201 15.66 -34.64 -25.38
C ASN D 201 16.16 -33.83 -26.56
N GLN D 202 15.48 -33.95 -27.68
CA GLN D 202 15.95 -33.34 -28.89
C GLN D 202 14.91 -32.48 -29.58
N TYR D 203 13.72 -32.39 -29.02
CA TYR D 203 12.60 -31.74 -29.69
C TYR D 203 11.93 -30.74 -28.79
N ASP D 204 11.01 -29.98 -29.37
CA ASP D 204 10.23 -29.06 -28.57
C ASP D 204 9.20 -29.83 -27.72
N ALA D 205 8.79 -29.19 -26.63
CA ALA D 205 7.81 -29.72 -25.74
C ALA D 205 6.86 -28.57 -25.43
N LEU D 206 5.59 -28.84 -25.67
CA LEU D 206 4.55 -27.86 -25.53
C LEU D 206 3.65 -28.25 -24.37
N ARG D 207 3.48 -27.36 -23.40
CA ARG D 207 2.55 -27.63 -22.29
C ARG D 207 1.66 -26.44 -21.94
N HIS D 208 0.39 -26.70 -21.65
CA HIS D 208 -0.51 -25.68 -21.10
C HIS D 208 -0.27 -25.38 -19.63
N TYR D 209 -0.20 -24.10 -19.27
CA TYR D 209 -0.30 -23.74 -17.87
C TYR D 209 -1.36 -22.66 -17.59
N SER D 210 -2.26 -22.94 -16.66
CA SER D 210 -3.31 -22.01 -16.21
C SER D 210 -2.74 -20.72 -15.65
N LEU D 211 -3.29 -19.57 -16.09
CA LEU D 211 -2.92 -18.23 -15.54
C LEU D 211 -3.43 -18.10 -14.12
N CYS D 212 -2.65 -17.50 -13.23
CA CYS D 212 -3.07 -17.38 -11.83
C CYS D 212 -3.99 -16.21 -11.59
N SER D 213 -3.94 -15.27 -12.52
CA SER D 213 -4.67 -14.04 -12.40
C SER D 213 -5.06 -13.56 -13.78
N ALA D 214 -6.17 -12.87 -13.85
CA ALA D 214 -6.60 -12.28 -15.10
C ALA D 214 -5.89 -10.96 -15.29
N SER D 215 -5.26 -10.44 -14.23
CA SER D 215 -4.61 -9.17 -14.31
C SER D 215 -3.28 -9.30 -15.00
N THR D 216 -2.98 -8.39 -15.91
CA THR D 216 -1.82 -8.49 -16.78
C THR D 216 -0.85 -7.31 -16.64
N LYS D 217 -1.24 -6.30 -15.87
CA LYS D 217 -0.41 -5.11 -15.70
C LYS D 217 1.08 -5.41 -15.41
N ASN D 218 1.34 -6.29 -14.45
CA ASN D 218 2.72 -6.67 -14.09
C ASN D 218 3.30 -7.91 -14.77
N GLY D 219 2.57 -8.49 -15.70
CA GLY D 219 3.05 -9.63 -16.45
C GLY D 219 1.99 -10.69 -16.42
N LEU D 220 2.17 -11.76 -17.19
CA LEU D 220 1.32 -12.93 -17.05
C LEU D 220 1.91 -13.87 -16.01
N ARG D 221 1.03 -14.40 -15.16
CA ARG D 221 1.47 -15.28 -14.10
C ARG D 221 0.93 -16.66 -14.33
N PHE D 222 1.82 -17.65 -14.37
CA PHE D 222 1.37 -19.07 -14.30
C PHE D 222 2.22 -19.85 -13.30
N ALA D 223 1.69 -20.98 -12.85
CA ALA D 223 2.36 -21.72 -11.77
C ALA D 223 2.54 -23.17 -12.16
N VAL D 224 3.78 -23.67 -11.99
CA VAL D 224 4.19 -25.00 -12.44
C VAL D 224 4.58 -25.91 -11.30
N LYS D 225 3.90 -27.04 -11.21
CA LYS D 225 4.18 -28.05 -10.17
C LYS D 225 5.28 -28.95 -10.67
N MET D 226 6.28 -29.24 -9.82
CA MET D 226 7.34 -30.14 -10.23
C MET D 226 6.89 -31.59 -10.11
N GLU D 227 6.78 -32.19 -11.29
CA GLU D 227 6.43 -33.57 -11.53
C GLU D 227 7.73 -34.38 -11.38
N ALA D 228 8.05 -34.80 -10.14
CA ALA D 228 9.33 -35.49 -9.83
C ALA D 228 9.36 -36.98 -10.22
N ALA D 229 10.54 -37.60 -10.06
CA ALA D 229 10.72 -39.00 -10.44
C ALA D 229 10.42 -40.02 -9.31
N ARG D 230 10.98 -39.74 -8.13
CA ARG D 230 10.86 -40.56 -6.90
C ARG D 230 11.61 -41.92 -6.87
N GLU D 231 10.94 -43.00 -7.28
CA GLU D 231 11.53 -44.33 -7.23
C GLU D 231 11.26 -45.12 -8.53
N ASN D 232 10.67 -44.45 -9.51
CA ASN D 232 10.03 -45.17 -10.61
C ASN D 232 10.50 -44.83 -12.02
N PHE D 233 9.79 -43.88 -12.64
CA PHE D 233 10.01 -43.49 -14.01
C PHE D 233 10.74 -42.16 -13.97
N PRO D 234 10.87 -41.47 -15.11
CA PRO D 234 11.59 -40.20 -15.10
C PRO D 234 10.70 -39.00 -14.71
N ALA D 235 11.35 -37.88 -14.38
CA ALA D 235 10.65 -36.63 -14.08
C ALA D 235 9.92 -36.13 -15.32
N GLY D 236 8.85 -35.38 -15.12
CA GLY D 236 8.15 -34.74 -16.23
C GLY D 236 9.08 -33.80 -16.97
N LEU D 237 9.07 -33.88 -18.29
CA LEU D 237 10.10 -33.19 -19.11
C LEU D 237 10.23 -31.64 -18.95
N VAL D 238 9.12 -30.94 -19.10
CA VAL D 238 9.07 -29.47 -19.07
C VAL D 238 8.97 -28.94 -17.63
N SER D 239 8.19 -29.62 -16.80
CA SER D 239 8.14 -29.20 -15.39
C SER D 239 9.57 -29.19 -14.81
N GLU D 240 10.37 -30.21 -15.09
CA GLU D 240 11.77 -30.22 -14.60
C GLU D 240 12.60 -29.12 -15.26
N TYR D 241 12.41 -28.95 -16.55
CA TYR D 241 13.11 -27.92 -17.29
C TYR D 241 12.82 -26.56 -16.69
N LEU D 242 11.54 -26.24 -16.53
CA LEU D 242 11.13 -24.96 -15.95
C LEU D 242 11.73 -24.71 -14.55
N HIS D 243 11.42 -25.62 -13.62
CA HIS D 243 11.95 -25.62 -12.26
C HIS D 243 13.49 -25.54 -12.20
N LYS D 244 14.17 -26.42 -12.90
CA LYS D 244 15.63 -26.52 -12.79
C LYS D 244 16.46 -25.56 -13.72
N ASP D 245 15.95 -25.30 -14.91
CA ASP D 245 16.76 -24.67 -15.94
C ASP D 245 16.26 -23.29 -16.41
N ALA D 246 14.94 -23.06 -16.44
CA ALA D 246 14.42 -21.73 -16.84
C ALA D 246 14.78 -20.67 -15.79
N LYS D 247 15.77 -19.83 -16.05
CA LYS D 247 16.17 -18.82 -15.06
C LYS D 247 15.39 -17.55 -15.36
N VAL D 248 15.23 -16.71 -14.35
CA VAL D 248 14.69 -15.37 -14.52
C VAL D 248 15.61 -14.57 -15.43
N GLY D 249 15.06 -14.00 -16.49
CA GLY D 249 15.92 -13.30 -17.47
C GLY D 249 16.00 -14.09 -18.75
N ASP D 250 15.61 -15.36 -18.69
CA ASP D 250 15.57 -16.26 -19.82
C ASP D 250 14.33 -16.03 -20.67
N GLU D 251 14.40 -16.43 -21.94
CA GLU D 251 13.31 -16.23 -22.88
C GLU D 251 12.35 -17.40 -22.80
N ILE D 252 11.09 -17.20 -23.14
CA ILE D 252 10.14 -18.31 -23.23
C ILE D 252 9.12 -17.96 -24.32
N LYS D 253 8.64 -18.99 -25.00
CA LYS D 253 7.71 -18.77 -26.08
C LYS D 253 6.34 -19.17 -25.61
N LEU D 254 5.35 -18.28 -25.82
CA LEU D 254 3.97 -18.58 -25.42
C LEU D 254 3.06 -18.32 -26.57
N SER D 255 1.94 -19.03 -26.56
CA SER D 255 0.81 -18.77 -27.43
C SER D 255 -0.36 -18.20 -26.60
N ALA D 256 -1.31 -17.57 -27.31
CA ALA D 256 -2.36 -16.76 -26.69
C ALA D 256 -3.26 -17.59 -25.80
N PRO D 257 -3.89 -16.94 -24.81
CA PRO D 257 -4.78 -17.64 -23.88
C PRO D 257 -5.84 -18.51 -24.58
N ALA D 258 -6.04 -19.74 -24.12
CA ALA D 258 -7.05 -20.64 -24.64
C ALA D 258 -8.02 -21.09 -23.52
N GLY D 259 -9.08 -21.79 -23.89
CA GLY D 259 -9.92 -22.46 -22.90
C GLY D 259 -11.32 -21.92 -22.66
N ASP D 260 -12.21 -22.80 -22.22
CA ASP D 260 -13.61 -22.45 -21.97
C ASP D 260 -13.89 -22.24 -20.48
N PHE D 261 -13.01 -22.72 -19.62
CA PHE D 261 -13.22 -22.65 -18.19
C PHE D 261 -13.38 -21.21 -17.73
N ALA D 262 -14.58 -20.85 -17.28
CA ALA D 262 -14.85 -19.49 -16.79
C ALA D 262 -16.05 -19.52 -15.84
N ILE D 263 -16.06 -18.68 -14.80
CA ILE D 263 -17.25 -18.57 -13.97
C ILE D 263 -18.43 -17.86 -14.68
N ASN D 264 -19.65 -18.21 -14.26
CA ASN D 264 -20.87 -17.65 -14.79
C ASN D 264 -20.97 -16.18 -14.42
N LYS D 265 -20.91 -15.33 -15.44
CA LYS D 265 -20.79 -13.89 -15.19
C LYS D 265 -22.05 -13.28 -14.60
N GLU D 266 -23.21 -13.92 -14.86
CA GLU D 266 -24.49 -13.48 -14.29
C GLU D 266 -24.61 -13.73 -12.78
N LEU D 267 -23.91 -14.75 -12.27
CA LEU D 267 -24.03 -15.14 -10.87
C LEU D 267 -23.02 -14.43 -9.97
N ILE D 268 -22.10 -13.70 -10.59
CA ILE D 268 -21.09 -12.91 -9.88
C ILE D 268 -21.75 -11.82 -9.06
N HIS D 269 -22.79 -11.19 -9.64
CA HIS D 269 -23.39 -9.96 -9.12
C HIS D 269 -24.67 -10.24 -8.37
N GLN D 270 -24.62 -11.25 -7.51
CA GLN D 270 -25.74 -11.63 -6.63
C GLN D 270 -25.23 -12.43 -5.44
N ASN D 271 -26.02 -12.42 -4.36
CA ASN D 271 -25.61 -13.03 -3.11
C ASN D 271 -26.38 -14.28 -2.69
N GLU D 272 -27.32 -14.74 -3.52
CA GLU D 272 -28.17 -15.89 -3.16
C GLU D 272 -27.61 -17.27 -3.50
N VAL D 273 -27.00 -17.38 -4.67
CA VAL D 273 -26.40 -18.63 -5.10
C VAL D 273 -24.90 -18.55 -4.88
N PRO D 274 -24.40 -19.33 -3.91
CA PRO D 274 -22.97 -19.30 -3.53
C PRO D 274 -22.06 -19.80 -4.64
N LEU D 275 -20.79 -19.40 -4.56
CA LEU D 275 -19.78 -19.88 -5.48
C LEU D 275 -18.89 -20.91 -4.79
N VAL D 276 -18.75 -22.08 -5.41
CA VAL D 276 -17.93 -23.13 -4.81
C VAL D 276 -16.72 -23.42 -5.68
N LEU D 277 -15.53 -23.19 -5.13
CA LEU D 277 -14.27 -23.43 -5.85
C LEU D 277 -13.53 -24.65 -5.31
N LEU D 278 -13.72 -25.76 -6.01
CA LEU D 278 -13.26 -27.07 -5.57
C LEU D 278 -11.97 -27.55 -6.28
N SER D 279 -10.87 -27.62 -5.55
CA SER D 279 -9.55 -27.86 -6.16
C SER D 279 -8.71 -28.90 -5.43
N SER D 280 -7.89 -29.61 -6.20
CA SER D 280 -6.83 -30.44 -5.65
C SER D 280 -5.45 -30.09 -6.23
N GLY D 281 -4.40 -30.20 -5.43
CA GLY D 281 -3.04 -30.00 -5.92
C GLY D 281 -2.87 -28.68 -6.65
N VAL D 282 -2.12 -28.71 -7.75
CA VAL D 282 -1.80 -27.51 -8.53
C VAL D 282 -3.02 -26.97 -9.24
N GLY D 283 -4.08 -27.74 -9.21
CA GLY D 283 -5.34 -27.35 -9.80
C GLY D 283 -5.88 -26.08 -9.18
N VAL D 284 -5.38 -25.70 -8.01
CA VAL D 284 -5.87 -24.49 -7.38
C VAL D 284 -5.75 -23.26 -8.30
N THR D 285 -4.91 -23.35 -9.34
CA THR D 285 -4.41 -22.18 -10.03
C THR D 285 -5.48 -21.36 -10.74
N PRO D 286 -6.27 -21.97 -11.63
CA PRO D 286 -7.33 -21.17 -12.27
C PRO D 286 -8.38 -20.76 -11.24
N LEU D 287 -8.50 -21.51 -10.16
CA LEU D 287 -9.49 -21.20 -9.15
C LEU D 287 -9.04 -19.97 -8.38
N LEU D 288 -7.73 -19.84 -8.18
CA LEU D 288 -7.23 -18.67 -7.49
C LEU D 288 -7.57 -17.45 -8.36
N ALA D 289 -7.54 -17.63 -9.69
CA ALA D 289 -7.81 -16.53 -10.63
C ALA D 289 -9.26 -16.21 -10.57
N MET D 290 -10.04 -17.26 -10.35
CA MET D 290 -11.49 -17.13 -10.31
C MET D 290 -11.92 -16.48 -8.99
N LEU D 291 -11.22 -16.84 -7.91
CA LEU D 291 -11.51 -16.23 -6.63
C LEU D 291 -11.23 -14.74 -6.73
N GLU D 292 -10.07 -14.38 -7.26
CA GLU D 292 -9.70 -12.97 -7.37
C GLU D 292 -10.75 -12.16 -8.14
N GLU D 293 -11.38 -12.77 -9.13
CA GLU D 293 -12.42 -12.08 -9.84
C GLU D 293 -13.66 -11.85 -8.99
N GLN D 294 -14.13 -12.89 -8.29
CA GLN D 294 -15.34 -12.76 -7.48
C GLN D 294 -15.14 -11.72 -6.39
N VAL D 295 -14.04 -11.87 -5.65
CA VAL D 295 -13.70 -10.96 -4.56
C VAL D 295 -13.66 -9.51 -5.05
N LYS D 296 -13.20 -9.30 -6.27
CA LYS D 296 -13.08 -7.94 -6.78
C LYS D 296 -14.37 -7.39 -7.39
N CYS D 297 -15.17 -8.28 -8.00
CA CYS D 297 -16.42 -7.87 -8.62
C CYS D 297 -17.54 -7.70 -7.59
N ASN D 298 -17.54 -8.56 -6.57
CA ASN D 298 -18.58 -8.57 -5.55
C ASN D 298 -18.18 -9.47 -4.36
N PRO D 299 -17.65 -8.87 -3.30
CA PRO D 299 -17.21 -9.64 -2.13
C PRO D 299 -18.33 -9.98 -1.13
N ASN D 300 -19.56 -9.67 -1.48
CA ASN D 300 -20.70 -10.06 -0.66
C ASN D 300 -21.25 -11.45 -0.99
N ARG D 301 -20.95 -11.95 -2.19
CA ARG D 301 -21.34 -13.31 -2.58
C ARG D 301 -20.77 -14.31 -1.57
N PRO D 302 -21.58 -15.30 -1.19
CA PRO D 302 -21.09 -16.42 -0.40
C PRO D 302 -20.08 -17.24 -1.19
N ILE D 303 -18.87 -17.40 -0.66
CA ILE D 303 -17.84 -18.22 -1.29
C ILE D 303 -17.44 -19.42 -0.44
N TYR D 304 -17.39 -20.59 -1.07
CA TYR D 304 -16.86 -21.78 -0.44
C TYR D 304 -15.54 -22.16 -1.10
N TRP D 305 -14.45 -21.94 -0.37
CA TRP D 305 -13.13 -22.35 -0.86
C TRP D 305 -12.80 -23.74 -0.29
N ILE D 306 -12.75 -24.72 -1.18
CA ILE D 306 -12.45 -26.09 -0.82
C ILE D 306 -11.19 -26.59 -1.55
N GLN D 307 -10.05 -26.39 -0.89
CA GLN D 307 -8.71 -26.71 -1.43
C GLN D 307 -8.11 -27.94 -0.73
N SER D 308 -7.82 -28.98 -1.50
CA SER D 308 -7.19 -30.19 -0.96
C SER D 308 -5.76 -30.31 -1.47
N SER D 309 -4.85 -30.66 -0.58
CA SER D 309 -3.47 -30.96 -0.97
C SER D 309 -2.96 -32.06 -0.04
N TYR D 310 -1.75 -32.54 -0.24
CA TYR D 310 -1.22 -33.56 0.64
C TYR D 310 -0.87 -32.96 2.04
N ASP D 311 -0.26 -31.78 2.02
CA ASP D 311 0.48 -31.16 3.13
C ASP D 311 0.10 -29.71 3.31
N GLU D 312 0.52 -29.16 4.45
CA GLU D 312 0.59 -27.72 4.60
C GLU D 312 1.68 -27.18 3.68
N LYS D 313 2.81 -27.87 3.61
CA LYS D 313 3.94 -27.47 2.75
C LYS D 313 3.62 -27.50 1.26
N THR D 314 2.91 -28.53 0.81
CA THR D 314 2.48 -28.68 -0.59
C THR D 314 1.18 -27.93 -0.93
N GLN D 315 0.59 -27.26 0.05
CA GLN D 315 -0.60 -26.43 -0.15
C GLN D 315 -0.25 -25.09 -0.85
N ALA D 316 -0.77 -24.92 -2.06
CA ALA D 316 -0.41 -23.78 -2.88
C ALA D 316 -1.13 -22.50 -2.50
N PHE D 317 -0.44 -21.37 -2.68
CA PHE D 317 -0.99 -20.03 -2.58
C PHE D 317 -1.54 -19.57 -1.22
N LYS D 318 -1.16 -20.23 -0.15
CA LYS D 318 -1.57 -19.86 1.22
C LYS D 318 -1.70 -18.32 1.47
N LYS D 319 -0.63 -17.55 1.23
CA LYS D 319 -0.65 -16.09 1.42
C LYS D 319 -1.72 -15.43 0.52
N HIS D 320 -1.70 -15.81 -0.76
CA HIS D 320 -2.59 -15.25 -1.78
C HIS D 320 -4.08 -15.48 -1.50
N VAL D 321 -4.42 -16.71 -1.12
CA VAL D 321 -5.80 -17.06 -0.81
C VAL D 321 -6.27 -16.36 0.46
N ASP D 322 -5.50 -16.47 1.54
CA ASP D 322 -5.87 -15.80 2.77
C ASP D 322 -6.25 -14.33 2.51
N GLU D 323 -5.35 -13.60 1.85
CA GLU D 323 -5.51 -12.16 1.62
C GLU D 323 -6.78 -11.80 0.86
N LEU D 324 -7.21 -12.68 -0.03
CA LEU D 324 -8.44 -12.45 -0.81
C LEU D 324 -9.66 -12.73 0.05
N LEU D 325 -9.63 -13.84 0.78
CA LEU D 325 -10.73 -14.27 1.62
C LEU D 325 -10.99 -13.29 2.73
N ALA D 326 -9.93 -12.64 3.18
CA ALA D 326 -10.04 -11.59 4.19
C ALA D 326 -10.93 -10.44 3.71
N GLU D 327 -11.10 -10.31 2.41
CA GLU D 327 -11.84 -9.20 1.86
C GLU D 327 -13.34 -9.46 1.71
N CYS D 328 -13.78 -10.69 1.94
CA CYS D 328 -15.18 -11.02 1.72
C CYS D 328 -16.04 -11.11 2.98
N ALA D 329 -17.30 -10.73 2.82
CA ALA D 329 -18.29 -10.80 3.88
C ALA D 329 -18.49 -12.23 4.40
N ASN D 330 -18.85 -13.15 3.52
CA ASN D 330 -19.24 -14.50 3.95
C ASN D 330 -18.51 -15.60 3.19
N VAL D 331 -17.44 -16.11 3.81
CA VAL D 331 -16.68 -17.25 3.25
C VAL D 331 -16.63 -18.46 4.20
N ASP D 332 -16.43 -19.62 3.59
CA ASP D 332 -16.10 -20.83 4.32
C ASP D 332 -14.82 -21.37 3.72
N LYS D 333 -13.73 -21.34 4.50
CA LYS D 333 -12.43 -21.85 4.07
C LYS D 333 -12.27 -23.30 4.51
N ILE D 334 -12.16 -24.21 3.54
CA ILE D 334 -12.05 -25.62 3.86
C ILE D 334 -10.81 -26.25 3.23
N ILE D 335 -9.83 -26.51 4.09
CA ILE D 335 -8.52 -27.00 3.66
C ILE D 335 -8.40 -28.47 4.03
N VAL D 336 -8.16 -29.33 3.04
CA VAL D 336 -8.01 -30.76 3.30
C VAL D 336 -6.57 -31.21 3.05
N HIS D 337 -5.91 -31.70 4.09
CA HIS D 337 -4.56 -32.25 3.95
C HIS D 337 -4.69 -33.74 3.97
N THR D 338 -4.48 -34.36 2.82
CA THR D 338 -4.74 -35.80 2.68
C THR D 338 -3.67 -36.70 3.30
N ASP D 339 -2.67 -36.11 3.97
CA ASP D 339 -1.79 -36.87 4.89
C ASP D 339 -2.44 -37.13 6.27
N THR D 340 -3.35 -36.23 6.65
CA THR D 340 -4.04 -36.27 7.92
C THR D 340 -5.46 -36.76 7.70
N GLU D 341 -6.11 -36.25 6.65
CA GLU D 341 -7.55 -36.46 6.43
C GLU D 341 -7.84 -37.41 5.26
N PRO D 342 -9.02 -38.04 5.26
CA PRO D 342 -9.45 -38.83 4.09
C PRO D 342 -9.68 -37.98 2.85
N LEU D 343 -9.65 -38.61 1.68
CA LEU D 343 -9.98 -37.98 0.39
C LEU D 343 -11.39 -37.40 0.43
N ILE D 344 -11.63 -36.35 -0.35
CA ILE D 344 -12.94 -35.70 -0.40
C ILE D 344 -13.97 -36.66 -1.00
N ASN D 345 -14.99 -37.05 -0.22
CA ASN D 345 -16.08 -37.86 -0.76
C ASN D 345 -17.41 -37.11 -0.81
N ALA D 346 -18.43 -37.77 -1.35
CA ALA D 346 -19.75 -37.17 -1.51
C ALA D 346 -20.30 -36.73 -0.16
N ALA D 347 -20.19 -37.62 0.83
CA ALA D 347 -20.54 -37.30 2.21
C ALA D 347 -19.93 -35.96 2.64
N PHE D 348 -18.63 -35.78 2.39
CA PHE D 348 -17.91 -34.56 2.74
C PHE D 348 -18.52 -33.32 2.08
N LEU D 349 -18.72 -33.40 0.76
CA LEU D 349 -19.25 -32.26 0.00
C LEU D 349 -20.66 -31.86 0.46
N LYS D 350 -21.50 -32.86 0.75
CA LYS D 350 -22.83 -32.62 1.30
C LYS D 350 -22.77 -31.73 2.54
N GLU D 351 -21.88 -32.07 3.46
CA GLU D 351 -21.76 -31.41 4.76
C GLU D 351 -21.09 -30.05 4.64
N LYS D 352 -20.19 -29.94 3.67
CA LYS D 352 -19.32 -28.78 3.59
C LYS D 352 -19.76 -27.74 2.58
N SER D 353 -20.65 -28.11 1.66
CA SER D 353 -21.16 -27.17 0.67
C SER D 353 -22.69 -27.25 0.52
N PRO D 354 -23.30 -26.15 0.05
CA PRO D 354 -24.77 -26.09 0.00
C PRO D 354 -25.35 -26.91 -1.15
N ALA D 355 -26.61 -27.31 -0.99
CA ALA D 355 -27.31 -28.15 -1.95
C ALA D 355 -27.45 -27.49 -3.32
N HIS D 356 -27.74 -26.18 -3.29
CA HIS D 356 -27.78 -25.39 -4.51
C HIS D 356 -26.57 -24.46 -4.51
N ALA D 357 -25.76 -24.56 -5.55
CA ALA D 357 -24.48 -23.87 -5.59
C ALA D 357 -23.92 -23.87 -6.99
N ASP D 358 -23.18 -22.81 -7.28
CA ASP D 358 -22.46 -22.62 -8.54
C ASP D 358 -21.05 -23.13 -8.33
N VAL D 359 -20.78 -24.31 -8.89
CA VAL D 359 -19.52 -25.03 -8.58
C VAL D 359 -18.54 -25.10 -9.76
N TYR D 360 -17.28 -24.81 -9.46
CA TYR D 360 -16.18 -24.96 -10.42
C TYR D 360 -15.09 -25.82 -9.79
N THR D 361 -14.65 -26.85 -10.52
CA THR D 361 -13.66 -27.77 -10.00
C THR D 361 -12.45 -27.98 -10.94
N CYS D 362 -11.27 -28.19 -10.36
CA CYS D 362 -10.04 -28.38 -11.15
C CYS D 362 -8.96 -29.22 -10.43
N GLY D 363 -8.25 -30.03 -11.21
CA GLY D 363 -7.12 -30.85 -10.74
C GLY D 363 -6.86 -31.95 -11.73
N SER D 364 -6.22 -33.04 -11.29
CA SER D 364 -5.95 -34.22 -12.13
C SER D 364 -7.17 -34.81 -12.82
N LEU D 365 -6.91 -35.57 -13.89
CA LEU D 365 -7.91 -36.43 -14.54
C LEU D 365 -8.77 -37.15 -13.49
N ALA D 366 -8.10 -37.79 -12.52
CA ALA D 366 -8.74 -38.63 -11.50
C ALA D 366 -9.63 -37.83 -10.54
N PHE D 367 -9.11 -36.70 -10.07
CA PHE D 367 -9.87 -35.82 -9.18
C PHE D 367 -11.18 -35.34 -9.82
N MET D 368 -11.14 -35.05 -11.11
CA MET D 368 -12.35 -34.64 -11.82
C MET D 368 -13.34 -35.79 -11.76
N GLN D 369 -12.95 -36.92 -12.33
CA GLN D 369 -13.74 -38.15 -12.32
C GLN D 369 -14.56 -38.24 -11.03
N ALA D 370 -13.84 -38.26 -9.90
CA ALA D 370 -14.39 -38.34 -8.57
C ALA D 370 -15.42 -37.24 -8.29
N MET D 371 -15.01 -35.98 -8.43
CA MET D 371 -15.86 -34.83 -8.09
C MET D 371 -17.13 -34.73 -8.94
N ILE D 372 -17.02 -34.98 -10.24
CA ILE D 372 -18.20 -34.99 -11.11
C ILE D 372 -19.19 -36.04 -10.64
N GLY D 373 -18.67 -37.20 -10.23
CA GLY D 373 -19.50 -38.33 -9.77
C GLY D 373 -20.24 -38.00 -8.48
N HIS D 374 -19.51 -37.41 -7.54
CA HIS D 374 -20.06 -37.01 -6.25
C HIS D 374 -21.14 -35.93 -6.40
N LEU D 375 -20.84 -34.87 -7.15
CA LEU D 375 -21.78 -33.77 -7.38
C LEU D 375 -23.04 -34.21 -8.14
N LYS D 376 -22.89 -35.17 -9.04
CA LYS D 376 -24.01 -35.72 -9.77
C LYS D 376 -24.95 -36.49 -8.83
N GLU D 377 -24.36 -37.13 -7.82
CA GLU D 377 -25.13 -37.92 -6.84
C GLU D 377 -25.89 -37.01 -5.88
N LEU D 378 -25.25 -35.91 -5.47
CA LEU D 378 -25.88 -34.88 -4.65
C LEU D 378 -26.87 -34.04 -5.46
N GLU D 379 -27.09 -34.48 -6.70
CA GLU D 379 -28.00 -33.84 -7.65
C GLU D 379 -27.80 -32.34 -7.84
N HIS D 380 -26.55 -31.91 -8.02
CA HIS D 380 -26.28 -30.60 -8.58
C HIS D 380 -26.51 -30.71 -10.07
N ARG D 381 -27.35 -29.81 -10.60
CA ARG D 381 -27.61 -29.69 -12.05
C ARG D 381 -26.28 -29.64 -12.82
N ASP D 382 -26.27 -30.20 -14.03
CA ASP D 382 -25.07 -30.15 -14.87
C ASP D 382 -24.67 -28.72 -15.19
N ASP D 383 -25.67 -27.85 -15.37
CA ASP D 383 -25.46 -26.41 -15.58
C ASP D 383 -24.64 -25.79 -14.47
N MET D 384 -24.72 -26.38 -13.28
CA MET D 384 -24.09 -25.81 -12.09
C MET D 384 -22.69 -26.37 -11.81
N ILE D 385 -22.37 -27.50 -12.44
CA ILE D 385 -21.05 -28.13 -12.34
C ILE D 385 -20.19 -27.72 -13.53
N HIS D 386 -19.02 -27.14 -13.28
CA HIS D 386 -18.03 -26.83 -14.34
C HIS D 386 -16.60 -27.25 -13.97
N TYR D 387 -15.88 -27.78 -14.95
CA TYR D 387 -14.58 -28.41 -14.67
C TYR D 387 -13.57 -28.25 -15.79
N GLU D 388 -12.30 -28.30 -15.40
CA GLU D 388 -11.15 -28.20 -16.29
C GLU D 388 -10.05 -29.18 -15.86
N PRO D 389 -9.94 -30.32 -16.55
CA PRO D 389 -8.96 -31.34 -16.16
C PRO D 389 -7.56 -30.99 -16.60
N PHE D 390 -6.57 -31.41 -15.82
CA PHE D 390 -5.16 -31.18 -16.16
C PHE D 390 -4.60 -32.34 -16.97
N GLY D 391 -5.48 -32.92 -17.79
CA GLY D 391 -5.14 -33.92 -18.80
C GLY D 391 -6.24 -33.91 -19.86
N PRO D 392 -6.35 -34.98 -20.65
CA PRO D 392 -7.37 -35.06 -21.70
C PRO D 392 -8.84 -35.13 -21.21
N LYS D 393 -9.65 -34.13 -21.60
CA LYS D 393 -11.05 -34.03 -21.18
C LYS D 393 -11.99 -35.02 -21.89
N MET D 394 -11.55 -35.57 -23.02
CA MET D 394 -12.35 -36.60 -23.73
C MET D 394 -12.48 -37.92 -22.94
N SER D 395 -11.73 -38.04 -21.85
CA SER D 395 -11.81 -39.19 -20.95
C SER D 395 -12.39 -38.84 -19.56
N THR D 396 -12.96 -37.64 -19.42
CA THR D 396 -13.71 -37.25 -18.22
C THR D 396 -15.18 -36.93 -18.55
N VAL D 397 -15.67 -37.53 -19.63
CA VAL D 397 -17.10 -37.51 -19.97
C VAL D 397 -17.48 -38.97 -20.28
N GLN D 398 -18.49 -39.47 -19.57
CA GLN D 398 -18.94 -40.88 -19.65
C GLN D 398 -17.80 -41.87 -19.36
CHA HEM E . 37.13 -19.09 11.69
CHB HEM E . 41.01 -17.74 14.09
CHC HEM E . 39.88 -21.01 17.55
CHD HEM E . 36.65 -23.00 14.55
C1A HEM E . 38.25 -18.42 12.01
C2A HEM E . 38.86 -17.36 11.25
C3A HEM E . 39.96 -16.99 11.93
C4A HEM E . 40.05 -17.82 13.13
CMA HEM E . 40.96 -15.87 11.53
CAA HEM E . 38.35 -16.78 9.92
CBA HEM E . 37.10 -15.92 10.19
CGA HEM E . 37.08 -14.68 9.30
O1A HEM E . 36.05 -13.94 9.30
O2A HEM E . 38.09 -14.41 8.59
C1B HEM E . 41.01 -18.52 15.22
C2B HEM E . 42.02 -18.41 16.26
C3B HEM E . 41.72 -19.33 17.22
C4B HEM E . 40.51 -20.03 16.80
CMB HEM E . 43.21 -17.44 16.24
CAB HEM E . 42.50 -19.63 18.52
CBB HEM E . 42.92 -18.64 19.29
C1C HEM E . 38.96 -21.87 17.03
C2C HEM E . 38.50 -23.08 17.66
C3C HEM E . 37.62 -23.64 16.82
C4C HEM E . 37.49 -22.80 15.65
CMC HEM E . 38.97 -23.58 19.03
CAC HEM E . 36.87 -24.94 17.04
CBC HEM E . 37.59 -26.05 17.15
C1D HEM E . 36.50 -22.12 13.48
C2D HEM E . 35.62 -22.35 12.37
C3D HEM E . 35.79 -21.14 11.48
C4D HEM E . 36.73 -20.31 12.17
CMD HEM E . 34.73 -23.58 12.16
CAD HEM E . 35.14 -20.84 10.11
CBD HEM E . 34.65 -22.13 9.46
CGD HEM E . 35.78 -22.90 8.83
O1D HEM E . 36.99 -22.48 9.00
O2D HEM E . 35.41 -23.92 8.15
NA HEM E . 38.96 -18.65 13.15
NB HEM E . 40.08 -19.52 15.59
NC HEM E . 38.33 -21.71 15.83
ND HEM E . 37.12 -20.90 13.35
FE HEM E . 38.59 -20.22 14.52
PA FAD F . 31.72 -24.18 -0.58
O1A FAD F . 31.98 -23.70 0.85
O2A FAD F . 31.36 -25.65 -0.69
O5B FAD F . 32.97 -23.83 -1.53
C5B FAD F . 33.28 -22.48 -1.81
C4B FAD F . 33.67 -22.28 -3.27
O4B FAD F . 34.77 -23.13 -3.60
C3B FAD F . 32.61 -22.58 -4.33
O3B FAD F . 32.61 -21.51 -5.26
C2B FAD F . 33.11 -23.82 -5.06
O2B FAD F . 32.87 -23.79 -6.44
C1B FAD F . 34.59 -23.74 -4.84
N9A FAD F . 35.21 -25.05 -4.75
C8A FAD F . 34.66 -26.24 -4.33
N7A FAD F . 35.61 -27.20 -4.38
C5A FAD F . 36.74 -26.63 -4.82
C6A FAD F . 38.01 -27.13 -5.05
N6A FAD F . 38.22 -28.41 -4.83
N1A FAD F . 39.02 -26.30 -5.51
C2A FAD F . 38.79 -24.95 -5.73
N3A FAD F . 37.52 -24.45 -5.50
C4A FAD F . 36.52 -25.28 -5.06
N1 FAD F . 26.92 -15.47 0.44
C2 FAD F . 25.73 -15.16 -0.18
O2 FAD F . 25.43 -15.76 -1.22
N3 FAD F . 24.89 -14.16 0.35
C4 FAD F . 25.19 -13.47 1.55
O4 FAD F . 24.36 -12.59 1.99
C4X FAD F . 26.42 -13.80 2.18
N5 FAD F . 26.81 -13.15 3.36
C5X FAD F . 28.02 -13.47 3.99
C6 FAD F . 28.38 -12.79 5.15
C7 FAD F . 29.59 -13.12 5.76
C7M FAD F . 29.94 -12.36 7.04
C8 FAD F . 30.44 -14.12 5.21
C8M FAD F . 31.78 -14.51 5.80
C9 FAD F . 30.05 -14.76 4.06
C9A FAD F . 28.86 -14.46 3.42
N10 FAD F . 28.50 -15.08 2.21
C10 FAD F . 27.28 -14.78 1.62
C1' FAD F . 29.33 -16.18 1.62
C2' FAD F . 28.64 -17.52 2.13
O2' FAD F . 28.51 -17.58 3.55
C3' FAD F . 29.28 -18.85 1.73
O3' FAD F . 30.66 -18.59 1.91
C4' FAD F . 28.86 -19.30 0.34
O4' FAD F . 27.50 -19.61 0.28
C5' FAD F . 29.62 -20.50 -0.20
O5' FAD F . 29.24 -21.65 0.49
P FAD F . 29.10 -23.04 -0.34
O1P FAD F . 28.97 -24.14 0.73
O2P FAD F . 27.97 -23.01 -1.35
O3P FAD F . 30.48 -23.30 -1.16
C1 ECN G . 45.11 -20.56 15.36
C2 ECN G . 45.58 -19.25 15.25
CL4 ECN G . 44.80 -23.04 10.54
C6 ECN G . 40.02 -21.32 12.08
C7 ECN G . 41.17 -22.03 11.79
C9 ECN G . 46.65 -21.02 17.13
C10 ECN G . 45.62 -21.46 16.31
C11 ECN G . 47.11 -19.71 16.99
CL2 ECN G . 48.38 -19.10 18.01
C14 ECN G . 45.61 -23.67 12.02
C15 ECN G . 46.81 -24.34 11.95
C16 ECN G . 47.42 -24.81 13.09
C17 ECN G . 46.86 -24.63 14.33
CL8 ECN G . 48.99 -25.63 12.97
N19 ECN G . 39.64 -21.61 13.34
C19 ECN G . 42.57 -23.70 13.02
C20 ECN G . 43.75 -22.83 13.32
O20 ECN G . 43.64 -22.28 14.60
C5 ECN G . 45.02 -23.54 13.24
N1 ECN G . 41.45 -22.75 12.89
C3 ECN G . 40.52 -22.49 13.84
C8 ECN G . 44.02 -20.93 14.44
C13 ECN G . 46.60 -18.81 16.08
C21 ECN G . 45.63 -24.00 14.40
CHA HEM H . 9.31 38.54 18.87
CHB HEM H . 12.97 40.19 21.45
CHC HEM H . 14.08 43.23 17.81
CHD HEM H . 9.91 42.16 15.67
C1A HEM H . 10.21 38.71 19.87
C2A HEM H . 10.23 37.96 21.11
C3A HEM H . 11.25 38.43 21.84
C4A HEM H . 11.89 39.46 21.07
CMA HEM H . 11.68 37.94 23.26
CAA HEM H . 9.22 36.85 21.50
CBA HEM H . 9.49 35.56 20.72
CGA HEM H . 9.19 34.31 21.53
O1A HEM H . 9.35 33.22 20.95
O2A HEM H . 8.81 34.39 22.74
C1B HEM H . 13.56 41.15 20.67
C2B HEM H . 14.73 41.92 21.07
C3B HEM H . 15.04 42.75 20.06
C4B HEM H . 14.07 42.55 19.01
CMB HEM H . 15.49 41.77 22.42
CAB HEM H . 16.19 43.76 20.00
CBB HEM H . 17.43 43.38 20.34
C1C HEM H . 13.05 43.26 16.92
C2C HEM H . 12.90 44.13 15.80
C3C HEM H . 11.75 43.84 15.21
C4C HEM H . 11.11 42.76 15.94
CMC HEM H . 13.91 45.21 15.37
CAC HEM H . 11.16 44.53 13.97
CBC HEM H . 10.90 45.83 14.06
C1D HEM H . 9.35 41.10 16.36
C2D HEM H . 8.07 40.49 16.06
C3D HEM H . 7.88 39.36 17.06
C4D HEM H . 9.08 39.41 17.85
CMD HEM H . 7.06 40.90 14.96
CAD HEM H . 6.70 38.37 17.22
CBD HEM H . 5.38 38.92 16.68
CGD HEM H . 4.77 39.99 17.58
O1D HEM H . 5.28 40.28 18.70
O2D HEM H . 3.72 40.58 17.15
NA HEM H . 11.24 39.60 19.87
NB HEM H . 13.19 41.56 19.40
NC HEM H . 11.96 42.42 16.98
ND HEM H . 9.92 40.42 17.43
FE HEM H . 11.59 40.97 18.44
PA FAD I . -4.76 35.88 17.73
O1A FAD I . -3.30 36.16 17.52
O2A FAD I . -5.58 36.85 16.91
O5B FAD I . -5.15 35.96 19.29
C5B FAD I . -4.71 34.94 20.18
C4B FAD I . -5.76 34.57 21.22
O4B FAD I . -6.15 35.73 21.92
C3B FAD I . -7.05 33.95 20.69
O3B FAD I . -7.35 32.85 21.52
C2B FAD I . -8.14 34.97 20.93
O2B FAD I . -9.35 34.36 21.38
C1B FAD I . -7.55 35.77 22.07
N9A FAD I . -7.95 37.17 22.05
C8A FAD I . -8.29 37.93 20.97
N7A FAD I . -8.58 39.17 21.40
C5A FAD I . -8.43 39.20 22.74
C6A FAD I . -8.60 40.22 23.68
N6A FAD I . -9.01 41.42 23.26
N1A FAD I . -8.36 39.95 25.02
C2A FAD I . -7.95 38.70 25.43
N3A FAD I . -7.79 37.68 24.51
C4A FAD I . -8.02 37.94 23.18
N1 FAD I . -0.90 26.71 16.76
C2 FAD I . -1.56 25.61 16.17
O2 FAD I . -2.82 25.52 16.07
N3 FAD I . -0.75 24.55 15.69
C4 FAD I . 0.64 24.60 15.77
O4 FAD I . 1.36 23.71 15.31
C4X FAD I . 1.24 25.70 16.33
N5 FAD I . 2.62 25.74 16.39
C5X FAD I . 3.28 26.83 16.95
C6 FAD I . 4.67 26.85 17.02
C7 FAD I . 5.33 27.93 17.61
C7M FAD I . 6.84 27.87 17.64
C8 FAD I . 4.59 29.01 18.12
C8M FAD I . 5.23 30.22 18.75
C9 FAD I . 3.19 28.98 18.04
C9A FAD I . 2.51 27.90 17.46
N10 FAD I . 1.10 27.84 17.40
C10 FAD I . 0.48 26.75 16.83
C1' FAD I . 0.25 28.97 17.88
C2' FAD I . -0.14 29.79 16.61
O2' FAD I . 0.96 30.30 15.90
C3' FAD I . -0.97 31.01 16.82
O3' FAD I . -0.47 31.57 18.01
C4' FAD I . -2.46 30.70 16.93
O4' FAD I . -2.89 30.16 15.69
C5' FAD I . -3.26 31.94 17.35
O5' FAD I . -3.31 32.90 16.32
P FAD I . -4.70 33.64 15.98
O1P FAD I . -4.41 34.71 14.94
O2P FAD I . -5.75 32.72 15.48
O3P FAD I . -5.13 34.34 17.34
C1 ECN J . 13.26 44.94 23.64
C2 ECN J . 13.31 45.36 24.98
CL4 ECN J . 8.35 45.18 24.39
C6 ECN J . 9.24 41.80 20.20
C7 ECN J . 8.84 42.94 20.85
C9 ECN J . 15.47 45.83 23.27
C10 ECN J . 14.35 45.17 22.79
C11 ECN J . 15.51 46.25 24.60
CL2 ECN J . 16.97 47.10 25.23
C14 ECN J . 9.40 46.58 23.97
C15 ECN J . 9.39 47.74 24.73
C16 ECN J . 10.20 48.79 24.37
C17 ECN J . 11.03 48.72 23.26
CL8 ECN J . 10.19 50.27 25.37
N19 ECN J . 10.18 42.13 19.31
C19 ECN J . 9.46 45.32 20.76
C20 ECN J . 10.19 45.24 22.09
O20 ECN J . 11.52 44.77 21.92
C5 ECN J . 10.22 46.51 22.85
N1 ECN J . 9.54 43.94 20.34
C3 ECN J . 10.37 43.46 19.41
C8 ECN J . 12.02 44.21 23.13
C13 ECN J . 14.43 46.02 25.46
C21 ECN J . 11.06 47.57 22.48
CHA HEM K . -41.39 13.98 -2.64
CHB HEM K . -45.45 12.62 -4.79
CHC HEM K . -47.43 11.97 -0.43
CHD HEM K . -43.74 14.21 1.62
C1A HEM K . -42.28 13.66 -3.61
C2A HEM K . -42.05 13.70 -5.03
C3A HEM K . -43.19 13.33 -5.64
C4A HEM K . -44.16 13.03 -4.60
CMA HEM K . -43.40 13.23 -7.16
CAA HEM K . -40.73 14.11 -5.72
CBA HEM K . -39.70 13.00 -5.56
CGA HEM K . -38.78 12.94 -6.75
O1A HEM K . -37.85 12.11 -6.71
O2A HEM K . -38.97 13.72 -7.73
C1B HEM K . -46.33 12.33 -3.78
C2B HEM K . -47.68 11.86 -3.98
C3B HEM K . -48.23 11.67 -2.77
C4B HEM K . -47.24 12.04 -1.79
CMB HEM K . -48.30 11.61 -5.36
CAB HEM K . -49.67 11.17 -2.44
CBB HEM K . -50.13 10.06 -3.00
C1C HEM K . -46.63 12.54 0.52
C2C HEM K . -46.94 12.65 1.93
C3C HEM K . -45.90 13.28 2.50
C4C HEM K . -44.93 13.58 1.47
CMC HEM K . -48.23 12.09 2.61
CAC HEM K . -45.74 13.63 4.00
CBC HEM K . -46.58 14.49 4.56
C1D HEM K . -42.77 14.37 0.66
C2D HEM K . -41.51 15.07 0.85
C3D HEM K . -40.78 15.00 -0.49
C4D HEM K . -41.69 14.27 -1.34
CMD HEM K . -41.03 15.73 2.14
CAD HEM K . -39.40 15.55 -0.94
CBD HEM K . -38.95 16.71 -0.08
CGD HEM K . -39.70 18.01 -0.35
O1D HEM K . -40.53 18.11 -1.31
O2D HEM K . -39.47 19.00 0.41
NA HEM K . -43.57 13.24 -3.37
NB HEM K . -46.08 12.44 -2.44
NC HEM K . -45.40 13.11 0.28
ND HEM K . -42.84 13.91 -0.63
FE HEM K . -44.45 13.17 -1.50
PA FAD L . -31.48 24.48 0.59
O1A FAD L . -32.40 23.29 0.57
O2A FAD L . -31.65 25.22 1.92
O5B FAD L . -31.73 25.50 -0.67
C5B FAD L . -31.36 25.10 -1.97
C4B FAD L . -30.74 26.23 -2.78
O4B FAD L . -31.66 27.29 -2.87
C3B FAD L . -29.43 26.81 -2.27
O3B FAD L . -28.50 26.91 -3.33
C2B FAD L . -29.82 28.20 -1.84
O2B FAD L . -28.79 29.11 -2.12
C1B FAD L . -31.01 28.51 -2.70
N9A FAD L . -31.98 29.40 -2.03
C8A FAD L . -32.19 29.55 -0.69
N7A FAD L . -33.18 30.46 -0.50
C5A FAD L . -33.59 30.85 -1.72
C6A FAD L . -34.56 31.74 -2.10
N6A FAD L . -35.28 32.28 -1.13
N1A FAD L . -34.79 31.98 -3.44
C2A FAD L . -34.04 31.32 -4.41
N3A FAD L . -33.07 30.42 -4.00
C4A FAD L . -32.86 30.20 -2.69
N1 FAD L . -25.71 17.22 -3.02
C2 FAD L . -24.37 17.06 -2.79
O2 FAD L . -23.70 18.03 -2.48
N3 FAD L . -23.78 15.84 -2.92
C4 FAD L . -24.50 14.71 -3.27
O4 FAD L . -23.94 13.57 -3.35
C4X FAD L . -25.86 14.88 -3.50
N5 FAD L . -26.63 13.80 -3.87
C5X FAD L . -27.97 13.94 -4.10
C6 FAD L . -28.72 12.82 -4.48
C7 FAD L . -30.10 12.93 -4.75
C7M FAD L . -30.83 11.68 -5.13
C8 FAD L . -30.71 14.18 -4.63
C8M FAD L . -32.17 14.42 -4.87
C9 FAD L . -29.96 15.28 -4.25
C9A FAD L . -28.58 15.17 -3.99
N10 FAD L . -27.83 16.29 -3.64
C10 FAD L . -26.47 16.12 -3.38
C1' FAD L . -28.49 17.64 -3.48
C2' FAD L . -28.59 17.79 -1.93
O2' FAD L . -29.32 16.72 -1.35
C3' FAD L . -29.23 19.05 -1.37
O3' FAD L . -30.26 19.38 -2.23
C4' FAD L . -28.26 20.21 -1.29
O4' FAD L . -27.31 19.96 -0.30
C5' FAD L . -29.04 21.45 -0.92
O5' FAD L . -29.35 21.43 0.48
P FAD L . -29.28 22.79 1.36
O1P FAD L . -30.19 22.65 2.54
O2P FAD L . -27.86 23.11 1.73
O3P FAD L . -29.97 23.92 0.41
C1 ECN M . -50.57 14.41 -4.23
C2 ECN M . -51.13 13.18 -4.54
CL4 ECN M . -47.53 17.95 -5.18
C6 ECN M . -44.22 16.57 -2.21
C7 ECN M . -45.34 17.35 -2.37
C9 ECN M . -51.67 15.39 -6.16
C10 ECN M . -50.84 15.51 -5.04
C11 ECN M . -52.22 14.15 -6.45
CL2 ECN M . -53.29 13.97 -7.89
C14 ECN M . -49.09 18.47 -4.45
C15 ECN M . -49.91 19.52 -4.91
C16 ECN M . -51.13 19.80 -4.24
C17 ECN M . -51.49 19.06 -3.12
CL8 ECN M . -52.29 21.10 -4.71
N19 ECN M . -44.62 15.46 -1.54
C19 ECN M . -47.75 17.25 -1.74
C20 ECN M . -48.64 16.68 -2.85
O20 ECN M . -49.63 15.78 -2.37
C5 ECN M . -49.48 17.76 -3.35
N1 ECN M . -46.38 16.74 -1.82
C3 ECN M . -45.94 15.59 -1.30
C8 ECN M . -49.67 14.51 -3.01
C13 ECN M . -51.95 13.04 -5.64
C21 ECN M . -50.68 18.04 -2.68
CHA HEM N . -5.20 -33.11 -28.29
CHB HEM N . -8.81 -35.05 -30.72
CHC HEM N . -6.57 -33.81 -34.84
CHD HEM N . -2.54 -32.91 -32.37
C1A HEM N . -6.39 -33.73 -28.56
C2A HEM N . -7.36 -34.20 -27.59
C3A HEM N . -8.37 -34.74 -28.27
C4A HEM N . -8.06 -34.62 -29.68
CMA HEM N . -9.62 -35.38 -27.65
CAA HEM N . -7.22 -34.09 -26.06
CBA HEM N . -7.37 -32.63 -25.59
CGA HEM N . -8.08 -32.51 -24.27
O1A HEM N . -8.18 -31.36 -23.73
O2A HEM N . -8.58 -33.54 -23.73
C1B HEM N . -8.51 -34.88 -32.05
C2B HEM N . -9.37 -35.25 -33.15
C3B HEM N . -8.74 -34.90 -34.29
C4B HEM N . -7.48 -34.31 -33.94
CMB HEM N . -10.76 -35.93 -33.00
CAB HEM N . -9.23 -35.10 -35.74
CBB HEM N . -10.45 -34.76 -36.14
C1C HEM N . -5.27 -33.50 -34.56
C2C HEM N . -4.23 -33.25 -35.51
C3C HEM N . -3.11 -33.02 -34.82
C4C HEM N . -3.40 -33.10 -33.41
CMC HEM N . -4.41 -33.26 -37.05
CAC HEM N . -1.72 -32.69 -35.41
CBC HEM N . -1.14 -33.62 -36.19
C1D HEM N . -2.88 -32.91 -31.04
C2D HEM N . -1.95 -32.74 -29.94
C3D HEM N . -2.78 -32.81 -28.66
C4D HEM N . -4.13 -33.00 -29.13
CMD HEM N . -0.43 -32.56 -30.05
CAD HEM N . -2.34 -32.70 -27.18
CBD HEM N . -0.85 -33.02 -26.97
CGD HEM N . -0.52 -34.50 -27.11
O1D HEM N . -1.46 -35.36 -27.22
O2D HEM N . 0.70 -34.83 -27.09
NA HEM N . -6.84 -34.01 -29.82
NB HEM N . -7.37 -34.30 -32.56
NC HEM N . -4.74 -33.39 -33.28
ND HEM N . -4.16 -33.04 -30.51
FE HEM N . -5.78 -33.67 -31.53
PA FAD O . 5.62 -35.22 -18.90
O1A FAD O . 4.65 -34.88 -20.03
O2A FAD O . 7.07 -35.39 -19.35
O5B FAD O . 5.07 -36.57 -18.19
C5B FAD O . 3.91 -36.52 -17.40
C4B FAD O . 4.02 -37.43 -16.20
O4B FAD O . 4.40 -38.69 -16.69
C3B FAD O . 5.07 -37.06 -15.18
O3B FAD O . 4.48 -37.14 -13.92
C2B FAD O . 6.12 -38.14 -15.24
O2B FAD O . 6.63 -38.49 -13.96
C1B FAD O . 5.32 -39.29 -15.83
N9A FAD O . 6.12 -40.19 -16.65
C8A FAD O . 7.23 -39.91 -17.40
N7A FAD O . 7.62 -41.05 -17.99
C5A FAD O . 6.77 -42.04 -17.65
C6A FAD O . 6.73 -43.39 -17.99
N6A FAD O . 7.64 -43.88 -18.82
N1A FAD O . 5.71 -44.18 -17.46
C2A FAD O . 4.75 -43.63 -16.61
N3A FAD O . 4.81 -42.30 -16.28
C4A FAD O . 5.81 -41.52 -16.80
N1 FAD O . 0.25 -28.00 -14.68
C2 FAD O . 0.73 -27.13 -13.73
O2 FAD O . 1.68 -27.43 -13.04
N3 FAD O . 0.10 -25.90 -13.58
C4 FAD O . -0.98 -25.52 -14.35
O4 FAD O . -1.49 -24.39 -14.17
C4X FAD O . -1.46 -26.41 -15.32
N5 FAD O . -2.53 -26.07 -16.12
C5X FAD O . -3.00 -26.95 -17.08
C6 FAD O . -4.09 -26.56 -17.84
C7 FAD O . -4.57 -27.44 -18.80
C7M FAD O . -5.77 -27.01 -19.63
C8 FAD O . -3.96 -28.70 -19.00
C8M FAD O . -4.47 -29.67 -20.04
C9 FAD O . -2.87 -29.05 -18.22
C9A FAD O . -2.39 -28.19 -17.26
N10 FAD O . -1.31 -28.56 -16.44
C10 FAD O . -0.83 -27.65 -15.48
C1' FAD O . -0.59 -29.88 -16.64
C2' FAD O . 0.69 -29.48 -17.44
O2' FAD O . 0.33 -28.81 -18.62
C3' FAD O . 1.63 -30.60 -17.85
O3' FAD O . 0.82 -31.69 -18.20
C4' FAD O . 2.61 -30.97 -16.74
O4' FAD O . 3.42 -29.87 -16.46
C5' FAD O . 3.47 -32.19 -17.07
O5' FAD O . 4.45 -31.86 -18.04
P FAD O . 5.91 -32.54 -17.97
O1P FAD O . 6.60 -32.35 -19.29
O2P FAD O . 6.69 -31.99 -16.79
O3P FAD O . 5.61 -34.10 -17.74
C1 ECN P . -9.37 -39.50 -33.93
C2 ECN P . -10.44 -40.35 -33.63
CL4 ECN P . -5.29 -41.31 -30.60
C6 ECN P . -5.14 -36.34 -30.24
C7 ECN P . -5.31 -37.58 -30.79
C9 ECN P . -10.22 -39.23 -36.20
C10 ECN P . -9.27 -38.93 -35.22
C11 ECN P . -11.28 -40.09 -35.88
CL2 ECN P . -12.52 -40.51 -37.09
C14 ECN P . -5.59 -41.76 -32.33
C15 ECN P . -5.50 -43.07 -32.78
C16 ECN P . -5.75 -43.33 -34.14
C17 ECN P . -6.09 -42.30 -35.01
CL8 ECN P . -5.63 -45.00 -34.80
N19 ECN P . -4.45 -35.62 -31.14
C19 ECN P . -4.69 -38.69 -32.90
C20 ECN P . -6.04 -39.39 -32.71
O20 ECN P . -7.12 -38.71 -33.34
C5 ECN P . -5.94 -40.76 -33.22
N1 ECN P . -4.71 -37.57 -31.98
C3 ECN P . -4.18 -36.38 -32.22
C8 ECN P . -8.37 -39.19 -32.82
C13 ECN P . -11.39 -40.65 -34.61
C21 ECN P . -6.19 -41.01 -34.57
#